data_2WVN
# 
_entry.id   2WVN 
# 
_audit_conform.dict_name       mmcif_pdbx.dic 
_audit_conform.dict_version    5.391 
_audit_conform.dict_location   http://mmcif.pdb.org/dictionaries/ascii/mmcif_pdbx.dic 
# 
loop_
_database_2.database_id 
_database_2.database_code 
_database_2.pdbx_database_accession 
_database_2.pdbx_DOI 
PDB   2WVN         pdb_00002wvn 10.2210/pdb2wvn/pdb 
PDBE  EBI-41427    ?            ?                   
WWPDB D_1290041427 ?            ?                   
# 
loop_
_pdbx_audit_revision_history.ordinal 
_pdbx_audit_revision_history.data_content_type 
_pdbx_audit_revision_history.major_revision 
_pdbx_audit_revision_history.minor_revision 
_pdbx_audit_revision_history.revision_date 
1 'Structure model' 1 0 2010-07-28 
2 'Structure model' 1 1 2011-05-08 
3 'Structure model' 1 2 2011-07-13 
4 'Structure model' 1 3 2019-05-08 
5 'Structure model' 1 4 2024-05-08 
# 
_pdbx_audit_revision_details.ordinal             1 
_pdbx_audit_revision_details.revision_ordinal    1 
_pdbx_audit_revision_details.data_content_type   'Structure model' 
_pdbx_audit_revision_details.provider            repository 
_pdbx_audit_revision_details.type                'Initial release' 
_pdbx_audit_revision_details.description         ? 
_pdbx_audit_revision_details.details             ? 
# 
loop_
_pdbx_audit_revision_group.ordinal 
_pdbx_audit_revision_group.revision_ordinal 
_pdbx_audit_revision_group.data_content_type 
_pdbx_audit_revision_group.group 
1 2 'Structure model' 'Version format compliance' 
2 3 'Structure model' 'Version format compliance' 
3 4 'Structure model' 'Data collection'           
4 4 'Structure model' 'Experimental preparation'  
5 4 'Structure model' Other                       
6 5 'Structure model' 'Data collection'           
7 5 'Structure model' 'Database references'       
8 5 'Structure model' Other                       
# 
loop_
_pdbx_audit_revision_category.ordinal 
_pdbx_audit_revision_category.revision_ordinal 
_pdbx_audit_revision_category.data_content_type 
_pdbx_audit_revision_category.category 
1 4 'Structure model' exptl_crystal_grow   
2 4 'Structure model' pdbx_database_proc   
3 4 'Structure model' pdbx_database_status 
4 5 'Structure model' chem_comp_atom       
5 5 'Structure model' chem_comp_bond       
6 5 'Structure model' database_2           
7 5 'Structure model' pdbx_database_status 
# 
loop_
_pdbx_audit_revision_item.ordinal 
_pdbx_audit_revision_item.revision_ordinal 
_pdbx_audit_revision_item.data_content_type 
_pdbx_audit_revision_item.item 
1 4 'Structure model' '_exptl_crystal_grow.temp'                    
2 4 'Structure model' '_pdbx_database_status.recvd_author_approval' 
3 5 'Structure model' '_database_2.pdbx_DOI'                        
4 5 'Structure model' '_database_2.pdbx_database_accession'         
5 5 'Structure model' '_pdbx_database_status.status_code_sf'        
# 
_pdbx_database_status.status_code                     REL 
_pdbx_database_status.entry_id                        2WVN 
_pdbx_database_status.deposit_site                    PDBE 
_pdbx_database_status.process_site                    PDBE 
_pdbx_database_status.SG_entry                        . 
_pdbx_database_status.recvd_initial_deposition_date   2009-10-19 
_pdbx_database_status.pdb_format_compatible           Y 
_pdbx_database_status.status_code_sf                  REL 
_pdbx_database_status.status_code_mr                  ? 
_pdbx_database_status.status_code_cs                  ? 
_pdbx_database_status.methods_development_category    ? 
_pdbx_database_status.status_code_nmr_data            ? 
# 
loop_
_pdbx_database_related.db_name 
_pdbx_database_related.db_id 
_pdbx_database_related.content_type 
_pdbx_database_related.details 
PDB 2WVO unspecified 'STRUCTURE OF THE HET-S N-TERMINAL DOMAIN'                     
PDB 2WVQ unspecified 'STRUCTURE OF THE HET-S N-TERMINAL DOMAIN . MUTANT D23A, P33H' 
# 
loop_
_audit_author.name 
_audit_author.pdbx_ordinal 
'Greenwald, J.'   1 
'Buhtz, C.'       2 
'Ritter, C.'      3 
'Kwiatkowski, W.' 4 
'Choe, S.'        5 
'Saupe, S.J.'     6 
'Riek, R.'        7 
# 
_citation.id                        primary 
_citation.title                     'The Mechanism of Prion Inhibition by Het-S.' 
_citation.journal_abbrev            Mol.Cell 
_citation.journal_volume            38 
_citation.page_first                889 
_citation.page_last                 ? 
_citation.year                      2010 
_citation.journal_id_ASTM           MOCEFL 
_citation.country                   US 
_citation.journal_id_ISSN           1097-2765 
_citation.journal_id_CSD            2168 
_citation.book_publisher            ? 
_citation.pdbx_database_id_PubMed   20620958 
_citation.pdbx_database_id_DOI      10.1016/J.MOLCEL.2010.05.019 
# 
loop_
_citation_author.citation_id 
_citation_author.name 
_citation_author.ordinal 
_citation_author.identifier_ORCID 
primary 'Greenwald, J.'   1  ? 
primary 'Buhtz, C.'       2  ? 
primary 'Ritter, C.'      3  ? 
primary 'Kwiatkowski, W.' 4  ? 
primary 'Choe, S.'        5  ? 
primary 'Maddelein, M.L.' 6  ? 
primary 'Ness, F.'        7  ? 
primary 'Cescau, S.'      8  ? 
primary 'Soragni, A.'     9  ? 
primary 'Leitz, D.'       10 ? 
primary 'Saupe, S.J.'     11 ? 
primary 'Riek, R.'        12 ? 
# 
_entity.id                         1 
_entity.type                       polymer 
_entity.src_method                 man 
_entity.pdbx_description           'SMALL S PROTEIN' 
_entity.formula_weight             25533.041 
_entity.pdbx_number_of_molecules   1 
_entity.pdbx_ec                    ? 
_entity.pdbx_mutation              ? 
_entity.pdbx_fragment              'N-TERMINAL DOMAIN, RESIDUES 1-227' 
_entity.details                    ? 
# 
_entity_name_com.entity_id   1 
_entity_name_com.name        HET-S 
# 
_entity_poly.entity_id                      1 
_entity_poly.type                           'polypeptide(L)' 
_entity_poly.nstd_linkage                   no 
_entity_poly.nstd_monomer                   no 
_entity_poly.pdbx_seq_one_letter_code       
;GSMSEPFGIVAGALNVAGLFNNCVDCFEYVQLGRPFGRDYERCQLRLDIAKARLSRWGEAVKINDDPRFHSDAPTDKSVQ
LAKSIVEEILLLFESAQKTSKRYELVADQQDLVVFEDKDMKPIGRALHRRLNDLVSRRQKQTSLAKKTAWALYDGKSLEK
IVDQVARFVDELEKAFPIEAVCHKLAEIEIEEVEDEASLTILKDAAGGIDAAMSDAAAQKIDAIVGRNS
;
_entity_poly.pdbx_seq_one_letter_code_can   
;GSMSEPFGIVAGALNVAGLFNNCVDCFEYVQLGRPFGRDYERCQLRLDIAKARLSRWGEAVKINDDPRFHSDAPTDKSVQ
LAKSIVEEILLLFESAQKTSKRYELVADQQDLVVFEDKDMKPIGRALHRRLNDLVSRRQKQTSLAKKTAWALYDGKSLEK
IVDQVARFVDELEKAFPIEAVCHKLAEIEIEEVEDEASLTILKDAAGGIDAAMSDAAAQKIDAIVGRNS
;
_entity_poly.pdbx_strand_id                 A 
_entity_poly.pdbx_target_identifier         ? 
# 
loop_
_entity_poly_seq.entity_id 
_entity_poly_seq.num 
_entity_poly_seq.mon_id 
_entity_poly_seq.hetero 
1 1   GLY n 
1 2   SER n 
1 3   MET n 
1 4   SER n 
1 5   GLU n 
1 6   PRO n 
1 7   PHE n 
1 8   GLY n 
1 9   ILE n 
1 10  VAL n 
1 11  ALA n 
1 12  GLY n 
1 13  ALA n 
1 14  LEU n 
1 15  ASN n 
1 16  VAL n 
1 17  ALA n 
1 18  GLY n 
1 19  LEU n 
1 20  PHE n 
1 21  ASN n 
1 22  ASN n 
1 23  CYS n 
1 24  VAL n 
1 25  ASP n 
1 26  CYS n 
1 27  PHE n 
1 28  GLU n 
1 29  TYR n 
1 30  VAL n 
1 31  GLN n 
1 32  LEU n 
1 33  GLY n 
1 34  ARG n 
1 35  PRO n 
1 36  PHE n 
1 37  GLY n 
1 38  ARG n 
1 39  ASP n 
1 40  TYR n 
1 41  GLU n 
1 42  ARG n 
1 43  CYS n 
1 44  GLN n 
1 45  LEU n 
1 46  ARG n 
1 47  LEU n 
1 48  ASP n 
1 49  ILE n 
1 50  ALA n 
1 51  LYS n 
1 52  ALA n 
1 53  ARG n 
1 54  LEU n 
1 55  SER n 
1 56  ARG n 
1 57  TRP n 
1 58  GLY n 
1 59  GLU n 
1 60  ALA n 
1 61  VAL n 
1 62  LYS n 
1 63  ILE n 
1 64  ASN n 
1 65  ASP n 
1 66  ASP n 
1 67  PRO n 
1 68  ARG n 
1 69  PHE n 
1 70  HIS n 
1 71  SER n 
1 72  ASP n 
1 73  ALA n 
1 74  PRO n 
1 75  THR n 
1 76  ASP n 
1 77  LYS n 
1 78  SER n 
1 79  VAL n 
1 80  GLN n 
1 81  LEU n 
1 82  ALA n 
1 83  LYS n 
1 84  SER n 
1 85  ILE n 
1 86  VAL n 
1 87  GLU n 
1 88  GLU n 
1 89  ILE n 
1 90  LEU n 
1 91  LEU n 
1 92  LEU n 
1 93  PHE n 
1 94  GLU n 
1 95  SER n 
1 96  ALA n 
1 97  GLN n 
1 98  LYS n 
1 99  THR n 
1 100 SER n 
1 101 LYS n 
1 102 ARG n 
1 103 TYR n 
1 104 GLU n 
1 105 LEU n 
1 106 VAL n 
1 107 ALA n 
1 108 ASP n 
1 109 GLN n 
1 110 GLN n 
1 111 ASP n 
1 112 LEU n 
1 113 VAL n 
1 114 VAL n 
1 115 PHE n 
1 116 GLU n 
1 117 ASP n 
1 118 LYS n 
1 119 ASP n 
1 120 MET n 
1 121 LYS n 
1 122 PRO n 
1 123 ILE n 
1 124 GLY n 
1 125 ARG n 
1 126 ALA n 
1 127 LEU n 
1 128 HIS n 
1 129 ARG n 
1 130 ARG n 
1 131 LEU n 
1 132 ASN n 
1 133 ASP n 
1 134 LEU n 
1 135 VAL n 
1 136 SER n 
1 137 ARG n 
1 138 ARG n 
1 139 GLN n 
1 140 LYS n 
1 141 GLN n 
1 142 THR n 
1 143 SER n 
1 144 LEU n 
1 145 ALA n 
1 146 LYS n 
1 147 LYS n 
1 148 THR n 
1 149 ALA n 
1 150 TRP n 
1 151 ALA n 
1 152 LEU n 
1 153 TYR n 
1 154 ASP n 
1 155 GLY n 
1 156 LYS n 
1 157 SER n 
1 158 LEU n 
1 159 GLU n 
1 160 LYS n 
1 161 ILE n 
1 162 VAL n 
1 163 ASP n 
1 164 GLN n 
1 165 VAL n 
1 166 ALA n 
1 167 ARG n 
1 168 PHE n 
1 169 VAL n 
1 170 ASP n 
1 171 GLU n 
1 172 LEU n 
1 173 GLU n 
1 174 LYS n 
1 175 ALA n 
1 176 PHE n 
1 177 PRO n 
1 178 ILE n 
1 179 GLU n 
1 180 ALA n 
1 181 VAL n 
1 182 CYS n 
1 183 HIS n 
1 184 LYS n 
1 185 LEU n 
1 186 ALA n 
1 187 GLU n 
1 188 ILE n 
1 189 GLU n 
1 190 ILE n 
1 191 GLU n 
1 192 GLU n 
1 193 VAL n 
1 194 GLU n 
1 195 ASP n 
1 196 GLU n 
1 197 ALA n 
1 198 SER n 
1 199 LEU n 
1 200 THR n 
1 201 ILE n 
1 202 LEU n 
1 203 LYS n 
1 204 ASP n 
1 205 ALA n 
1 206 ALA n 
1 207 GLY n 
1 208 GLY n 
1 209 ILE n 
1 210 ASP n 
1 211 ALA n 
1 212 ALA n 
1 213 MET n 
1 214 SER n 
1 215 ASP n 
1 216 ALA n 
1 217 ALA n 
1 218 ALA n 
1 219 GLN n 
1 220 LYS n 
1 221 ILE n 
1 222 ASP n 
1 223 ALA n 
1 224 ILE n 
1 225 VAL n 
1 226 GLY n 
1 227 ARG n 
1 228 ASN n 
1 229 SER n 
# 
_entity_src_gen.entity_id                          1 
_entity_src_gen.pdbx_src_id                        1 
_entity_src_gen.pdbx_alt_source_flag               sample 
_entity_src_gen.pdbx_seq_type                      ? 
_entity_src_gen.pdbx_beg_seq_num                   ? 
_entity_src_gen.pdbx_end_seq_num                   ? 
_entity_src_gen.gene_src_common_name               ? 
_entity_src_gen.gene_src_genus                     ? 
_entity_src_gen.pdbx_gene_src_gene                 ? 
_entity_src_gen.gene_src_species                   ? 
_entity_src_gen.gene_src_strain                    ? 
_entity_src_gen.gene_src_tissue                    ? 
_entity_src_gen.gene_src_tissue_fraction           ? 
_entity_src_gen.gene_src_details                   ? 
_entity_src_gen.pdbx_gene_src_fragment             ? 
_entity_src_gen.pdbx_gene_src_scientific_name      'PODOSPORA ANSERINA' 
_entity_src_gen.pdbx_gene_src_ncbi_taxonomy_id     5145 
_entity_src_gen.pdbx_gene_src_variant              ? 
_entity_src_gen.pdbx_gene_src_cell_line            ? 
_entity_src_gen.pdbx_gene_src_atcc                 ? 
_entity_src_gen.pdbx_gene_src_organ                ? 
_entity_src_gen.pdbx_gene_src_organelle            ? 
_entity_src_gen.pdbx_gene_src_cell                 ? 
_entity_src_gen.pdbx_gene_src_cellular_location    ? 
_entity_src_gen.host_org_common_name               ? 
_entity_src_gen.pdbx_host_org_scientific_name      'ESCHERICHIA COLI' 
_entity_src_gen.pdbx_host_org_ncbi_taxonomy_id     469008 
_entity_src_gen.host_org_genus                     ? 
_entity_src_gen.pdbx_host_org_gene                 ? 
_entity_src_gen.pdbx_host_org_organ                ? 
_entity_src_gen.host_org_species                   ? 
_entity_src_gen.pdbx_host_org_tissue               ? 
_entity_src_gen.pdbx_host_org_tissue_fraction      ? 
_entity_src_gen.pdbx_host_org_strain               'BL21(DE3) PLYSS' 
_entity_src_gen.pdbx_host_org_variant              ? 
_entity_src_gen.pdbx_host_org_cell_line            ? 
_entity_src_gen.pdbx_host_org_atcc                 ? 
_entity_src_gen.pdbx_host_org_culture_collection   ? 
_entity_src_gen.pdbx_host_org_cell                 ? 
_entity_src_gen.pdbx_host_org_organelle            ? 
_entity_src_gen.pdbx_host_org_cellular_location    ? 
_entity_src_gen.pdbx_host_org_vector_type          ? 
_entity_src_gen.pdbx_host_org_vector               ? 
_entity_src_gen.host_org_details                   ? 
_entity_src_gen.expression_system_id               ? 
_entity_src_gen.plasmid_name                       PRSET 
_entity_src_gen.plasmid_details                    ? 
_entity_src_gen.pdbx_description                   ? 
# 
loop_
_chem_comp.id 
_chem_comp.type 
_chem_comp.mon_nstd_flag 
_chem_comp.name 
_chem_comp.pdbx_synonyms 
_chem_comp.formula 
_chem_comp.formula_weight 
ALA 'L-peptide linking' y ALANINE         ? 'C3 H7 N O2'     89.093  
ARG 'L-peptide linking' y ARGININE        ? 'C6 H15 N4 O2 1' 175.209 
ASN 'L-peptide linking' y ASPARAGINE      ? 'C4 H8 N2 O3'    132.118 
ASP 'L-peptide linking' y 'ASPARTIC ACID' ? 'C4 H7 N O4'     133.103 
CYS 'L-peptide linking' y CYSTEINE        ? 'C3 H7 N O2 S'   121.158 
GLN 'L-peptide linking' y GLUTAMINE       ? 'C5 H10 N2 O3'   146.144 
GLU 'L-peptide linking' y 'GLUTAMIC ACID' ? 'C5 H9 N O4'     147.129 
GLY 'peptide linking'   y GLYCINE         ? 'C2 H5 N O2'     75.067  
HIS 'L-peptide linking' y HISTIDINE       ? 'C6 H10 N3 O2 1' 156.162 
ILE 'L-peptide linking' y ISOLEUCINE      ? 'C6 H13 N O2'    131.173 
LEU 'L-peptide linking' y LEUCINE         ? 'C6 H13 N O2'    131.173 
LYS 'L-peptide linking' y LYSINE          ? 'C6 H15 N2 O2 1' 147.195 
MET 'L-peptide linking' y METHIONINE      ? 'C5 H11 N O2 S'  149.211 
PHE 'L-peptide linking' y PHENYLALANINE   ? 'C9 H11 N O2'    165.189 
PRO 'L-peptide linking' y PROLINE         ? 'C5 H9 N O2'     115.130 
SER 'L-peptide linking' y SERINE          ? 'C3 H7 N O3'     105.093 
THR 'L-peptide linking' y THREONINE       ? 'C4 H9 N O3'     119.119 
TRP 'L-peptide linking' y TRYPTOPHAN      ? 'C11 H12 N2 O2'  204.225 
TYR 'L-peptide linking' y TYROSINE        ? 'C9 H11 N O3'    181.189 
VAL 'L-peptide linking' y VALINE          ? 'C5 H11 N O2'    117.146 
# 
loop_
_pdbx_poly_seq_scheme.asym_id 
_pdbx_poly_seq_scheme.entity_id 
_pdbx_poly_seq_scheme.seq_id 
_pdbx_poly_seq_scheme.mon_id 
_pdbx_poly_seq_scheme.ndb_seq_num 
_pdbx_poly_seq_scheme.pdb_seq_num 
_pdbx_poly_seq_scheme.auth_seq_num 
_pdbx_poly_seq_scheme.pdb_mon_id 
_pdbx_poly_seq_scheme.auth_mon_id 
_pdbx_poly_seq_scheme.pdb_strand_id 
_pdbx_poly_seq_scheme.pdb_ins_code 
_pdbx_poly_seq_scheme.hetero 
A 1 1   GLY 1   -1  ?   ?   ?   A . n 
A 1 2   SER 2   0   ?   ?   ?   A . n 
A 1 3   MET 3   1   ?   ?   ?   A . n 
A 1 4   SER 4   2   ?   ?   ?   A . n 
A 1 5   GLU 5   3   ?   ?   ?   A . n 
A 1 6   PRO 6   4   ?   ?   ?   A . n 
A 1 7   PHE 7   5   ?   ?   ?   A . n 
A 1 8   GLY 8   6   ?   ?   ?   A . n 
A 1 9   ILE 9   7   ?   ?   ?   A . n 
A 1 10  VAL 10  8   ?   ?   ?   A . n 
A 1 11  ALA 11  9   ?   ?   ?   A . n 
A 1 12  GLY 12  10  ?   ?   ?   A . n 
A 1 13  ALA 13  11  11  ALA ALA A . n 
A 1 14  LEU 14  12  12  LEU LEU A . n 
A 1 15  ASN 15  13  13  ASN ASN A . n 
A 1 16  VAL 16  14  14  VAL VAL A . n 
A 1 17  ALA 17  15  15  ALA ALA A . n 
A 1 18  GLY 18  16  16  GLY GLY A . n 
A 1 19  LEU 19  17  17  LEU LEU A . n 
A 1 20  PHE 20  18  18  PHE PHE A . n 
A 1 21  ASN 21  19  19  ASN ASN A . n 
A 1 22  ASN 22  20  20  ASN ASN A . n 
A 1 23  CYS 23  21  21  CYS CYS A . n 
A 1 24  VAL 24  22  22  VAL VAL A . n 
A 1 25  ASP 25  23  23  ASP ASP A . n 
A 1 26  CYS 26  24  24  CYS CYS A . n 
A 1 27  PHE 27  25  25  PHE PHE A . n 
A 1 28  GLU 28  26  26  GLU GLU A . n 
A 1 29  TYR 29  27  27  TYR TYR A . n 
A 1 30  VAL 30  28  28  VAL VAL A . n 
A 1 31  GLN 31  29  29  GLN GLN A . n 
A 1 32  LEU 32  30  30  LEU LEU A . n 
A 1 33  GLY 33  31  31  GLY GLY A . n 
A 1 34  ARG 34  32  32  ARG ARG A . n 
A 1 35  PRO 35  33  33  PRO PRO A . n 
A 1 36  PHE 36  34  34  PHE PHE A . n 
A 1 37  GLY 37  35  35  GLY GLY A . n 
A 1 38  ARG 38  36  36  ARG ARG A . n 
A 1 39  ASP 39  37  37  ASP ASP A . n 
A 1 40  TYR 40  38  38  TYR TYR A . n 
A 1 41  GLU 41  39  39  GLU GLU A . n 
A 1 42  ARG 42  40  40  ARG ARG A . n 
A 1 43  CYS 43  41  41  CYS CYS A . n 
A 1 44  GLN 44  42  42  GLN GLN A . n 
A 1 45  LEU 45  43  43  LEU LEU A . n 
A 1 46  ARG 46  44  44  ARG ARG A . n 
A 1 47  LEU 47  45  45  LEU LEU A . n 
A 1 48  ASP 48  46  46  ASP ASP A . n 
A 1 49  ILE 49  47  47  ILE ILE A . n 
A 1 50  ALA 50  48  48  ALA ALA A . n 
A 1 51  LYS 51  49  49  LYS LYS A . n 
A 1 52  ALA 52  50  50  ALA ALA A . n 
A 1 53  ARG 53  51  51  ARG ARG A . n 
A 1 54  LEU 54  52  52  LEU LEU A . n 
A 1 55  SER 55  53  53  SER SER A . n 
A 1 56  ARG 56  54  54  ARG ARG A . n 
A 1 57  TRP 57  55  55  TRP TRP A . n 
A 1 58  GLY 58  56  56  GLY GLY A . n 
A 1 59  GLU 59  57  57  GLU GLU A . n 
A 1 60  ALA 60  58  58  ALA ALA A . n 
A 1 61  VAL 61  59  59  VAL VAL A . n 
A 1 62  LYS 62  60  60  LYS LYS A . n 
A 1 63  ILE 63  61  61  ILE ILE A . n 
A 1 64  ASN 64  62  62  ASN ASN A . n 
A 1 65  ASP 65  63  63  ASP ASP A . n 
A 1 66  ASP 66  64  64  ASP ASP A . n 
A 1 67  PRO 67  65  65  PRO PRO A . n 
A 1 68  ARG 68  66  66  ARG ARG A . n 
A 1 69  PHE 69  67  67  PHE PHE A . n 
A 1 70  HIS 70  68  68  HIS HIS A . n 
A 1 71  SER 71  69  69  SER SER A . n 
A 1 72  ASP 72  70  70  ASP ASP A . n 
A 1 73  ALA 73  71  71  ALA ALA A . n 
A 1 74  PRO 74  72  72  PRO PRO A . n 
A 1 75  THR 75  73  73  THR THR A . n 
A 1 76  ASP 76  74  74  ASP ASP A . n 
A 1 77  LYS 77  75  75  LYS LYS A . n 
A 1 78  SER 78  76  76  SER SER A . n 
A 1 79  VAL 79  77  77  VAL VAL A . n 
A 1 80  GLN 80  78  78  GLN GLN A . n 
A 1 81  LEU 81  79  79  LEU LEU A . n 
A 1 82  ALA 82  80  80  ALA ALA A . n 
A 1 83  LYS 83  81  81  LYS LYS A . n 
A 1 84  SER 84  82  82  SER SER A . n 
A 1 85  ILE 85  83  83  ILE ILE A . n 
A 1 86  VAL 86  84  84  VAL VAL A . n 
A 1 87  GLU 87  85  85  GLU GLU A . n 
A 1 88  GLU 88  86  86  GLU GLU A . n 
A 1 89  ILE 89  87  87  ILE ILE A . n 
A 1 90  LEU 90  88  88  LEU LEU A . n 
A 1 91  LEU 91  89  89  LEU LEU A . n 
A 1 92  LEU 92  90  90  LEU LEU A . n 
A 1 93  PHE 93  91  91  PHE PHE A . n 
A 1 94  GLU 94  92  92  GLU GLU A . n 
A 1 95  SER 95  93  93  SER SER A . n 
A 1 96  ALA 96  94  94  ALA ALA A . n 
A 1 97  GLN 97  95  95  GLN GLN A . n 
A 1 98  LYS 98  96  96  LYS LYS A . n 
A 1 99  THR 99  97  97  THR THR A . n 
A 1 100 SER 100 98  98  SER SER A . n 
A 1 101 LYS 101 99  99  LYS LYS A . n 
A 1 102 ARG 102 100 100 ARG ARG A . n 
A 1 103 TYR 103 101 101 TYR TYR A . n 
A 1 104 GLU 104 102 102 GLU GLU A . n 
A 1 105 LEU 105 103 103 LEU LEU A . n 
A 1 106 VAL 106 104 104 VAL VAL A . n 
A 1 107 ALA 107 105 105 ALA ALA A . n 
A 1 108 ASP 108 106 106 ASP ASP A . n 
A 1 109 GLN 109 107 107 GLN GLN A . n 
A 1 110 GLN 110 108 108 GLN GLN A . n 
A 1 111 ASP 111 109 109 ASP ASP A . n 
A 1 112 LEU 112 110 110 LEU LEU A . n 
A 1 113 VAL 113 111 111 VAL VAL A . n 
A 1 114 VAL 114 112 112 VAL VAL A . n 
A 1 115 PHE 115 113 113 PHE PHE A . n 
A 1 116 GLU 116 114 114 GLU GLU A . n 
A 1 117 ASP 117 115 115 ASP ASP A . n 
A 1 118 LYS 118 116 116 LYS LYS A . n 
A 1 119 ASP 119 117 117 ASP ASP A . n 
A 1 120 MET 120 118 118 MET MET A . n 
A 1 121 LYS 121 119 119 LYS LYS A . n 
A 1 122 PRO 122 120 120 PRO PRO A . n 
A 1 123 ILE 123 121 121 ILE ILE A . n 
A 1 124 GLY 124 122 122 GLY GLY A . n 
A 1 125 ARG 125 123 123 ARG ARG A . n 
A 1 126 ALA 126 124 124 ALA ALA A . n 
A 1 127 LEU 127 125 125 LEU LEU A . n 
A 1 128 HIS 128 126 126 HIS HIS A . n 
A 1 129 ARG 129 127 127 ARG ARG A . n 
A 1 130 ARG 130 128 128 ARG ARG A . n 
A 1 131 LEU 131 129 129 LEU LEU A . n 
A 1 132 ASN 132 130 130 ASN ASN A . n 
A 1 133 ASP 133 131 131 ASP ASP A . n 
A 1 134 LEU 134 132 132 LEU LEU A . n 
A 1 135 VAL 135 133 133 VAL VAL A . n 
A 1 136 SER 136 134 134 SER SER A . n 
A 1 137 ARG 137 135 135 ARG ARG A . n 
A 1 138 ARG 138 136 136 ARG ARG A . n 
A 1 139 GLN 139 137 137 GLN GLN A . n 
A 1 140 LYS 140 138 138 LYS LYS A . n 
A 1 141 GLN 141 139 139 GLN GLN A . n 
A 1 142 THR 142 140 140 THR THR A . n 
A 1 143 SER 143 141 141 SER SER A . n 
A 1 144 LEU 144 142 142 LEU LEU A . n 
A 1 145 ALA 145 143 143 ALA ALA A . n 
A 1 146 LYS 146 144 144 LYS LYS A . n 
A 1 147 LYS 147 145 145 LYS LYS A . n 
A 1 148 THR 148 146 146 THR THR A . n 
A 1 149 ALA 149 147 147 ALA ALA A . n 
A 1 150 TRP 150 148 148 TRP TRP A . n 
A 1 151 ALA 151 149 149 ALA ALA A . n 
A 1 152 LEU 152 150 150 LEU LEU A . n 
A 1 153 TYR 153 151 151 TYR TYR A . n 
A 1 154 ASP 154 152 152 ASP ASP A . n 
A 1 155 GLY 155 153 153 GLY GLY A . n 
A 1 156 LYS 156 154 154 LYS LYS A . n 
A 1 157 SER 157 155 155 SER SER A . n 
A 1 158 LEU 158 156 156 LEU LEU A . n 
A 1 159 GLU 159 157 157 GLU GLU A . n 
A 1 160 LYS 160 158 158 LYS LYS A . n 
A 1 161 ILE 161 159 159 ILE ILE A . n 
A 1 162 VAL 162 160 160 VAL VAL A . n 
A 1 163 ASP 163 161 161 ASP ASP A . n 
A 1 164 GLN 164 162 162 GLN GLN A . n 
A 1 165 VAL 165 163 163 VAL VAL A . n 
A 1 166 ALA 166 164 164 ALA ALA A . n 
A 1 167 ARG 167 165 165 ARG ARG A . n 
A 1 168 PHE 168 166 166 PHE PHE A . n 
A 1 169 VAL 169 167 167 VAL VAL A . n 
A 1 170 ASP 170 168 168 ASP ASP A . n 
A 1 171 GLU 171 169 169 GLU GLU A . n 
A 1 172 LEU 172 170 170 LEU LEU A . n 
A 1 173 GLU 173 171 171 GLU GLU A . n 
A 1 174 LYS 174 172 172 LYS LYS A . n 
A 1 175 ALA 175 173 173 ALA ALA A . n 
A 1 176 PHE 176 174 174 PHE PHE A . n 
A 1 177 PRO 177 175 175 PRO PRO A . n 
A 1 178 ILE 178 176 176 ILE ILE A . n 
A 1 179 GLU 179 177 177 GLU GLU A . n 
A 1 180 ALA 180 178 178 ALA ALA A . n 
A 1 181 VAL 181 179 179 VAL VAL A . n 
A 1 182 CYS 182 180 180 CYS CYS A . n 
A 1 183 HIS 183 181 181 HIS HIS A . n 
A 1 184 LYS 184 182 182 LYS LYS A . n 
A 1 185 LEU 185 183 183 LEU LEU A . n 
A 1 186 ALA 186 184 184 ALA ALA A . n 
A 1 187 GLU 187 185 185 GLU GLU A . n 
A 1 188 ILE 188 186 186 ILE ILE A . n 
A 1 189 GLU 189 187 187 GLU GLU A . n 
A 1 190 ILE 190 188 188 ILE ILE A . n 
A 1 191 GLU 191 189 189 GLU GLU A . n 
A 1 192 GLU 192 190 190 GLU GLU A . n 
A 1 193 VAL 193 191 191 VAL VAL A . n 
A 1 194 GLU 194 192 192 GLU GLU A . n 
A 1 195 ASP 195 193 193 ASP ASP A . n 
A 1 196 GLU 196 194 194 GLU GLU A . n 
A 1 197 ALA 197 195 195 ALA ALA A . n 
A 1 198 SER 198 196 196 SER SER A . n 
A 1 199 LEU 199 197 197 LEU LEU A . n 
A 1 200 THR 200 198 198 THR THR A . n 
A 1 201 ILE 201 199 199 ILE ILE A . n 
A 1 202 LEU 202 200 200 LEU LEU A . n 
A 1 203 LYS 203 201 201 LYS LYS A . n 
A 1 204 ASP 204 202 202 ASP ASP A . n 
A 1 205 ALA 205 203 203 ALA ALA A . n 
A 1 206 ALA 206 204 204 ALA ALA A . n 
A 1 207 GLY 207 205 205 GLY GLY A . n 
A 1 208 GLY 208 206 206 GLY GLY A . n 
A 1 209 ILE 209 207 207 ILE ILE A . n 
A 1 210 ASP 210 208 208 ASP ASP A . n 
A 1 211 ALA 211 209 209 ALA ALA A . n 
A 1 212 ALA 212 210 210 ALA ALA A . n 
A 1 213 MET 213 211 211 MET MET A . n 
A 1 214 SER 214 212 212 SER SER A . n 
A 1 215 ASP 215 213 213 ASP ASP A . n 
A 1 216 ALA 216 214 214 ALA ALA A . n 
A 1 217 ALA 217 215 215 ALA ALA A . n 
A 1 218 ALA 218 216 216 ALA ALA A . n 
A 1 219 GLN 219 217 217 GLN GLN A . n 
A 1 220 LYS 220 218 218 LYS LYS A . n 
A 1 221 ILE 221 219 219 ILE ILE A . n 
A 1 222 ASP 222 220 220 ASP ASP A . n 
A 1 223 ALA 223 221 221 ALA ALA A . n 
A 1 224 ILE 224 222 222 ILE ILE A . n 
A 1 225 VAL 225 223 223 VAL VAL A . n 
A 1 226 GLY 226 224 224 GLY GLY A . n 
A 1 227 ARG 227 225 ?   ?   ?   A . n 
A 1 228 ASN 228 226 ?   ?   ?   A . n 
A 1 229 SER 229 227 ?   ?   ?   A . n 
# 
loop_
_pdbx_unobs_or_zero_occ_atoms.id 
_pdbx_unobs_or_zero_occ_atoms.PDB_model_num 
_pdbx_unobs_or_zero_occ_atoms.polymer_flag 
_pdbx_unobs_or_zero_occ_atoms.occupancy_flag 
_pdbx_unobs_or_zero_occ_atoms.auth_asym_id 
_pdbx_unobs_or_zero_occ_atoms.auth_comp_id 
_pdbx_unobs_or_zero_occ_atoms.auth_seq_id 
_pdbx_unobs_or_zero_occ_atoms.PDB_ins_code 
_pdbx_unobs_or_zero_occ_atoms.auth_atom_id 
_pdbx_unobs_or_zero_occ_atoms.label_alt_id 
_pdbx_unobs_or_zero_occ_atoms.label_asym_id 
_pdbx_unobs_or_zero_occ_atoms.label_comp_id 
_pdbx_unobs_or_zero_occ_atoms.label_seq_id 
_pdbx_unobs_or_zero_occ_atoms.label_atom_id 
1 1 Y 1 A ASP 70  ? CG  ? A ASP 72  CG  
2 1 Y 1 A ASP 70  ? OD1 ? A ASP 72  OD1 
3 1 Y 1 A ASP 70  ? OD2 ? A ASP 72  OD2 
4 1 Y 1 A GLY 224 ? O   ? A GLY 226 O   
# 
loop_
_software.name 
_software.classification 
_software.version 
_software.citation_id 
_software.pdbx_ordinal 
REFMAC refinement       5.2.0019 ? 1 
XDS    'data reduction' .        ? 2 
XDS    'data scaling'   .        ? 3 
SHARP  phasing          .        ? 4 
# 
_cell.entry_id           2WVN 
_cell.length_a           122.660 
_cell.length_b           122.660 
_cell.length_c           122.660 
_cell.angle_alpha        90.00 
_cell.angle_beta         90.00 
_cell.angle_gamma        90.00 
_cell.Z_PDB              24 
_cell.pdbx_unique_axis   ? 
# 
_symmetry.entry_id                         2WVN 
_symmetry.space_group_name_H-M             'P 4 3 2' 
_symmetry.pdbx_full_space_group_name_H-M   ? 
_symmetry.cell_setting                     ? 
_symmetry.Int_Tables_number                207 
# 
_exptl.entry_id          2WVN 
_exptl.method            'X-RAY DIFFRACTION' 
_exptl.crystals_number   1 
# 
_exptl_crystal.id                    1 
_exptl_crystal.density_meas          ? 
_exptl_crystal.density_Matthews      3.24 
_exptl_crystal.density_percent_sol   61.72 
_exptl_crystal.description           NONE 
# 
_exptl_crystal_grow.crystal_id      1 
_exptl_crystal_grow.method          ? 
_exptl_crystal_grow.temp            292 
_exptl_crystal_grow.temp_details    ? 
_exptl_crystal_grow.pH              8.0 
_exptl_crystal_grow.pdbx_pH_range   ? 
_exptl_crystal_grow.pdbx_details    'CRYSTALLIZED AT 292K WITH 20 MM TRIS PH 8.0, 30% PEG4000' 
# 
_diffrn.id                     1 
_diffrn.ambient_temp           100 
_diffrn.ambient_temp_details   ? 
_diffrn.crystal_id             1 
# 
_diffrn_detector.diffrn_id              1 
_diffrn_detector.detector               PIXEL 
_diffrn_detector.type                   'DECTRIS PILATUS 6M' 
_diffrn_detector.pdbx_collection_date   ? 
_diffrn_detector.details                ? 
# 
_diffrn_radiation.diffrn_id                        1 
_diffrn_radiation.wavelength_id                    1 
_diffrn_radiation.pdbx_monochromatic_or_laue_m_l   M 
_diffrn_radiation.monochromator                    ? 
_diffrn_radiation.pdbx_diffrn_protocol             'SINGLE WAVELENGTH' 
_diffrn_radiation.pdbx_scattering_type             x-ray 
# 
_diffrn_radiation_wavelength.id           1 
_diffrn_radiation_wavelength.wavelength   1.0000 
_diffrn_radiation_wavelength.wt           1.0 
# 
_diffrn_source.diffrn_id                   1 
_diffrn_source.source                      SYNCHROTRON 
_diffrn_source.type                        'SLS BEAMLINE X06SA' 
_diffrn_source.pdbx_synchrotron_site       SLS 
_diffrn_source.pdbx_synchrotron_beamline   X06SA 
_diffrn_source.pdbx_wavelength             1.0000 
_diffrn_source.pdbx_wavelength_list        ? 
# 
_reflns.pdbx_diffrn_id               1 
_reflns.pdbx_ordinal                 1 
_reflns.entry_id                     2WVN 
_reflns.observed_criterion_sigma_I   -10.000 
_reflns.observed_criterion_sigma_F   ? 
_reflns.d_resolution_low             40.000 
_reflns.d_resolution_high            2.620 
_reflns.number_obs                   10044 
_reflns.number_all                   ? 
_reflns.percent_possible_obs         99.7 
_reflns.pdbx_Rmerge_I_obs            0.06000 
_reflns.pdbx_Rsym_value              ? 
_reflns.pdbx_netI_over_sigmaI        24.1000 
_reflns.B_iso_Wilson_estimate        ? 
_reflns.pdbx_redundancy              10.100 
# 
_reflns_shell.pdbx_diffrn_id         1 
_reflns_shell.pdbx_ordinal           1 
_reflns_shell.d_res_high             2.62 
_reflns_shell.d_res_low              2.77 
_reflns_shell.percent_possible_all   99.0 
_reflns_shell.Rmerge_I_obs           0.46300 
_reflns_shell.pdbx_Rsym_value        ? 
_reflns_shell.meanI_over_sigI_obs    3.900 
_reflns_shell.pdbx_redundancy        10.20 
# 
_refine.pdbx_refine_id                           'X-RAY DIFFRACTION' 
_refine.entry_id                                 2WVN 
_refine.pdbx_diffrn_id                           1 
_refine.pdbx_TLS_residual_ADP_flag               ? 
_refine.ls_number_reflns_obs                     9566 
_refine.ls_number_reflns_all                     ? 
_refine.pdbx_ls_sigma_I                          ? 
_refine.pdbx_ls_sigma_F                          ? 
_refine.pdbx_data_cutoff_high_absF               ? 
_refine.pdbx_data_cutoff_low_absF                ? 
_refine.pdbx_data_cutoff_high_rms_absF           ? 
_refine.ls_d_res_low                             38.78 
_refine.ls_d_res_high                            2.62 
_refine.ls_percent_reflns_obs                    99.8 
_refine.ls_R_factor_obs                          0.219 
_refine.ls_R_factor_all                          ? 
_refine.ls_R_factor_R_work                       0.216 
_refine.ls_R_factor_R_free                       0.270 
_refine.ls_R_factor_R_free_error                 ? 
_refine.ls_R_factor_R_free_error_details         ? 
_refine.ls_percent_reflns_R_free                 4.70 
_refine.ls_number_reflns_R_free                  477 
_refine.ls_number_parameters                     ? 
_refine.ls_number_restraints                     ? 
_refine.occupancy_min                            ? 
_refine.occupancy_max                            ? 
_refine.correlation_coeff_Fo_to_Fc               0.949 
_refine.correlation_coeff_Fo_to_Fc_free          0.911 
_refine.B_iso_mean                               60.77 
_refine.aniso_B[1][1]                            ? 
_refine.aniso_B[2][2]                            ? 
_refine.aniso_B[3][3]                            ? 
_refine.aniso_B[1][2]                            ? 
_refine.aniso_B[1][3]                            ? 
_refine.aniso_B[2][3]                            ? 
_refine.solvent_model_details                    MASK 
_refine.solvent_model_param_ksol                 ? 
_refine.solvent_model_param_bsol                 ? 
_refine.pdbx_solvent_vdw_probe_radii             1.20 
_refine.pdbx_solvent_ion_probe_radii             0.80 
_refine.pdbx_solvent_shrinkage_radii             0.80 
_refine.pdbx_ls_cross_valid_method               THROUGHOUT 
_refine.details                                  'HYDROGENS HAVE BEEN ADDED IN THE RIDING POSITIONS' 
_refine.pdbx_starting_model                      NONE 
_refine.pdbx_method_to_determine_struct          MIRAS 
_refine.pdbx_isotropic_thermal_model             ? 
_refine.pdbx_stereochemistry_target_values       'MAXIMUM LIKELIHOOD' 
_refine.pdbx_stereochem_target_val_spec_case     ? 
_refine.pdbx_R_Free_selection_details            RANDOM 
_refine.pdbx_overall_ESU_R                       0.449 
_refine.pdbx_overall_ESU_R_Free                  0.303 
_refine.overall_SU_ML                            0.241 
_refine.pdbx_overall_phase_error                 ? 
_refine.overall_SU_B                             23.157 
_refine.overall_SU_R_Cruickshank_DPI             ? 
_refine.pdbx_overall_SU_R_free_Cruickshank_DPI   ? 
_refine.pdbx_overall_SU_R_Blow_DPI               ? 
_refine.pdbx_overall_SU_R_free_Blow_DPI          ? 
# 
_refine_hist.pdbx_refine_id                   'X-RAY DIFFRACTION' 
_refine_hist.cycle_id                         LAST 
_refine_hist.pdbx_number_atoms_protein        1683 
_refine_hist.pdbx_number_atoms_nucleic_acid   0 
_refine_hist.pdbx_number_atoms_ligand         0 
_refine_hist.number_atoms_solvent             0 
_refine_hist.number_atoms_total               1683 
_refine_hist.d_res_high                       2.62 
_refine_hist.d_res_low                        38.78 
# 
loop_
_refine_ls_restr.type 
_refine_ls_restr.dev_ideal 
_refine_ls_restr.dev_ideal_target 
_refine_ls_restr.weight 
_refine_ls_restr.number 
_refine_ls_restr.pdbx_refine_id 
_refine_ls_restr.pdbx_restraint_function 
r_bond_refined_d             0.018  0.022  ? 1720 'X-RAY DIFFRACTION' ? 
r_bond_other_d               ?      ?      ? ?    'X-RAY DIFFRACTION' ? 
r_angle_refined_deg          1.843  1.969  ? 2318 'X-RAY DIFFRACTION' ? 
r_angle_other_deg            ?      ?      ? ?    'X-RAY DIFFRACTION' ? 
r_dihedral_angle_1_deg       6.016  5.000  ? 215  'X-RAY DIFFRACTION' ? 
r_dihedral_angle_2_deg       37.442 24.405 ? 84   'X-RAY DIFFRACTION' ? 
r_dihedral_angle_3_deg       24.879 15.000 ? 323  'X-RAY DIFFRACTION' ? 
r_dihedral_angle_4_deg       23.931 15.000 ? 15   'X-RAY DIFFRACTION' ? 
r_chiral_restr               0.140  0.200  ? 262  'X-RAY DIFFRACTION' ? 
r_gen_planes_refined         0.006  0.020  ? 1289 'X-RAY DIFFRACTION' ? 
r_gen_planes_other           ?      ?      ? ?    'X-RAY DIFFRACTION' ? 
r_nbd_refined                0.242  0.200  ? 722  'X-RAY DIFFRACTION' ? 
r_nbd_other                  ?      ?      ? ?    'X-RAY DIFFRACTION' ? 
r_nbtor_refined              0.313  0.200  ? 1180 'X-RAY DIFFRACTION' ? 
r_nbtor_other                ?      ?      ? ?    'X-RAY DIFFRACTION' ? 
r_xyhbond_nbd_refined        0.128  0.200  ? 36   'X-RAY DIFFRACTION' ? 
r_xyhbond_nbd_other          ?      ?      ? ?    'X-RAY DIFFRACTION' ? 
r_metal_ion_refined          ?      ?      ? ?    'X-RAY DIFFRACTION' ? 
r_metal_ion_other            ?      ?      ? ?    'X-RAY DIFFRACTION' ? 
r_symmetry_vdw_refined       0.256  0.200  ? 17   'X-RAY DIFFRACTION' ? 
r_symmetry_vdw_other         ?      ?      ? ?    'X-RAY DIFFRACTION' ? 
r_symmetry_hbond_refined     0.328  0.200  ? 3    'X-RAY DIFFRACTION' ? 
r_symmetry_hbond_other       ?      ?      ? ?    'X-RAY DIFFRACTION' ? 
r_symmetry_metal_ion_refined ?      ?      ? ?    'X-RAY DIFFRACTION' ? 
r_symmetry_metal_ion_other   ?      ?      ? ?    'X-RAY DIFFRACTION' ? 
r_mcbond_it                  0.877  1.500  ? 1105 'X-RAY DIFFRACTION' ? 
r_mcbond_other               ?      ?      ? ?    'X-RAY DIFFRACTION' ? 
r_mcangle_it                 1.634  2.000  ? 1716 'X-RAY DIFFRACTION' ? 
r_mcangle_other              ?      ?      ? ?    'X-RAY DIFFRACTION' ? 
r_scbond_it                  2.247  3.000  ? 690  'X-RAY DIFFRACTION' ? 
r_scbond_other               ?      ?      ? ?    'X-RAY DIFFRACTION' ? 
r_scangle_it                 3.741  4.500  ? 602  'X-RAY DIFFRACTION' ? 
r_scangle_other              ?      ?      ? ?    'X-RAY DIFFRACTION' ? 
r_long_range_B_refined       ?      ?      ? ?    'X-RAY DIFFRACTION' ? 
r_long_range_B_other         ?      ?      ? ?    'X-RAY DIFFRACTION' ? 
r_rigid_bond_restr           ?      ?      ? ?    'X-RAY DIFFRACTION' ? 
r_sphericity_free            ?      ?      ? ?    'X-RAY DIFFRACTION' ? 
r_sphericity_bonded          ?      ?      ? ?    'X-RAY DIFFRACTION' ? 
# 
_refine_ls_shell.pdbx_refine_id                   'X-RAY DIFFRACTION' 
_refine_ls_shell.pdbx_total_number_of_bins_used   20 
_refine_ls_shell.d_res_high                       2.62 
_refine_ls_shell.d_res_low                        2.68 
_refine_ls_shell.number_reflns_R_work             687 
_refine_ls_shell.R_factor_R_work                  0.3330 
_refine_ls_shell.percent_reflns_obs               97.95 
_refine_ls_shell.R_factor_R_free                  0.3120 
_refine_ls_shell.R_factor_R_free_error            ? 
_refine_ls_shell.percent_reflns_R_free            ? 
_refine_ls_shell.number_reflns_R_free             30 
_refine_ls_shell.number_reflns_all                ? 
_refine_ls_shell.R_factor_all                     ? 
# 
_struct.entry_id                  2WVN 
_struct.title                     'Structure of the HET-s N-terminal domain' 
_struct.pdbx_model_details        ? 
_struct.pdbx_CASP_flag            ? 
_struct.pdbx_model_type_details   ? 
# 
_struct_keywords.entry_id        2WVN 
_struct_keywords.pdbx_keywords   'PRION-BINDING PROTEIN' 
_struct_keywords.text            'PRION-BINDING PROTEIN, PRION REGULATORY DOMAIN, HETEROKARYON INCOMPATIBILITY' 
# 
_struct_asym.id                            A 
_struct_asym.pdbx_blank_PDB_chainid_flag   N 
_struct_asym.pdbx_modified                 N 
_struct_asym.entity_id                     1 
_struct_asym.details                       ? 
# 
_struct_ref.id                         1 
_struct_ref.db_name                    UNP 
_struct_ref.db_code                    Q03689_PODAN 
_struct_ref.entity_id                  1 
_struct_ref.pdbx_seq_one_letter_code   ? 
_struct_ref.pdbx_align_begin           ? 
_struct_ref.pdbx_db_accession          Q03689 
_struct_ref.pdbx_db_isoform            ? 
# 
_struct_ref_seq.align_id                      1 
_struct_ref_seq.ref_id                        1 
_struct_ref_seq.pdbx_PDB_id_code              2WVN 
_struct_ref_seq.pdbx_strand_id                A 
_struct_ref_seq.seq_align_beg                 3 
_struct_ref_seq.pdbx_seq_align_beg_ins_code   ? 
_struct_ref_seq.seq_align_end                 229 
_struct_ref_seq.pdbx_seq_align_end_ins_code   ? 
_struct_ref_seq.pdbx_db_accession             Q03689 
_struct_ref_seq.db_align_beg                  1 
_struct_ref_seq.pdbx_db_align_beg_ins_code    ? 
_struct_ref_seq.db_align_end                  227 
_struct_ref_seq.pdbx_db_align_end_ins_code    ? 
_struct_ref_seq.pdbx_auth_seq_align_beg       1 
_struct_ref_seq.pdbx_auth_seq_align_end       227 
# 
loop_
_struct_ref_seq_dif.align_id 
_struct_ref_seq_dif.pdbx_pdb_id_code 
_struct_ref_seq_dif.mon_id 
_struct_ref_seq_dif.pdbx_pdb_strand_id 
_struct_ref_seq_dif.seq_num 
_struct_ref_seq_dif.pdbx_pdb_ins_code 
_struct_ref_seq_dif.pdbx_seq_db_name 
_struct_ref_seq_dif.pdbx_seq_db_accession_code 
_struct_ref_seq_dif.db_mon_id 
_struct_ref_seq_dif.pdbx_seq_db_seq_num 
_struct_ref_seq_dif.details 
_struct_ref_seq_dif.pdbx_auth_seq_num 
_struct_ref_seq_dif.pdbx_ordinal 
1 2WVN GLY A 1 ? UNP Q03689 ? ? 'expression tag' -1 1 
1 2WVN SER A 2 ? UNP Q03689 ? ? 'expression tag' 0  2 
# 
_pdbx_struct_assembly.id                   1 
_pdbx_struct_assembly.details              software_defined_assembly 
_pdbx_struct_assembly.method_details       PISA 
_pdbx_struct_assembly.oligomeric_details   dimeric 
_pdbx_struct_assembly.oligomeric_count     2 
# 
loop_
_pdbx_struct_assembly_prop.biol_id 
_pdbx_struct_assembly_prop.type 
_pdbx_struct_assembly_prop.value 
_pdbx_struct_assembly_prop.details 
1 'ABSA (A^2)' 1730  ? 
1 MORE         -1.9  ? 
1 'SSA (A^2)'  20500 ? 
# 
_pdbx_struct_assembly_gen.assembly_id       1 
_pdbx_struct_assembly_gen.oper_expression   1,2 
_pdbx_struct_assembly_gen.asym_id_list      A 
# 
loop_
_pdbx_struct_oper_list.id 
_pdbx_struct_oper_list.type 
_pdbx_struct_oper_list.name 
_pdbx_struct_oper_list.symmetry_operation 
_pdbx_struct_oper_list.matrix[1][1] 
_pdbx_struct_oper_list.matrix[1][2] 
_pdbx_struct_oper_list.matrix[1][3] 
_pdbx_struct_oper_list.vector[1] 
_pdbx_struct_oper_list.matrix[2][1] 
_pdbx_struct_oper_list.matrix[2][2] 
_pdbx_struct_oper_list.matrix[2][3] 
_pdbx_struct_oper_list.vector[2] 
_pdbx_struct_oper_list.matrix[3][1] 
_pdbx_struct_oper_list.matrix[3][2] 
_pdbx_struct_oper_list.matrix[3][3] 
_pdbx_struct_oper_list.vector[3] 
1 'identity operation'         1_555  x,y,z  1.0000000000  0.0000000000  0.0000000000 0.0000000000  0.0000000000  1.0000000000  0.0000000000  0.0000000000  0.0000000000 0.0000000000  1.0000000000  0.0000000000  
2 'crystal symmetry operation' 18_555 -x,z,y -0.1010786421 -0.9096245426 0.4029470185 20.8481413680 -0.9096245426 -0.0795448332 -0.4077447867 25.0792079616 0.4029470185 -0.4077447867 -0.8193765247 10.1051089462 
# 
_struct_biol.id   1 
# 
loop_
_struct_conf.conf_type_id 
_struct_conf.id 
_struct_conf.pdbx_PDB_helix_id 
_struct_conf.beg_label_comp_id 
_struct_conf.beg_label_asym_id 
_struct_conf.beg_label_seq_id 
_struct_conf.pdbx_beg_PDB_ins_code 
_struct_conf.end_label_comp_id 
_struct_conf.end_label_asym_id 
_struct_conf.end_label_seq_id 
_struct_conf.pdbx_end_PDB_ins_code 
_struct_conf.beg_auth_comp_id 
_struct_conf.beg_auth_asym_id 
_struct_conf.beg_auth_seq_id 
_struct_conf.end_auth_comp_id 
_struct_conf.end_auth_asym_id 
_struct_conf.end_auth_seq_id 
_struct_conf.pdbx_PDB_helix_class 
_struct_conf.details 
_struct_conf.pdbx_PDB_helix_length 
HELX_P HELX_P1  1  ASN A 15  ? PHE A 27  ? ASN A 13  PHE A 25  1 ? 13 
HELX_P HELX_P2  2  ARG A 34  ? ARG A 38  ? ARG A 32  ARG A 36  5 ? 5  
HELX_P HELX_P3  3  ASP A 39  ? VAL A 61  ? ASP A 37  VAL A 59  1 ? 23 
HELX_P HELX_P4  4  ASP A 66  ? SER A 71  ? ASP A 64  SER A 69  5 ? 6  
HELX_P HELX_P5  5  ASP A 76  ? GLU A 104 ? ASP A 74  GLU A 102 1 ? 29 
HELX_P HELX_P6  6  ASP A 108 ? VAL A 113 ? ASP A 106 VAL A 111 5 ? 6  
HELX_P HELX_P7  7  GLU A 116 ? MET A 120 ? GLU A 114 MET A 118 5 ? 5  
HELX_P HELX_P8  8  LYS A 121 ? GLN A 139 ? LYS A 119 GLN A 137 1 ? 19 
HELX_P HELX_P9  9  ASP A 154 ? ALA A 175 ? ASP A 152 ALA A 173 1 ? 22 
HELX_P HELX_P10 10 ILE A 178 ? GLU A 189 ? ILE A 176 GLU A 187 1 ? 12 
HELX_P HELX_P11 11 ASP A 195 ? ALA A 206 ? ASP A 193 ALA A 204 1 ? 12 
HELX_P HELX_P12 12 ASP A 210 ? VAL A 225 ? ASP A 208 VAL A 223 1 ? 16 
# 
_struct_conf_type.id          HELX_P 
_struct_conf_type.criteria    ? 
_struct_conf_type.reference   ? 
# 
_struct_sheet.id               AA 
_struct_sheet.type             ? 
_struct_sheet.number_strands   2 
_struct_sheet.details          ? 
# 
_struct_sheet_order.sheet_id     AA 
_struct_sheet_order.range_id_1   1 
_struct_sheet_order.range_id_2   2 
_struct_sheet_order.offset       ? 
_struct_sheet_order.sense        parallel 
# 
loop_
_struct_sheet_range.sheet_id 
_struct_sheet_range.id 
_struct_sheet_range.beg_label_comp_id 
_struct_sheet_range.beg_label_asym_id 
_struct_sheet_range.beg_label_seq_id 
_struct_sheet_range.pdbx_beg_PDB_ins_code 
_struct_sheet_range.end_label_comp_id 
_struct_sheet_range.end_label_asym_id 
_struct_sheet_range.end_label_seq_id 
_struct_sheet_range.pdbx_end_PDB_ins_code 
_struct_sheet_range.beg_auth_comp_id 
_struct_sheet_range.beg_auth_asym_id 
_struct_sheet_range.beg_auth_seq_id 
_struct_sheet_range.end_auth_comp_id 
_struct_sheet_range.end_auth_asym_id 
_struct_sheet_range.end_auth_seq_id 
AA 1 VAL A 30  ? LEU A 32  ? VAL A 28  LEU A 30  
AA 2 TRP A 150 ? LEU A 152 ? TRP A 148 LEU A 150 
# 
_pdbx_struct_sheet_hbond.sheet_id                AA 
_pdbx_struct_sheet_hbond.range_id_1              1 
_pdbx_struct_sheet_hbond.range_id_2              2 
_pdbx_struct_sheet_hbond.range_1_label_atom_id   N 
_pdbx_struct_sheet_hbond.range_1_label_comp_id   GLN 
_pdbx_struct_sheet_hbond.range_1_label_asym_id   A 
_pdbx_struct_sheet_hbond.range_1_label_seq_id    31 
_pdbx_struct_sheet_hbond.range_1_PDB_ins_code    ? 
_pdbx_struct_sheet_hbond.range_1_auth_atom_id    N 
_pdbx_struct_sheet_hbond.range_1_auth_comp_id    GLN 
_pdbx_struct_sheet_hbond.range_1_auth_asym_id    A 
_pdbx_struct_sheet_hbond.range_1_auth_seq_id     29 
_pdbx_struct_sheet_hbond.range_2_label_atom_id   O 
_pdbx_struct_sheet_hbond.range_2_label_comp_id   TRP 
_pdbx_struct_sheet_hbond.range_2_label_asym_id   A 
_pdbx_struct_sheet_hbond.range_2_label_seq_id    150 
_pdbx_struct_sheet_hbond.range_2_PDB_ins_code    ? 
_pdbx_struct_sheet_hbond.range_2_auth_atom_id    O 
_pdbx_struct_sheet_hbond.range_2_auth_comp_id    TRP 
_pdbx_struct_sheet_hbond.range_2_auth_asym_id    A 
_pdbx_struct_sheet_hbond.range_2_auth_seq_id     148 
# 
_pdbx_validate_rmsd_bond.id                        1 
_pdbx_validate_rmsd_bond.PDB_model_num             1 
_pdbx_validate_rmsd_bond.auth_atom_id_1            CB 
_pdbx_validate_rmsd_bond.auth_asym_id_1            A 
_pdbx_validate_rmsd_bond.auth_comp_id_1            CYS 
_pdbx_validate_rmsd_bond.auth_seq_id_1             21 
_pdbx_validate_rmsd_bond.PDB_ins_code_1            ? 
_pdbx_validate_rmsd_bond.label_alt_id_1            ? 
_pdbx_validate_rmsd_bond.auth_atom_id_2            SG 
_pdbx_validate_rmsd_bond.auth_asym_id_2            A 
_pdbx_validate_rmsd_bond.auth_comp_id_2            CYS 
_pdbx_validate_rmsd_bond.auth_seq_id_2             21 
_pdbx_validate_rmsd_bond.PDB_ins_code_2            ? 
_pdbx_validate_rmsd_bond.label_alt_id_2            ? 
_pdbx_validate_rmsd_bond.bond_value                1.705 
_pdbx_validate_rmsd_bond.bond_target_value         1.812 
_pdbx_validate_rmsd_bond.bond_deviation            -0.107 
_pdbx_validate_rmsd_bond.bond_standard_deviation   0.016 
_pdbx_validate_rmsd_bond.linker_flag               N 
# 
loop_
_pdbx_validate_rmsd_angle.id 
_pdbx_validate_rmsd_angle.PDB_model_num 
_pdbx_validate_rmsd_angle.auth_atom_id_1 
_pdbx_validate_rmsd_angle.auth_asym_id_1 
_pdbx_validate_rmsd_angle.auth_comp_id_1 
_pdbx_validate_rmsd_angle.auth_seq_id_1 
_pdbx_validate_rmsd_angle.PDB_ins_code_1 
_pdbx_validate_rmsd_angle.label_alt_id_1 
_pdbx_validate_rmsd_angle.auth_atom_id_2 
_pdbx_validate_rmsd_angle.auth_asym_id_2 
_pdbx_validate_rmsd_angle.auth_comp_id_2 
_pdbx_validate_rmsd_angle.auth_seq_id_2 
_pdbx_validate_rmsd_angle.PDB_ins_code_2 
_pdbx_validate_rmsd_angle.label_alt_id_2 
_pdbx_validate_rmsd_angle.auth_atom_id_3 
_pdbx_validate_rmsd_angle.auth_asym_id_3 
_pdbx_validate_rmsd_angle.auth_comp_id_3 
_pdbx_validate_rmsd_angle.auth_seq_id_3 
_pdbx_validate_rmsd_angle.PDB_ins_code_3 
_pdbx_validate_rmsd_angle.label_alt_id_3 
_pdbx_validate_rmsd_angle.angle_value 
_pdbx_validate_rmsd_angle.angle_target_value 
_pdbx_validate_rmsd_angle.angle_deviation 
_pdbx_validate_rmsd_angle.angle_standard_deviation 
_pdbx_validate_rmsd_angle.linker_flag 
1 1 NE A ARG 123 ? ? CZ A ARG 123 ? ? NH2 A ARG 123 ? ? 116.26 120.30 -4.04  0.50 N 
2 1 CB A LEU 132 ? ? CG A LEU 132 ? ? CD2 A LEU 132 ? ? 98.46  111.00 -12.54 1.70 N 
3 1 CA A LEU 156 ? ? CB A LEU 156 ? ? CG  A LEU 156 ? ? 133.79 115.30 18.49  2.30 N 
# 
loop_
_pdbx_validate_torsion.id 
_pdbx_validate_torsion.PDB_model_num 
_pdbx_validate_torsion.auth_comp_id 
_pdbx_validate_torsion.auth_asym_id 
_pdbx_validate_torsion.auth_seq_id 
_pdbx_validate_torsion.PDB_ins_code 
_pdbx_validate_torsion.label_alt_id 
_pdbx_validate_torsion.phi 
_pdbx_validate_torsion.psi 
1 1 SER A 141 ? ? -61.32  47.77 
2 1 ILE A 176 ? ? -156.31 8.18  
3 1 ASP A 208 ? ? -154.00 75.83 
# 
loop_
_pdbx_unobs_or_zero_occ_residues.id 
_pdbx_unobs_or_zero_occ_residues.PDB_model_num 
_pdbx_unobs_or_zero_occ_residues.polymer_flag 
_pdbx_unobs_or_zero_occ_residues.occupancy_flag 
_pdbx_unobs_or_zero_occ_residues.auth_asym_id 
_pdbx_unobs_or_zero_occ_residues.auth_comp_id 
_pdbx_unobs_or_zero_occ_residues.auth_seq_id 
_pdbx_unobs_or_zero_occ_residues.PDB_ins_code 
_pdbx_unobs_or_zero_occ_residues.label_asym_id 
_pdbx_unobs_or_zero_occ_residues.label_comp_id 
_pdbx_unobs_or_zero_occ_residues.label_seq_id 
1  1 Y 1 A GLY -1  ? A GLY 1   
2  1 Y 1 A SER 0   ? A SER 2   
3  1 Y 1 A MET 1   ? A MET 3   
4  1 Y 1 A SER 2   ? A SER 4   
5  1 Y 1 A GLU 3   ? A GLU 5   
6  1 Y 1 A PRO 4   ? A PRO 6   
7  1 Y 1 A PHE 5   ? A PHE 7   
8  1 Y 1 A GLY 6   ? A GLY 8   
9  1 Y 1 A ILE 7   ? A ILE 9   
10 1 Y 1 A VAL 8   ? A VAL 10  
11 1 Y 1 A ALA 9   ? A ALA 11  
12 1 Y 1 A GLY 10  ? A GLY 12  
13 1 Y 1 A ARG 225 ? A ARG 227 
14 1 Y 1 A ASN 226 ? A ASN 228 
15 1 Y 1 A SER 227 ? A SER 229 
# 
loop_
_chem_comp_atom.comp_id 
_chem_comp_atom.atom_id 
_chem_comp_atom.type_symbol 
_chem_comp_atom.pdbx_aromatic_flag 
_chem_comp_atom.pdbx_stereo_config 
_chem_comp_atom.pdbx_ordinal 
ALA N    N N N 1   
ALA CA   C N S 2   
ALA C    C N N 3   
ALA O    O N N 4   
ALA CB   C N N 5   
ALA OXT  O N N 6   
ALA H    H N N 7   
ALA H2   H N N 8   
ALA HA   H N N 9   
ALA HB1  H N N 10  
ALA HB2  H N N 11  
ALA HB3  H N N 12  
ALA HXT  H N N 13  
ARG N    N N N 14  
ARG CA   C N S 15  
ARG C    C N N 16  
ARG O    O N N 17  
ARG CB   C N N 18  
ARG CG   C N N 19  
ARG CD   C N N 20  
ARG NE   N N N 21  
ARG CZ   C N N 22  
ARG NH1  N N N 23  
ARG NH2  N N N 24  
ARG OXT  O N N 25  
ARG H    H N N 26  
ARG H2   H N N 27  
ARG HA   H N N 28  
ARG HB2  H N N 29  
ARG HB3  H N N 30  
ARG HG2  H N N 31  
ARG HG3  H N N 32  
ARG HD2  H N N 33  
ARG HD3  H N N 34  
ARG HE   H N N 35  
ARG HH11 H N N 36  
ARG HH12 H N N 37  
ARG HH21 H N N 38  
ARG HH22 H N N 39  
ARG HXT  H N N 40  
ASN N    N N N 41  
ASN CA   C N S 42  
ASN C    C N N 43  
ASN O    O N N 44  
ASN CB   C N N 45  
ASN CG   C N N 46  
ASN OD1  O N N 47  
ASN ND2  N N N 48  
ASN OXT  O N N 49  
ASN H    H N N 50  
ASN H2   H N N 51  
ASN HA   H N N 52  
ASN HB2  H N N 53  
ASN HB3  H N N 54  
ASN HD21 H N N 55  
ASN HD22 H N N 56  
ASN HXT  H N N 57  
ASP N    N N N 58  
ASP CA   C N S 59  
ASP C    C N N 60  
ASP O    O N N 61  
ASP CB   C N N 62  
ASP CG   C N N 63  
ASP OD1  O N N 64  
ASP OD2  O N N 65  
ASP OXT  O N N 66  
ASP H    H N N 67  
ASP H2   H N N 68  
ASP HA   H N N 69  
ASP HB2  H N N 70  
ASP HB3  H N N 71  
ASP HD2  H N N 72  
ASP HXT  H N N 73  
CYS N    N N N 74  
CYS CA   C N R 75  
CYS C    C N N 76  
CYS O    O N N 77  
CYS CB   C N N 78  
CYS SG   S N N 79  
CYS OXT  O N N 80  
CYS H    H N N 81  
CYS H2   H N N 82  
CYS HA   H N N 83  
CYS HB2  H N N 84  
CYS HB3  H N N 85  
CYS HG   H N N 86  
CYS HXT  H N N 87  
GLN N    N N N 88  
GLN CA   C N S 89  
GLN C    C N N 90  
GLN O    O N N 91  
GLN CB   C N N 92  
GLN CG   C N N 93  
GLN CD   C N N 94  
GLN OE1  O N N 95  
GLN NE2  N N N 96  
GLN OXT  O N N 97  
GLN H    H N N 98  
GLN H2   H N N 99  
GLN HA   H N N 100 
GLN HB2  H N N 101 
GLN HB3  H N N 102 
GLN HG2  H N N 103 
GLN HG3  H N N 104 
GLN HE21 H N N 105 
GLN HE22 H N N 106 
GLN HXT  H N N 107 
GLU N    N N N 108 
GLU CA   C N S 109 
GLU C    C N N 110 
GLU O    O N N 111 
GLU CB   C N N 112 
GLU CG   C N N 113 
GLU CD   C N N 114 
GLU OE1  O N N 115 
GLU OE2  O N N 116 
GLU OXT  O N N 117 
GLU H    H N N 118 
GLU H2   H N N 119 
GLU HA   H N N 120 
GLU HB2  H N N 121 
GLU HB3  H N N 122 
GLU HG2  H N N 123 
GLU HG3  H N N 124 
GLU HE2  H N N 125 
GLU HXT  H N N 126 
GLY N    N N N 127 
GLY CA   C N N 128 
GLY C    C N N 129 
GLY O    O N N 130 
GLY OXT  O N N 131 
GLY H    H N N 132 
GLY H2   H N N 133 
GLY HA2  H N N 134 
GLY HA3  H N N 135 
GLY HXT  H N N 136 
HIS N    N N N 137 
HIS CA   C N S 138 
HIS C    C N N 139 
HIS O    O N N 140 
HIS CB   C N N 141 
HIS CG   C Y N 142 
HIS ND1  N Y N 143 
HIS CD2  C Y N 144 
HIS CE1  C Y N 145 
HIS NE2  N Y N 146 
HIS OXT  O N N 147 
HIS H    H N N 148 
HIS H2   H N N 149 
HIS HA   H N N 150 
HIS HB2  H N N 151 
HIS HB3  H N N 152 
HIS HD1  H N N 153 
HIS HD2  H N N 154 
HIS HE1  H N N 155 
HIS HE2  H N N 156 
HIS HXT  H N N 157 
ILE N    N N N 158 
ILE CA   C N S 159 
ILE C    C N N 160 
ILE O    O N N 161 
ILE CB   C N S 162 
ILE CG1  C N N 163 
ILE CG2  C N N 164 
ILE CD1  C N N 165 
ILE OXT  O N N 166 
ILE H    H N N 167 
ILE H2   H N N 168 
ILE HA   H N N 169 
ILE HB   H N N 170 
ILE HG12 H N N 171 
ILE HG13 H N N 172 
ILE HG21 H N N 173 
ILE HG22 H N N 174 
ILE HG23 H N N 175 
ILE HD11 H N N 176 
ILE HD12 H N N 177 
ILE HD13 H N N 178 
ILE HXT  H N N 179 
LEU N    N N N 180 
LEU CA   C N S 181 
LEU C    C N N 182 
LEU O    O N N 183 
LEU CB   C N N 184 
LEU CG   C N N 185 
LEU CD1  C N N 186 
LEU CD2  C N N 187 
LEU OXT  O N N 188 
LEU H    H N N 189 
LEU H2   H N N 190 
LEU HA   H N N 191 
LEU HB2  H N N 192 
LEU HB3  H N N 193 
LEU HG   H N N 194 
LEU HD11 H N N 195 
LEU HD12 H N N 196 
LEU HD13 H N N 197 
LEU HD21 H N N 198 
LEU HD22 H N N 199 
LEU HD23 H N N 200 
LEU HXT  H N N 201 
LYS N    N N N 202 
LYS CA   C N S 203 
LYS C    C N N 204 
LYS O    O N N 205 
LYS CB   C N N 206 
LYS CG   C N N 207 
LYS CD   C N N 208 
LYS CE   C N N 209 
LYS NZ   N N N 210 
LYS OXT  O N N 211 
LYS H    H N N 212 
LYS H2   H N N 213 
LYS HA   H N N 214 
LYS HB2  H N N 215 
LYS HB3  H N N 216 
LYS HG2  H N N 217 
LYS HG3  H N N 218 
LYS HD2  H N N 219 
LYS HD3  H N N 220 
LYS HE2  H N N 221 
LYS HE3  H N N 222 
LYS HZ1  H N N 223 
LYS HZ2  H N N 224 
LYS HZ3  H N N 225 
LYS HXT  H N N 226 
MET N    N N N 227 
MET CA   C N S 228 
MET C    C N N 229 
MET O    O N N 230 
MET CB   C N N 231 
MET CG   C N N 232 
MET SD   S N N 233 
MET CE   C N N 234 
MET OXT  O N N 235 
MET H    H N N 236 
MET H2   H N N 237 
MET HA   H N N 238 
MET HB2  H N N 239 
MET HB3  H N N 240 
MET HG2  H N N 241 
MET HG3  H N N 242 
MET HE1  H N N 243 
MET HE2  H N N 244 
MET HE3  H N N 245 
MET HXT  H N N 246 
PHE N    N N N 247 
PHE CA   C N S 248 
PHE C    C N N 249 
PHE O    O N N 250 
PHE CB   C N N 251 
PHE CG   C Y N 252 
PHE CD1  C Y N 253 
PHE CD2  C Y N 254 
PHE CE1  C Y N 255 
PHE CE2  C Y N 256 
PHE CZ   C Y N 257 
PHE OXT  O N N 258 
PHE H    H N N 259 
PHE H2   H N N 260 
PHE HA   H N N 261 
PHE HB2  H N N 262 
PHE HB3  H N N 263 
PHE HD1  H N N 264 
PHE HD2  H N N 265 
PHE HE1  H N N 266 
PHE HE2  H N N 267 
PHE HZ   H N N 268 
PHE HXT  H N N 269 
PRO N    N N N 270 
PRO CA   C N S 271 
PRO C    C N N 272 
PRO O    O N N 273 
PRO CB   C N N 274 
PRO CG   C N N 275 
PRO CD   C N N 276 
PRO OXT  O N N 277 
PRO H    H N N 278 
PRO HA   H N N 279 
PRO HB2  H N N 280 
PRO HB3  H N N 281 
PRO HG2  H N N 282 
PRO HG3  H N N 283 
PRO HD2  H N N 284 
PRO HD3  H N N 285 
PRO HXT  H N N 286 
SER N    N N N 287 
SER CA   C N S 288 
SER C    C N N 289 
SER O    O N N 290 
SER CB   C N N 291 
SER OG   O N N 292 
SER OXT  O N N 293 
SER H    H N N 294 
SER H2   H N N 295 
SER HA   H N N 296 
SER HB2  H N N 297 
SER HB3  H N N 298 
SER HG   H N N 299 
SER HXT  H N N 300 
THR N    N N N 301 
THR CA   C N S 302 
THR C    C N N 303 
THR O    O N N 304 
THR CB   C N R 305 
THR OG1  O N N 306 
THR CG2  C N N 307 
THR OXT  O N N 308 
THR H    H N N 309 
THR H2   H N N 310 
THR HA   H N N 311 
THR HB   H N N 312 
THR HG1  H N N 313 
THR HG21 H N N 314 
THR HG22 H N N 315 
THR HG23 H N N 316 
THR HXT  H N N 317 
TRP N    N N N 318 
TRP CA   C N S 319 
TRP C    C N N 320 
TRP O    O N N 321 
TRP CB   C N N 322 
TRP CG   C Y N 323 
TRP CD1  C Y N 324 
TRP CD2  C Y N 325 
TRP NE1  N Y N 326 
TRP CE2  C Y N 327 
TRP CE3  C Y N 328 
TRP CZ2  C Y N 329 
TRP CZ3  C Y N 330 
TRP CH2  C Y N 331 
TRP OXT  O N N 332 
TRP H    H N N 333 
TRP H2   H N N 334 
TRP HA   H N N 335 
TRP HB2  H N N 336 
TRP HB3  H N N 337 
TRP HD1  H N N 338 
TRP HE1  H N N 339 
TRP HE3  H N N 340 
TRP HZ2  H N N 341 
TRP HZ3  H N N 342 
TRP HH2  H N N 343 
TRP HXT  H N N 344 
TYR N    N N N 345 
TYR CA   C N S 346 
TYR C    C N N 347 
TYR O    O N N 348 
TYR CB   C N N 349 
TYR CG   C Y N 350 
TYR CD1  C Y N 351 
TYR CD2  C Y N 352 
TYR CE1  C Y N 353 
TYR CE2  C Y N 354 
TYR CZ   C Y N 355 
TYR OH   O N N 356 
TYR OXT  O N N 357 
TYR H    H N N 358 
TYR H2   H N N 359 
TYR HA   H N N 360 
TYR HB2  H N N 361 
TYR HB3  H N N 362 
TYR HD1  H N N 363 
TYR HD2  H N N 364 
TYR HE1  H N N 365 
TYR HE2  H N N 366 
TYR HH   H N N 367 
TYR HXT  H N N 368 
VAL N    N N N 369 
VAL CA   C N S 370 
VAL C    C N N 371 
VAL O    O N N 372 
VAL CB   C N N 373 
VAL CG1  C N N 374 
VAL CG2  C N N 375 
VAL OXT  O N N 376 
VAL H    H N N 377 
VAL H2   H N N 378 
VAL HA   H N N 379 
VAL HB   H N N 380 
VAL HG11 H N N 381 
VAL HG12 H N N 382 
VAL HG13 H N N 383 
VAL HG21 H N N 384 
VAL HG22 H N N 385 
VAL HG23 H N N 386 
VAL HXT  H N N 387 
# 
loop_
_chem_comp_bond.comp_id 
_chem_comp_bond.atom_id_1 
_chem_comp_bond.atom_id_2 
_chem_comp_bond.value_order 
_chem_comp_bond.pdbx_aromatic_flag 
_chem_comp_bond.pdbx_stereo_config 
_chem_comp_bond.pdbx_ordinal 
ALA N   CA   sing N N 1   
ALA N   H    sing N N 2   
ALA N   H2   sing N N 3   
ALA CA  C    sing N N 4   
ALA CA  CB   sing N N 5   
ALA CA  HA   sing N N 6   
ALA C   O    doub N N 7   
ALA C   OXT  sing N N 8   
ALA CB  HB1  sing N N 9   
ALA CB  HB2  sing N N 10  
ALA CB  HB3  sing N N 11  
ALA OXT HXT  sing N N 12  
ARG N   CA   sing N N 13  
ARG N   H    sing N N 14  
ARG N   H2   sing N N 15  
ARG CA  C    sing N N 16  
ARG CA  CB   sing N N 17  
ARG CA  HA   sing N N 18  
ARG C   O    doub N N 19  
ARG C   OXT  sing N N 20  
ARG CB  CG   sing N N 21  
ARG CB  HB2  sing N N 22  
ARG CB  HB3  sing N N 23  
ARG CG  CD   sing N N 24  
ARG CG  HG2  sing N N 25  
ARG CG  HG3  sing N N 26  
ARG CD  NE   sing N N 27  
ARG CD  HD2  sing N N 28  
ARG CD  HD3  sing N N 29  
ARG NE  CZ   sing N N 30  
ARG NE  HE   sing N N 31  
ARG CZ  NH1  sing N N 32  
ARG CZ  NH2  doub N N 33  
ARG NH1 HH11 sing N N 34  
ARG NH1 HH12 sing N N 35  
ARG NH2 HH21 sing N N 36  
ARG NH2 HH22 sing N N 37  
ARG OXT HXT  sing N N 38  
ASN N   CA   sing N N 39  
ASN N   H    sing N N 40  
ASN N   H2   sing N N 41  
ASN CA  C    sing N N 42  
ASN CA  CB   sing N N 43  
ASN CA  HA   sing N N 44  
ASN C   O    doub N N 45  
ASN C   OXT  sing N N 46  
ASN CB  CG   sing N N 47  
ASN CB  HB2  sing N N 48  
ASN CB  HB3  sing N N 49  
ASN CG  OD1  doub N N 50  
ASN CG  ND2  sing N N 51  
ASN ND2 HD21 sing N N 52  
ASN ND2 HD22 sing N N 53  
ASN OXT HXT  sing N N 54  
ASP N   CA   sing N N 55  
ASP N   H    sing N N 56  
ASP N   H2   sing N N 57  
ASP CA  C    sing N N 58  
ASP CA  CB   sing N N 59  
ASP CA  HA   sing N N 60  
ASP C   O    doub N N 61  
ASP C   OXT  sing N N 62  
ASP CB  CG   sing N N 63  
ASP CB  HB2  sing N N 64  
ASP CB  HB3  sing N N 65  
ASP CG  OD1  doub N N 66  
ASP CG  OD2  sing N N 67  
ASP OD2 HD2  sing N N 68  
ASP OXT HXT  sing N N 69  
CYS N   CA   sing N N 70  
CYS N   H    sing N N 71  
CYS N   H2   sing N N 72  
CYS CA  C    sing N N 73  
CYS CA  CB   sing N N 74  
CYS CA  HA   sing N N 75  
CYS C   O    doub N N 76  
CYS C   OXT  sing N N 77  
CYS CB  SG   sing N N 78  
CYS CB  HB2  sing N N 79  
CYS CB  HB3  sing N N 80  
CYS SG  HG   sing N N 81  
CYS OXT HXT  sing N N 82  
GLN N   CA   sing N N 83  
GLN N   H    sing N N 84  
GLN N   H2   sing N N 85  
GLN CA  C    sing N N 86  
GLN CA  CB   sing N N 87  
GLN CA  HA   sing N N 88  
GLN C   O    doub N N 89  
GLN C   OXT  sing N N 90  
GLN CB  CG   sing N N 91  
GLN CB  HB2  sing N N 92  
GLN CB  HB3  sing N N 93  
GLN CG  CD   sing N N 94  
GLN CG  HG2  sing N N 95  
GLN CG  HG3  sing N N 96  
GLN CD  OE1  doub N N 97  
GLN CD  NE2  sing N N 98  
GLN NE2 HE21 sing N N 99  
GLN NE2 HE22 sing N N 100 
GLN OXT HXT  sing N N 101 
GLU N   CA   sing N N 102 
GLU N   H    sing N N 103 
GLU N   H2   sing N N 104 
GLU CA  C    sing N N 105 
GLU CA  CB   sing N N 106 
GLU CA  HA   sing N N 107 
GLU C   O    doub N N 108 
GLU C   OXT  sing N N 109 
GLU CB  CG   sing N N 110 
GLU CB  HB2  sing N N 111 
GLU CB  HB3  sing N N 112 
GLU CG  CD   sing N N 113 
GLU CG  HG2  sing N N 114 
GLU CG  HG3  sing N N 115 
GLU CD  OE1  doub N N 116 
GLU CD  OE2  sing N N 117 
GLU OE2 HE2  sing N N 118 
GLU OXT HXT  sing N N 119 
GLY N   CA   sing N N 120 
GLY N   H    sing N N 121 
GLY N   H2   sing N N 122 
GLY CA  C    sing N N 123 
GLY CA  HA2  sing N N 124 
GLY CA  HA3  sing N N 125 
GLY C   O    doub N N 126 
GLY C   OXT  sing N N 127 
GLY OXT HXT  sing N N 128 
HIS N   CA   sing N N 129 
HIS N   H    sing N N 130 
HIS N   H2   sing N N 131 
HIS CA  C    sing N N 132 
HIS CA  CB   sing N N 133 
HIS CA  HA   sing N N 134 
HIS C   O    doub N N 135 
HIS C   OXT  sing N N 136 
HIS CB  CG   sing N N 137 
HIS CB  HB2  sing N N 138 
HIS CB  HB3  sing N N 139 
HIS CG  ND1  sing Y N 140 
HIS CG  CD2  doub Y N 141 
HIS ND1 CE1  doub Y N 142 
HIS ND1 HD1  sing N N 143 
HIS CD2 NE2  sing Y N 144 
HIS CD2 HD2  sing N N 145 
HIS CE1 NE2  sing Y N 146 
HIS CE1 HE1  sing N N 147 
HIS NE2 HE2  sing N N 148 
HIS OXT HXT  sing N N 149 
ILE N   CA   sing N N 150 
ILE N   H    sing N N 151 
ILE N   H2   sing N N 152 
ILE CA  C    sing N N 153 
ILE CA  CB   sing N N 154 
ILE CA  HA   sing N N 155 
ILE C   O    doub N N 156 
ILE C   OXT  sing N N 157 
ILE CB  CG1  sing N N 158 
ILE CB  CG2  sing N N 159 
ILE CB  HB   sing N N 160 
ILE CG1 CD1  sing N N 161 
ILE CG1 HG12 sing N N 162 
ILE CG1 HG13 sing N N 163 
ILE CG2 HG21 sing N N 164 
ILE CG2 HG22 sing N N 165 
ILE CG2 HG23 sing N N 166 
ILE CD1 HD11 sing N N 167 
ILE CD1 HD12 sing N N 168 
ILE CD1 HD13 sing N N 169 
ILE OXT HXT  sing N N 170 
LEU N   CA   sing N N 171 
LEU N   H    sing N N 172 
LEU N   H2   sing N N 173 
LEU CA  C    sing N N 174 
LEU CA  CB   sing N N 175 
LEU CA  HA   sing N N 176 
LEU C   O    doub N N 177 
LEU C   OXT  sing N N 178 
LEU CB  CG   sing N N 179 
LEU CB  HB2  sing N N 180 
LEU CB  HB3  sing N N 181 
LEU CG  CD1  sing N N 182 
LEU CG  CD2  sing N N 183 
LEU CG  HG   sing N N 184 
LEU CD1 HD11 sing N N 185 
LEU CD1 HD12 sing N N 186 
LEU CD1 HD13 sing N N 187 
LEU CD2 HD21 sing N N 188 
LEU CD2 HD22 sing N N 189 
LEU CD2 HD23 sing N N 190 
LEU OXT HXT  sing N N 191 
LYS N   CA   sing N N 192 
LYS N   H    sing N N 193 
LYS N   H2   sing N N 194 
LYS CA  C    sing N N 195 
LYS CA  CB   sing N N 196 
LYS CA  HA   sing N N 197 
LYS C   O    doub N N 198 
LYS C   OXT  sing N N 199 
LYS CB  CG   sing N N 200 
LYS CB  HB2  sing N N 201 
LYS CB  HB3  sing N N 202 
LYS CG  CD   sing N N 203 
LYS CG  HG2  sing N N 204 
LYS CG  HG3  sing N N 205 
LYS CD  CE   sing N N 206 
LYS CD  HD2  sing N N 207 
LYS CD  HD3  sing N N 208 
LYS CE  NZ   sing N N 209 
LYS CE  HE2  sing N N 210 
LYS CE  HE3  sing N N 211 
LYS NZ  HZ1  sing N N 212 
LYS NZ  HZ2  sing N N 213 
LYS NZ  HZ3  sing N N 214 
LYS OXT HXT  sing N N 215 
MET N   CA   sing N N 216 
MET N   H    sing N N 217 
MET N   H2   sing N N 218 
MET CA  C    sing N N 219 
MET CA  CB   sing N N 220 
MET CA  HA   sing N N 221 
MET C   O    doub N N 222 
MET C   OXT  sing N N 223 
MET CB  CG   sing N N 224 
MET CB  HB2  sing N N 225 
MET CB  HB3  sing N N 226 
MET CG  SD   sing N N 227 
MET CG  HG2  sing N N 228 
MET CG  HG3  sing N N 229 
MET SD  CE   sing N N 230 
MET CE  HE1  sing N N 231 
MET CE  HE2  sing N N 232 
MET CE  HE3  sing N N 233 
MET OXT HXT  sing N N 234 
PHE N   CA   sing N N 235 
PHE N   H    sing N N 236 
PHE N   H2   sing N N 237 
PHE CA  C    sing N N 238 
PHE CA  CB   sing N N 239 
PHE CA  HA   sing N N 240 
PHE C   O    doub N N 241 
PHE C   OXT  sing N N 242 
PHE CB  CG   sing N N 243 
PHE CB  HB2  sing N N 244 
PHE CB  HB3  sing N N 245 
PHE CG  CD1  doub Y N 246 
PHE CG  CD2  sing Y N 247 
PHE CD1 CE1  sing Y N 248 
PHE CD1 HD1  sing N N 249 
PHE CD2 CE2  doub Y N 250 
PHE CD2 HD2  sing N N 251 
PHE CE1 CZ   doub Y N 252 
PHE CE1 HE1  sing N N 253 
PHE CE2 CZ   sing Y N 254 
PHE CE2 HE2  sing N N 255 
PHE CZ  HZ   sing N N 256 
PHE OXT HXT  sing N N 257 
PRO N   CA   sing N N 258 
PRO N   CD   sing N N 259 
PRO N   H    sing N N 260 
PRO CA  C    sing N N 261 
PRO CA  CB   sing N N 262 
PRO CA  HA   sing N N 263 
PRO C   O    doub N N 264 
PRO C   OXT  sing N N 265 
PRO CB  CG   sing N N 266 
PRO CB  HB2  sing N N 267 
PRO CB  HB3  sing N N 268 
PRO CG  CD   sing N N 269 
PRO CG  HG2  sing N N 270 
PRO CG  HG3  sing N N 271 
PRO CD  HD2  sing N N 272 
PRO CD  HD3  sing N N 273 
PRO OXT HXT  sing N N 274 
SER N   CA   sing N N 275 
SER N   H    sing N N 276 
SER N   H2   sing N N 277 
SER CA  C    sing N N 278 
SER CA  CB   sing N N 279 
SER CA  HA   sing N N 280 
SER C   O    doub N N 281 
SER C   OXT  sing N N 282 
SER CB  OG   sing N N 283 
SER CB  HB2  sing N N 284 
SER CB  HB3  sing N N 285 
SER OG  HG   sing N N 286 
SER OXT HXT  sing N N 287 
THR N   CA   sing N N 288 
THR N   H    sing N N 289 
THR N   H2   sing N N 290 
THR CA  C    sing N N 291 
THR CA  CB   sing N N 292 
THR CA  HA   sing N N 293 
THR C   O    doub N N 294 
THR C   OXT  sing N N 295 
THR CB  OG1  sing N N 296 
THR CB  CG2  sing N N 297 
THR CB  HB   sing N N 298 
THR OG1 HG1  sing N N 299 
THR CG2 HG21 sing N N 300 
THR CG2 HG22 sing N N 301 
THR CG2 HG23 sing N N 302 
THR OXT HXT  sing N N 303 
TRP N   CA   sing N N 304 
TRP N   H    sing N N 305 
TRP N   H2   sing N N 306 
TRP CA  C    sing N N 307 
TRP CA  CB   sing N N 308 
TRP CA  HA   sing N N 309 
TRP C   O    doub N N 310 
TRP C   OXT  sing N N 311 
TRP CB  CG   sing N N 312 
TRP CB  HB2  sing N N 313 
TRP CB  HB3  sing N N 314 
TRP CG  CD1  doub Y N 315 
TRP CG  CD2  sing Y N 316 
TRP CD1 NE1  sing Y N 317 
TRP CD1 HD1  sing N N 318 
TRP CD2 CE2  doub Y N 319 
TRP CD2 CE3  sing Y N 320 
TRP NE1 CE2  sing Y N 321 
TRP NE1 HE1  sing N N 322 
TRP CE2 CZ2  sing Y N 323 
TRP CE3 CZ3  doub Y N 324 
TRP CE3 HE3  sing N N 325 
TRP CZ2 CH2  doub Y N 326 
TRP CZ2 HZ2  sing N N 327 
TRP CZ3 CH2  sing Y N 328 
TRP CZ3 HZ3  sing N N 329 
TRP CH2 HH2  sing N N 330 
TRP OXT HXT  sing N N 331 
TYR N   CA   sing N N 332 
TYR N   H    sing N N 333 
TYR N   H2   sing N N 334 
TYR CA  C    sing N N 335 
TYR CA  CB   sing N N 336 
TYR CA  HA   sing N N 337 
TYR C   O    doub N N 338 
TYR C   OXT  sing N N 339 
TYR CB  CG   sing N N 340 
TYR CB  HB2  sing N N 341 
TYR CB  HB3  sing N N 342 
TYR CG  CD1  doub Y N 343 
TYR CG  CD2  sing Y N 344 
TYR CD1 CE1  sing Y N 345 
TYR CD1 HD1  sing N N 346 
TYR CD2 CE2  doub Y N 347 
TYR CD2 HD2  sing N N 348 
TYR CE1 CZ   doub Y N 349 
TYR CE1 HE1  sing N N 350 
TYR CE2 CZ   sing Y N 351 
TYR CE2 HE2  sing N N 352 
TYR CZ  OH   sing N N 353 
TYR OH  HH   sing N N 354 
TYR OXT HXT  sing N N 355 
VAL N   CA   sing N N 356 
VAL N   H    sing N N 357 
VAL N   H2   sing N N 358 
VAL CA  C    sing N N 359 
VAL CA  CB   sing N N 360 
VAL CA  HA   sing N N 361 
VAL C   O    doub N N 362 
VAL C   OXT  sing N N 363 
VAL CB  CG1  sing N N 364 
VAL CB  CG2  sing N N 365 
VAL CB  HB   sing N N 366 
VAL CG1 HG11 sing N N 367 
VAL CG1 HG12 sing N N 368 
VAL CG1 HG13 sing N N 369 
VAL CG2 HG21 sing N N 370 
VAL CG2 HG22 sing N N 371 
VAL CG2 HG23 sing N N 372 
VAL OXT HXT  sing N N 373 
# 
_atom_sites.entry_id                    2WVN 
_atom_sites.fract_transf_matrix[1][1]   0.00534274 
_atom_sites.fract_transf_matrix[1][2]   0.00596425 
_atom_sites.fract_transf_matrix[1][3]   0.00154494 
_atom_sites.fract_transf_matrix[2][1]   0.00185743 
_atom_sites.fract_transf_matrix[2][2]   -0.00350903 
_atom_sites.fract_transf_matrix[2][3]   0.00712325 
_atom_sites.fract_transf_matrix[3][1]   0.00587444 
_atom_sites.fract_transf_matrix[3][2]   -0.00431491 
_atom_sites.fract_transf_matrix[3][3]   -0.00365739 
_atom_sites.fract_transf_vector[1]      -0.138288 
_atom_sites.fract_transf_vector[2]      -0.339578 
_atom_sites.fract_transf_vector[3]      -0.316876 
# 
loop_
_atom_type.symbol 
C 
N 
O 
S 
# 
loop_
_atom_site.group_PDB 
_atom_site.id 
_atom_site.type_symbol 
_atom_site.label_atom_id 
_atom_site.label_alt_id 
_atom_site.label_comp_id 
_atom_site.label_asym_id 
_atom_site.label_entity_id 
_atom_site.label_seq_id 
_atom_site.pdbx_PDB_ins_code 
_atom_site.Cartn_x 
_atom_site.Cartn_y 
_atom_site.Cartn_z 
_atom_site.occupancy 
_atom_site.B_iso_or_equiv 
_atom_site.pdbx_formal_charge 
_atom_site.auth_seq_id 
_atom_site.auth_comp_id 
_atom_site.auth_asym_id 
_atom_site.auth_atom_id 
_atom_site.pdbx_PDB_model_num 
ATOM 1    N N   . ALA A 1 13  ? 22.779  -3.833  1.788   1.00 80.12 ? 11  ALA A N   1 
ATOM 2    C CA  . ALA A 1 13  ? 22.566  -5.037  2.694   1.00 79.31 ? 11  ALA A CA  1 
ATOM 3    C C   . ALA A 1 13  ? 21.999  -6.291  1.937   1.00 79.11 ? 11  ALA A C   1 
ATOM 4    O O   . ALA A 1 13  ? 22.798  -7.185  1.554   1.00 78.39 ? 11  ALA A O   1 
ATOM 5    C CB  . ALA A 1 13  ? 21.704  -4.648  3.971   1.00 79.61 ? 11  ALA A CB  1 
ATOM 6    N N   . LEU A 1 14  ? 20.652  -6.325  1.723   1.00 78.15 ? 12  LEU A N   1 
ATOM 7    C CA  . LEU A 1 14  ? 19.924  -7.368  0.896   1.00 76.69 ? 12  LEU A CA  1 
ATOM 8    C C   . LEU A 1 14  ? 19.751  -6.873  -0.536  1.00 74.39 ? 12  LEU A C   1 
ATOM 9    O O   . LEU A 1 14  ? 19.887  -5.671  -0.817  1.00 74.16 ? 12  LEU A O   1 
ATOM 10   C CB  . LEU A 1 14  ? 18.507  -7.715  1.416   1.00 76.36 ? 12  LEU A CB  1 
ATOM 11   C CG  . LEU A 1 14  ? 18.005  -7.684  2.868   1.00 77.05 ? 12  LEU A CG  1 
ATOM 12   C CD1 . LEU A 1 14  ? 17.467  -6.301  3.241   1.00 74.53 ? 12  LEU A CD1 1 
ATOM 13   C CD2 . LEU A 1 14  ? 16.933  -8.782  3.102   1.00 76.76 ? 12  LEU A CD2 1 
ATOM 14   N N   . ASN A 1 15  ? 19.420  -7.787  -1.443  1.00 71.42 ? 13  ASN A N   1 
ATOM 15   C CA  . ASN A 1 15  ? 19.207  -7.374  -2.808  1.00 68.76 ? 13  ASN A CA  1 
ATOM 16   C C   . ASN A 1 15  ? 17.930  -6.532  -2.899  1.00 66.85 ? 13  ASN A C   1 
ATOM 17   O O   . ASN A 1 15  ? 17.245  -6.335  -1.889  1.00 67.08 ? 13  ASN A O   1 
ATOM 18   C CB  . ASN A 1 15  ? 19.212  -8.573  -3.761  1.00 69.16 ? 13  ASN A CB  1 
ATOM 19   C CG  . ASN A 1 15  ? 18.276  -9.720  -3.320  1.00 70.41 ? 13  ASN A CG  1 
ATOM 20   O OD1 . ASN A 1 15  ? 17.184  -9.505  -2.765  1.00 71.28 ? 13  ASN A OD1 1 
ATOM 21   N ND2 . ASN A 1 15  ? 18.695  -10.954 -3.618  1.00 70.49 ? 13  ASN A ND2 1 
ATOM 22   N N   . VAL A 1 16  ? 17.618  -6.040  -4.098  1.00 63.78 ? 14  VAL A N   1 
ATOM 23   C CA  . VAL A 1 16  ? 16.477  -5.170  -4.344  1.00 60.12 ? 14  VAL A CA  1 
ATOM 24   C C   . VAL A 1 16  ? 15.149  -5.889  -4.076  1.00 59.25 ? 14  VAL A C   1 
ATOM 25   O O   . VAL A 1 16  ? 14.221  -5.295  -3.521  1.00 59.04 ? 14  VAL A O   1 
ATOM 26   C CB  . VAL A 1 16  ? 16.516  -4.626  -5.787  1.00 59.10 ? 14  VAL A CB  1 
ATOM 27   C CG1 . VAL A 1 16  ? 15.374  -3.692  -6.053  1.00 57.68 ? 14  VAL A CG1 1 
ATOM 28   C CG2 . VAL A 1 16  ? 17.806  -3.914  -6.034  1.00 58.24 ? 14  VAL A CG2 1 
ATOM 29   N N   . ALA A 1 17  ? 15.044  -7.155  -4.474  1.00 57.82 ? 15  ALA A N   1 
ATOM 30   C CA  . ALA A 1 17  ? 13.790  -7.894  -4.275  1.00 56.81 ? 15  ALA A CA  1 
ATOM 31   C C   . ALA A 1 17  ? 13.478  -8.018  -2.780  1.00 56.56 ? 15  ALA A C   1 
ATOM 32   O O   . ALA A 1 17  ? 12.355  -7.762  -2.358  1.00 56.02 ? 15  ALA A O   1 
ATOM 33   C CB  . ALA A 1 17  ? 13.813  -9.244  -4.975  1.00 55.65 ? 15  ALA A CB  1 
ATOM 34   N N   . GLY A 1 18  ? 14.499  -8.357  -1.987  1.00 57.07 ? 16  GLY A N   1 
ATOM 35   C CA  . GLY A 1 18  ? 14.433  -8.348  -0.511  1.00 57.07 ? 16  GLY A CA  1 
ATOM 36   C C   . GLY A 1 18  ? 14.037  -7.030  0.145   1.00 57.24 ? 16  GLY A C   1 
ATOM 37   O O   . GLY A 1 18  ? 13.270  -7.022  1.124   1.00 58.02 ? 16  GLY A O   1 
ATOM 38   N N   . LEU A 1 19  ? 14.555  -5.920  -0.376  1.00 56.59 ? 17  LEU A N   1 
ATOM 39   C CA  . LEU A 1 19  ? 14.158  -4.603  0.081   1.00 56.57 ? 17  LEU A CA  1 
ATOM 40   C C   . LEU A 1 19  ? 12.691  -4.374  -0.258  1.00 56.71 ? 17  LEU A C   1 
ATOM 41   O O   . LEU A 1 19  ? 11.905  -3.953  0.603   1.00 57.23 ? 17  LEU A O   1 
ATOM 42   C CB  . LEU A 1 19  ? 14.996  -3.512  -0.583  1.00 56.63 ? 17  LEU A CB  1 
ATOM 43   C CG  . LEU A 1 19  ? 16.431  -3.252  -0.121  1.00 58.11 ? 17  LEU A CG  1 
ATOM 44   C CD1 . LEU A 1 19  ? 17.112  -2.280  -1.092  1.00 56.84 ? 17  LEU A CD1 1 
ATOM 45   C CD2 . LEU A 1 19  ? 16.496  -2.734  1.351   1.00 58.54 ? 17  LEU A CD2 1 
ATOM 46   N N   . PHE A 1 20  ? 12.314  -4.653  -1.506  1.00 55.99 ? 18  PHE A N   1 
ATOM 47   C CA  . PHE A 1 20  ? 10.951  -4.446  -1.926  1.00 55.12 ? 18  PHE A CA  1 
ATOM 48   C C   . PHE A 1 20  ? 10.004  -5.215  -1.015  1.00 55.39 ? 18  PHE A C   1 
ATOM 49   O O   . PHE A 1 20  ? 9.112   -4.638  -0.409  1.00 55.03 ? 18  PHE A O   1 
ATOM 50   C CB  . PHE A 1 20  ? 10.756  -4.885  -3.357  1.00 54.61 ? 18  PHE A CB  1 
ATOM 51   C CG  . PHE A 1 20  ? 9.326   -4.811  -3.813  1.00 54.93 ? 18  PHE A CG  1 
ATOM 52   C CD1 . PHE A 1 20  ? 8.761   -3.587  -4.174  1.00 53.53 ? 18  PHE A CD1 1 
ATOM 53   C CD2 . PHE A 1 20  ? 8.543   -5.956  -3.889  1.00 52.63 ? 18  PHE A CD2 1 
ATOM 54   C CE1 . PHE A 1 20  ? 7.443   -3.499  -4.623  1.00 52.50 ? 18  PHE A CE1 1 
ATOM 55   C CE2 . PHE A 1 20  ? 7.208   -5.870  -4.324  1.00 53.14 ? 18  PHE A CE2 1 
ATOM 56   C CZ  . PHE A 1 20  ? 6.661   -4.644  -4.693  1.00 51.97 ? 18  PHE A CZ  1 
ATOM 57   N N   . ASN A 1 21  ? 10.219  -6.520  -0.888  1.00 55.75 ? 19  ASN A N   1 
ATOM 58   C CA  . ASN A 1 21  ? 9.369   -7.337  -0.036  1.00 56.28 ? 19  ASN A CA  1 
ATOM 59   C C   . ASN A 1 21  ? 9.255   -6.817  1.393   1.00 57.08 ? 19  ASN A C   1 
ATOM 60   O O   . ASN A 1 21  ? 8.200   -6.838  1.971   1.00 58.21 ? 19  ASN A O   1 
ATOM 61   C CB  . ASN A 1 21  ? 9.812   -8.787  -0.094  1.00 55.92 ? 19  ASN A CB  1 
ATOM 62   C CG  . ASN A 1 21  ? 9.662   -9.372  -1.496  1.00 56.50 ? 19  ASN A CG  1 
ATOM 63   O OD1 . ASN A 1 21  ? 8.663   -9.123  -2.164  1.00 60.84 ? 19  ASN A OD1 1 
ATOM 64   N ND2 . ASN A 1 21  ? 10.652  -10.121 -1.956  1.00 55.44 ? 19  ASN A ND2 1 
ATOM 65   N N   . ASN A 1 22  ? 10.323  -6.292  1.950   1.00 58.02 ? 20  ASN A N   1 
ATOM 66   C CA  . ASN A 1 22  ? 10.228  -5.710  3.274   1.00 58.37 ? 20  ASN A CA  1 
ATOM 67   C C   . ASN A 1 22  ? 9.406   -4.442  3.266   1.00 58.19 ? 20  ASN A C   1 
ATOM 68   O O   . ASN A 1 22  ? 8.657   -4.200  4.224   1.00 57.94 ? 20  ASN A O   1 
ATOM 69   C CB  . ASN A 1 22  ? 11.627  -5.511  3.886   1.00 59.23 ? 20  ASN A CB  1 
ATOM 70   C CG  . ASN A 1 22  ? 12.190  -6.819  4.457   1.00 61.08 ? 20  ASN A CG  1 
ATOM 71   O OD1 . ASN A 1 22  ? 11.912  -7.159  5.607   1.00 63.79 ? 20  ASN A OD1 1 
ATOM 72   N ND2 . ASN A 1 22  ? 12.941  -7.579  3.637   1.00 60.17 ? 20  ASN A ND2 1 
ATOM 73   N N   . CYS A 1 23  ? 9.519   -3.646  2.195   1.00 57.38 ? 21  CYS A N   1 
ATOM 74   C CA  . CYS A 1 23  ? 8.620   -2.507  2.019   1.00 57.69 ? 21  CYS A CA  1 
ATOM 75   C C   . CYS A 1 23  ? 7.184   -2.943  2.130   1.00 56.53 ? 21  CYS A C   1 
ATOM 76   O O   . CYS A 1 23  ? 6.437   -2.390  2.920   1.00 56.62 ? 21  CYS A O   1 
ATOM 77   C CB  . CYS A 1 23  ? 8.752   -1.877  0.649   1.00 57.72 ? 21  CYS A CB  1 
ATOM 78   S SG  . CYS A 1 23  ? 9.733   -0.483  0.693   1.00 66.32 ? 21  CYS A SG  1 
ATOM 79   N N   . VAL A 1 24  ? 6.780   -3.925  1.332   1.00 55.45 ? 22  VAL A N   1 
ATOM 80   C CA  . VAL A 1 24  ? 5.370   -4.266  1.288   1.00 54.64 ? 22  VAL A CA  1 
ATOM 81   C C   . VAL A 1 24  ? 4.967   -4.698  2.677   1.00 55.47 ? 22  VAL A C   1 
ATOM 82   O O   . VAL A 1 24  ? 3.975   -4.201  3.199   1.00 55.26 ? 22  VAL A O   1 
ATOM 83   C CB  . VAL A 1 24  ? 5.038   -5.300  0.205   1.00 54.32 ? 22  VAL A CB  1 
ATOM 84   C CG1 . VAL A 1 24  ? 3.602   -5.743  0.310   1.00 51.29 ? 22  VAL A CG1 1 
ATOM 85   C CG2 . VAL A 1 24  ? 5.332   -4.710  -1.167  1.00 51.31 ? 22  VAL A CG2 1 
ATOM 86   N N   . ASP A 1 25  ? 5.804   -5.534  3.299   1.00 55.97 ? 23  ASP A N   1 
ATOM 87   C CA  . ASP A 1 25  ? 5.609   -6.008  4.680   1.00 56.72 ? 23  ASP A CA  1 
ATOM 88   C C   . ASP A 1 25  ? 5.374   -4.919  5.714   1.00 56.77 ? 23  ASP A C   1 
ATOM 89   O O   . ASP A 1 25  ? 4.679   -5.176  6.677   1.00 57.55 ? 23  ASP A O   1 
ATOM 90   C CB  . ASP A 1 25  ? 6.811   -6.826  5.139   1.00 57.33 ? 23  ASP A CB  1 
ATOM 91   C CG  . ASP A 1 25  ? 6.455   -7.891  6.154   1.00 58.86 ? 23  ASP A CG  1 
ATOM 92   O OD1 . ASP A 1 25  ? 7.260   -8.073  7.102   1.00 61.56 ? 23  ASP A OD1 1 
ATOM 93   O OD2 . ASP A 1 25  ? 5.420   -8.587  5.985   1.00 60.03 ? 23  ASP A OD2 1 
ATOM 94   N N   . CYS A 1 26  ? 5.950   -3.732  5.526   1.00 56.26 ? 24  CYS A N   1 
ATOM 95   C CA  . CYS A 1 26  ? 5.872   -2.663  6.522   1.00 56.84 ? 24  CYS A CA  1 
ATOM 96   C C   . CYS A 1 26  ? 4.443   -2.211  6.812   1.00 57.10 ? 24  CYS A C   1 
ATOM 97   O O   . CYS A 1 26  ? 4.130   -1.888  7.960   1.00 56.22 ? 24  CYS A O   1 
ATOM 98   C CB  . CYS A 1 26  ? 6.687   -1.452  6.088   1.00 56.80 ? 24  CYS A CB  1 
ATOM 99   S SG  . CYS A 1 26  ? 8.460   -1.612  6.467   1.00 61.13 ? 24  CYS A SG  1 
ATOM 100  N N   . PHE A 1 27  ? 3.603   -2.167  5.769   1.00 57.07 ? 25  PHE A N   1 
ATOM 101  C CA  . PHE A 1 27  ? 2.188   -1.812  5.902   1.00 57.96 ? 25  PHE A CA  1 
ATOM 102  C C   . PHE A 1 27  ? 1.460   -2.764  6.863   1.00 59.08 ? 25  PHE A C   1 
ATOM 103  O O   . PHE A 1 27  ? 0.459   -2.394  7.468   1.00 58.76 ? 25  PHE A O   1 
ATOM 104  C CB  . PHE A 1 27  ? 1.491   -1.904  4.550   1.00 57.94 ? 25  PHE A CB  1 
ATOM 105  C CG  . PHE A 1 27  ? 1.889   -0.847  3.592   1.00 57.38 ? 25  PHE A CG  1 
ATOM 106  C CD1 . PHE A 1 27  ? 2.930   -1.058  2.705   1.00 56.69 ? 25  PHE A CD1 1 
ATOM 107  C CD2 . PHE A 1 27  ? 1.189   0.352   3.537   1.00 58.91 ? 25  PHE A CD2 1 
ATOM 108  C CE1 . PHE A 1 27  ? 3.306   -0.048  1.772   1.00 58.18 ? 25  PHE A CE1 1 
ATOM 109  C CE2 . PHE A 1 27  ? 1.548   1.381   2.614   1.00 59.81 ? 25  PHE A CE2 1 
ATOM 110  C CZ  . PHE A 1 27  ? 2.608   1.181   1.736   1.00 57.74 ? 25  PHE A CZ  1 
ATOM 111  N N   . GLU A 1 28  ? 2.000   -3.979  6.996   1.00 60.05 ? 26  GLU A N   1 
ATOM 112  C CA  . GLU A 1 28  ? 1.417   -5.036  7.790   1.00 61.62 ? 26  GLU A CA  1 
ATOM 113  C C   . GLU A 1 28  ? 1.381   -4.682  9.265   1.00 61.28 ? 26  GLU A C   1 
ATOM 114  O O   . GLU A 1 28  ? 0.591   -5.240  9.992   1.00 61.46 ? 26  GLU A O   1 
ATOM 115  C CB  . GLU A 1 28  ? 2.265   -6.296  7.618   1.00 62.12 ? 26  GLU A CB  1 
ATOM 116  C CG  . GLU A 1 28  ? 1.473   -7.566  7.495   1.00 67.89 ? 26  GLU A CG  1 
ATOM 117  C CD  . GLU A 1 28  ? 0.626   -7.583  6.214   1.00 76.07 ? 26  GLU A CD  1 
ATOM 118  O OE1 . GLU A 1 28  ? -0.571  -8.016  6.314   1.00 77.30 ? 26  GLU A OE1 1 
ATOM 119  O OE2 . GLU A 1 28  ? 1.154   -7.145  5.135   1.00 75.97 ? 26  GLU A OE2 1 
ATOM 120  N N   . TYR A 1 29  ? 2.253   -3.766  9.677   1.00 61.02 ? 27  TYR A N   1 
ATOM 121  C CA  . TYR A 1 29  ? 2.532   -3.458  11.069  1.00 61.06 ? 27  TYR A CA  1 
ATOM 122  C C   . TYR A 1 29  ? 2.031   -2.087  11.446  1.00 60.92 ? 27  TYR A C   1 
ATOM 123  O O   . TYR A 1 29  ? 2.265   -1.666  12.580  1.00 61.11 ? 27  TYR A O   1 
ATOM 124  C CB  . TYR A 1 29  ? 4.064   -3.561  11.358  1.00 61.41 ? 27  TYR A CB  1 
ATOM 125  C CG  . TYR A 1 29  ? 4.512   -5.010  11.215  1.00 63.34 ? 27  TYR A CG  1 
ATOM 126  C CD1 . TYR A 1 29  ? 4.910   -5.524  9.972   1.00 62.81 ? 27  TYR A CD1 1 
ATOM 127  C CD2 . TYR A 1 29  ? 4.434   -5.896  12.299  1.00 63.16 ? 27  TYR A CD2 1 
ATOM 128  C CE1 . TYR A 1 29  ? 5.253   -6.852  9.827   1.00 61.88 ? 27  TYR A CE1 1 
ATOM 129  C CE2 . TYR A 1 29  ? 4.772   -7.212  12.152  1.00 62.10 ? 27  TYR A CE2 1 
ATOM 130  C CZ  . TYR A 1 29  ? 5.179   -7.685  10.920  1.00 61.67 ? 27  TYR A CZ  1 
ATOM 131  O OH  . TYR A 1 29  ? 5.507   -9.013  10.795  1.00 61.23 ? 27  TYR A OH  1 
ATOM 132  N N   . VAL A 1 30  ? 1.373   -1.370  10.523  1.00 60.36 ? 28  VAL A N   1 
ATOM 133  C CA  . VAL A 1 30  ? 0.858   -0.050  10.901  1.00 59.69 ? 28  VAL A CA  1 
ATOM 134  C C   . VAL A 1 30  ? -0.586  -0.076  11.391  1.00 59.50 ? 28  VAL A C   1 
ATOM 135  O O   . VAL A 1 30  ? -1.473  -0.613  10.733  1.00 58.95 ? 28  VAL A O   1 
ATOM 136  C CB  . VAL A 1 30  ? 1.215   1.147   9.953   1.00 59.99 ? 28  VAL A CB  1 
ATOM 137  C CG1 . VAL A 1 30  ? 2.188   0.769   8.838   1.00 59.04 ? 28  VAL A CG1 1 
ATOM 138  C CG2 . VAL A 1 30  ? 0.003   1.819   9.444   1.00 58.87 ? 28  VAL A CG2 1 
ATOM 139  N N   . GLN A 1 31  ? -0.796  0.541   12.550  1.00 58.91 ? 29  GLN A N   1 
ATOM 140  C CA  . GLN A 1 31  ? -2.083  0.565   13.209  1.00 58.03 ? 29  GLN A CA  1 
ATOM 141  C C   . GLN A 1 31  ? -2.539  1.986   13.216  1.00 57.22 ? 29  GLN A C   1 
ATOM 142  O O   . GLN A 1 31  ? -1.721  2.892   13.096  1.00 57.65 ? 29  GLN A O   1 
ATOM 143  C CB  . GLN A 1 31  ? -1.929  0.104   14.647  1.00 58.31 ? 29  GLN A CB  1 
ATOM 144  C CG  . GLN A 1 31  ? -1.023  -1.085  14.776  1.00 59.76 ? 29  GLN A CG  1 
ATOM 145  C CD  . GLN A 1 31  ? -0.805  -1.532  16.199  1.00 63.05 ? 29  GLN A CD  1 
ATOM 146  O OE1 . GLN A 1 31  ? -1.001  -2.705  16.498  1.00 64.22 ? 29  GLN A OE1 1 
ATOM 147  N NE2 . GLN A 1 31  ? -0.367  -0.615  17.084  1.00 62.22 ? 29  GLN A NE2 1 
ATOM 148  N N   . LEU A 1 32  ? -3.847  2.188   13.346  1.00 56.19 ? 30  LEU A N   1 
ATOM 149  C CA  . LEU A 1 32  ? -4.391  3.530   13.409  1.00 55.27 ? 30  LEU A CA  1 
ATOM 150  C C   . LEU A 1 32  ? -4.969  3.735   14.770  1.00 55.42 ? 30  LEU A C   1 
ATOM 151  O O   . LEU A 1 32  ? -5.883  3.025   15.161  1.00 55.03 ? 30  LEU A O   1 
ATOM 152  C CB  . LEU A 1 32  ? -5.455  3.775   12.333  1.00 54.69 ? 30  LEU A CB  1 
ATOM 153  C CG  . LEU A 1 32  ? -5.155  3.367   10.898  1.00 53.13 ? 30  LEU A CG  1 
ATOM 154  C CD1 . LEU A 1 32  ? -6.074  4.087   9.937   1.00 51.41 ? 30  LEU A CD1 1 
ATOM 155  C CD2 . LEU A 1 32  ? -3.709  3.673   10.579  1.00 55.99 ? 30  LEU A CD2 1 
ATOM 156  N N   . GLY A 1 33  ? -4.443  4.733   15.480  1.00 56.23 ? 31  GLY A N   1 
ATOM 157  C CA  . GLY A 1 33  ? -4.849  5.023   16.856  1.00 56.99 ? 31  GLY A CA  1 
ATOM 158  C C   . GLY A 1 33  ? -6.182  5.734   17.012  1.00 57.45 ? 31  GLY A C   1 
ATOM 159  O O   . GLY A 1 33  ? -6.791  6.140   16.018  1.00 56.84 ? 31  GLY A O   1 
ATOM 160  N N   . ARG A 1 34  ? -6.626  5.895   18.270  1.00 58.38 ? 32  ARG A N   1 
ATOM 161  C CA  . ARG A 1 34  ? -7.976  6.470   18.570  1.00 59.05 ? 32  ARG A CA  1 
ATOM 162  C C   . ARG A 1 34  ? -8.331  7.793   17.833  1.00 58.04 ? 32  ARG A C   1 
ATOM 163  O O   . ARG A 1 34  ? -9.450  7.905   17.304  1.00 58.00 ? 32  ARG A O   1 
ATOM 164  C CB  . ARG A 1 34  ? -8.220  6.611   20.073  1.00 59.39 ? 32  ARG A CB  1 
ATOM 165  C CG  . ARG A 1 34  ? -9.685  6.724   20.512  1.00 63.66 ? 32  ARG A CG  1 
ATOM 166  C CD  . ARG A 1 34  ? -9.845  8.073   21.265  1.00 73.42 ? 32  ARG A CD  1 
ATOM 167  N NE  . ARG A 1 34  ? -10.834 8.059   22.349  1.00 79.10 ? 32  ARG A NE  1 
ATOM 168  C CZ  . ARG A 1 34  ? -12.160 8.146   22.178  1.00 83.29 ? 32  ARG A CZ  1 
ATOM 169  N NH1 . ARG A 1 34  ? -12.705 8.245   20.955  1.00 84.32 ? 32  ARG A NH1 1 
ATOM 170  N NH2 . ARG A 1 34  ? -12.960 8.123   23.242  1.00 84.83 ? 32  ARG A NH2 1 
ATOM 171  N N   . PRO A 1 35  ? -7.397  8.774   17.775  1.00 56.91 ? 33  PRO A N   1 
ATOM 172  C CA  . PRO A 1 35  ? -7.774  10.063  17.186  1.00 56.63 ? 33  PRO A CA  1 
ATOM 173  C C   . PRO A 1 35  ? -8.341  9.980   15.770  1.00 56.85 ? 33  PRO A C   1 
ATOM 174  O O   . PRO A 1 35  ? -9.007  10.912  15.361  1.00 57.24 ? 33  PRO A O   1 
ATOM 175  C CB  . PRO A 1 35  ? -6.471  10.866  17.193  1.00 55.87 ? 33  PRO A CB  1 
ATOM 176  C CG  . PRO A 1 35  ? -5.709  10.287  18.296  1.00 55.92 ? 33  PRO A CG  1 
ATOM 177  C CD  . PRO A 1 35  ? -6.009  8.804   18.247  1.00 57.11 ? 33  PRO A CD  1 
ATOM 178  N N   . PHE A 1 36  ? -8.108  8.904   15.015  1.00 56.50 ? 34  PHE A N   1 
ATOM 179  C CA  . PHE A 1 36  ? -8.715  8.839   13.670  1.00 56.23 ? 34  PHE A CA  1 
ATOM 180  C C   . PHE A 1 36  ? -10.218 8.883   13.682  1.00 56.56 ? 34  PHE A C   1 
ATOM 181  O O   . PHE A 1 36  ? -10.844 9.256   12.683  1.00 56.93 ? 34  PHE A O   1 
ATOM 182  C CB  . PHE A 1 36  ? -8.234  7.633   12.866  1.00 55.31 ? 34  PHE A CB  1 
ATOM 183  C CG  . PHE A 1 36  ? -6.894  7.838   12.286  1.00 54.08 ? 34  PHE A CG  1 
ATOM 184  C CD1 . PHE A 1 36  ? -5.751  7.445   12.985  1.00 53.39 ? 34  PHE A CD1 1 
ATOM 185  C CD2 . PHE A 1 36  ? -6.751  8.474   11.058  1.00 53.14 ? 34  PHE A CD2 1 
ATOM 186  C CE1 . PHE A 1 36  ? -4.450  7.662   12.453  1.00 50.25 ? 34  PHE A CE1 1 
ATOM 187  C CE2 . PHE A 1 36  ? -5.483  8.703   10.514  1.00 53.28 ? 34  PHE A CE2 1 
ATOM 188  C CZ  . PHE A 1 36  ? -4.323  8.274   11.210  1.00 51.83 ? 34  PHE A CZ  1 
ATOM 189  N N   . GLY A 1 37  ? -10.802 8.533   14.817  1.00 57.04 ? 35  GLY A N   1 
ATOM 190  C CA  . GLY A 1 37  ? -12.256 8.528   14.925  1.00 58.40 ? 35  GLY A CA  1 
ATOM 191  C C   . GLY A 1 37  ? -12.951 7.899   13.719  1.00 58.61 ? 35  GLY A C   1 
ATOM 192  O O   . GLY A 1 37  ? -12.569 6.838   13.251  1.00 58.22 ? 35  GLY A O   1 
ATOM 193  N N   . ARG A 1 38  ? -13.968 8.569   13.209  1.00 59.37 ? 36  ARG A N   1 
ATOM 194  C CA  . ARG A 1 38  ? -14.802 7.985   12.168  1.00 60.35 ? 36  ARG A CA  1 
ATOM 195  C C   . ARG A 1 38  ? -14.059 7.892   10.841  1.00 59.93 ? 36  ARG A C   1 
ATOM 196  O O   . ARG A 1 38  ? -14.509 7.189   9.922   1.00 60.40 ? 36  ARG A O   1 
ATOM 197  C CB  . ARG A 1 38  ? -16.089 8.777   12.016  1.00 60.67 ? 36  ARG A CB  1 
ATOM 198  C CG  . ARG A 1 38  ? -15.940 10.227  12.514  1.00 65.91 ? 36  ARG A CG  1 
ATOM 199  C CD  . ARG A 1 38  ? -16.855 11.198  11.751  1.00 71.38 ? 36  ARG A CD  1 
ATOM 200  N NE  . ARG A 1 38  ? -16.419 11.340  10.363  1.00 73.60 ? 36  ARG A NE  1 
ATOM 201  C CZ  . ARG A 1 38  ? -17.077 12.033  9.441   1.00 75.08 ? 36  ARG A CZ  1 
ATOM 202  N NH1 . ARG A 1 38  ? -18.203 12.654  9.754   1.00 75.53 ? 36  ARG A NH1 1 
ATOM 203  N NH2 . ARG A 1 38  ? -16.599 12.109  8.206   1.00 75.80 ? 36  ARG A NH2 1 
ATOM 204  N N   . ASP A 1 39  ? -12.916 8.572   10.749  1.00 58.88 ? 37  ASP A N   1 
ATOM 205  C CA  . ASP A 1 39  ? -12.044 8.435   9.578   1.00 58.40 ? 37  ASP A CA  1 
ATOM 206  C C   . ASP A 1 39  ? -11.236 7.125   9.528   1.00 57.27 ? 37  ASP A C   1 
ATOM 207  O O   . ASP A 1 39  ? -10.587 6.862   8.524   1.00 57.60 ? 37  ASP A O   1 
ATOM 208  C CB  . ASP A 1 39  ? -11.089 9.646   9.427   1.00 58.84 ? 37  ASP A CB  1 
ATOM 209  C CG  . ASP A 1 39  ? -11.822 10.936  9.109   1.00 60.40 ? 37  ASP A CG  1 
ATOM 210  O OD1 . ASP A 1 39  ? -12.917 10.870  8.518   1.00 63.75 ? 37  ASP A OD1 1 
ATOM 211  O OD2 . ASP A 1 39  ? -11.329 12.026  9.472   1.00 63.16 ? 37  ASP A OD2 1 
ATOM 212  N N   . TYR A 1 40  ? -11.260 6.321   10.586  1.00 55.73 ? 38  TYR A N   1 
ATOM 213  C CA  . TYR A 1 40  ? -10.552 5.045   10.571  1.00 55.30 ? 38  TYR A CA  1 
ATOM 214  C C   . TYR A 1 40  ? -10.750 4.182   9.301   1.00 55.10 ? 38  TYR A C   1 
ATOM 215  O O   . TYR A 1 40  ? -9.786  3.896   8.591   1.00 56.43 ? 38  TYR A O   1 
ATOM 216  C CB  . TYR A 1 40  ? -10.842 4.195   11.822  1.00 54.84 ? 38  TYR A CB  1 
ATOM 217  C CG  . TYR A 1 40  ? -10.365 2.786   11.658  1.00 52.45 ? 38  TYR A CG  1 
ATOM 218  C CD1 . TYR A 1 40  ? -9.011  2.511   11.397  1.00 51.98 ? 38  TYR A CD1 1 
ATOM 219  C CD2 . TYR A 1 40  ? -11.253 1.737   11.720  1.00 51.90 ? 38  TYR A CD2 1 
ATOM 220  C CE1 . TYR A 1 40  ? -8.566  1.229   11.224  1.00 50.14 ? 38  TYR A CE1 1 
ATOM 221  C CE2 . TYR A 1 40  ? -10.838 0.433   11.555  1.00 52.64 ? 38  TYR A CE2 1 
ATOM 222  C CZ  . TYR A 1 40  ? -9.496  0.182   11.311  1.00 54.55 ? 38  TYR A CZ  1 
ATOM 223  O OH  . TYR A 1 40  ? -9.084  -1.121  11.141  1.00 56.70 ? 38  TYR A OH  1 
ATOM 224  N N   . GLU A 1 41  ? -11.974 3.754   9.030   1.00 53.70 ? 39  GLU A N   1 
ATOM 225  C CA  . GLU A 1 41  ? -12.255 2.890   7.902   1.00 52.44 ? 39  GLU A CA  1 
ATOM 226  C C   . GLU A 1 41  ? -11.647 3.368   6.582   1.00 53.08 ? 39  GLU A C   1 
ATOM 227  O O   . GLU A 1 41  ? -10.930 2.605   5.899   1.00 54.25 ? 39  GLU A O   1 
ATOM 228  C CB  . GLU A 1 41  ? -13.754 2.772   7.741   1.00 51.79 ? 39  GLU A CB  1 
ATOM 229  C CG  . GLU A 1 41  ? -14.168 2.036   6.520   1.00 50.61 ? 39  GLU A CG  1 
ATOM 230  C CD  . GLU A 1 41  ? -15.532 1.400   6.650   1.00 50.38 ? 39  GLU A CD  1 
ATOM 231  O OE1 . GLU A 1 41  ? -15.998 1.209   7.807   1.00 52.19 ? 39  GLU A OE1 1 
ATOM 232  O OE2 . GLU A 1 41  ? -16.134 1.081   5.596   1.00 47.97 ? 39  GLU A OE2 1 
ATOM 233  N N   A ARG A 1 42  ? -11.945 4.616   6.209   0.50 52.92 ? 40  ARG A N   1 
ATOM 234  N N   B ARG A 1 42  ? -11.915 4.617   6.229   0.50 52.78 ? 40  ARG A N   1 
ATOM 235  C CA  A ARG A 1 42  ? -11.446 5.216   4.973   0.50 52.38 ? 40  ARG A CA  1 
ATOM 236  C CA  B ARG A 1 42  ? -11.442 5.165   4.981   0.50 52.17 ? 40  ARG A CA  1 
ATOM 237  C C   A ARG A 1 42  ? -9.922  5.270   4.950   0.50 52.81 ? 40  ARG A C   1 
ATOM 238  C C   B ARG A 1 42  ? -9.922  5.310   4.939   0.50 52.65 ? 40  ARG A C   1 
ATOM 239  O O   A ARG A 1 42  ? -9.309  4.970   3.929   0.50 52.95 ? 40  ARG A O   1 
ATOM 240  O O   B ARG A 1 42  ? -9.313  5.119   3.889   0.50 52.83 ? 40  ARG A O   1 
ATOM 241  C CB  A ARG A 1 42  ? -12.023 6.626   4.773   0.50 52.43 ? 40  ARG A CB  1 
ATOM 242  C CB  B ARG A 1 42  ? -12.106 6.505   4.727   0.50 51.87 ? 40  ARG A CB  1 
ATOM 243  C CG  A ARG A 1 42  ? -11.249 7.491   3.720   0.50 52.23 ? 40  ARG A CG  1 
ATOM 244  C CG  B ARG A 1 42  ? -11.728 7.122   3.406   0.50 50.54 ? 40  ARG A CG  1 
ATOM 245  C CD  A ARG A 1 42  ? -11.698 8.987   3.757   0.50 51.60 ? 40  ARG A CD  1 
ATOM 246  C CD  B ARG A 1 42  ? -12.203 6.270   2.258   0.50 47.43 ? 40  ARG A CD  1 
ATOM 247  N NE  A ARG A 1 42  ? -10.699 9.882   3.159   0.50 47.45 ? 40  ARG A NE  1 
ATOM 248  N NE  B ARG A 1 42  ? -12.650 7.140   1.189   0.50 44.20 ? 40  ARG A NE  1 
ATOM 249  C CZ  A ARG A 1 42  ? -10.461 9.995   1.847   0.50 46.32 ? 40  ARG A CZ  1 
ATOM 250  C CZ  B ARG A 1 42  ? -13.709 6.895   0.443   0.50 39.64 ? 40  ARG A CZ  1 
ATOM 251  N NH1 A ARG A 1 42  ? -11.119 9.258   0.934   0.50 41.85 ? 40  ARG A NH1 1 
ATOM 252  N NH1 B ARG A 1 42  ? -14.418 5.793   0.662   0.50 34.67 ? 40  ARG A NH1 1 
ATOM 253  N NH2 A ARG A 1 42  ? -9.539  10.853  1.444   0.50 46.06 ? 40  ARG A NH2 1 
ATOM 254  N NH2 B ARG A 1 42  ? -14.035 7.759   -0.519  0.50 37.11 ? 40  ARG A NH2 1 
ATOM 255  N N   . CYS A 1 43  ? -9.315  5.659   6.069   1.00 52.84 ? 41  CYS A N   1 
ATOM 256  C CA  . CYS A 1 43  ? -7.884  5.816   6.127   1.00 53.51 ? 41  CYS A CA  1 
ATOM 257  C C   . CYS A 1 43  ? -7.188  4.482   6.020   1.00 54.51 ? 41  CYS A C   1 
ATOM 258  O O   . CYS A 1 43  ? -6.128  4.364   5.384   1.00 55.72 ? 41  CYS A O   1 
ATOM 259  C CB  . CYS A 1 43  ? -7.473  6.507   7.398   1.00 54.04 ? 41  CYS A CB  1 
ATOM 260  S SG  . CYS A 1 43  ? -7.905  8.261   7.395   1.00 55.37 ? 41  CYS A SG  1 
ATOM 261  N N   . GLN A 1 44  ? -7.776  3.452   6.604   1.00 54.57 ? 42  GLN A N   1 
ATOM 262  C CA  . GLN A 1 44  ? -7.197  2.123   6.436   1.00 53.73 ? 42  GLN A CA  1 
ATOM 263  C C   . GLN A 1 44  ? -7.247  1.743   4.947   1.00 53.23 ? 42  GLN A C   1 
ATOM 264  O O   . GLN A 1 44  ? -6.229  1.347   4.369   1.00 53.20 ? 42  GLN A O   1 
ATOM 265  C CB  . GLN A 1 44  ? -7.893  1.092   7.341   1.00 52.96 ? 42  GLN A CB  1 
ATOM 266  C CG  . GLN A 1 44  ? -7.301  -0.274  7.216   1.00 51.26 ? 42  GLN A CG  1 
ATOM 267  C CD  . GLN A 1 44  ? -5.919  -0.325  7.836   1.00 51.43 ? 42  GLN A CD  1 
ATOM 268  O OE1 . GLN A 1 44  ? -5.725  0.092   8.953   1.00 54.52 ? 42  GLN A OE1 1 
ATOM 269  N NE2 . GLN A 1 44  ? -4.973  -0.832  7.114   1.00 49.68 ? 42  GLN A NE2 1 
ATOM 270  N N   . LEU A 1 45  ? -8.421  1.894   4.329   1.00 52.70 ? 43  LEU A N   1 
ATOM 271  C CA  . LEU A 1 45  ? -8.573  1.615   2.895   1.00 52.95 ? 43  LEU A CA  1 
ATOM 272  C C   . LEU A 1 45  ? -7.506  2.341   2.012   1.00 54.15 ? 43  LEU A C   1 
ATOM 273  O O   . LEU A 1 45  ? -6.896  1.730   1.085   1.00 54.89 ? 43  LEU A O   1 
ATOM 274  C CB  . LEU A 1 45  ? -10.006 1.853   2.443   1.00 52.11 ? 43  LEU A CB  1 
ATOM 275  C CG  . LEU A 1 45  ? -10.973 0.793   3.042   1.00 52.25 ? 43  LEU A CG  1 
ATOM 276  C CD1 . LEU A 1 45  ? -12.456 1.105   2.845   1.00 48.30 ? 43  LEU A CD1 1 
ATOM 277  C CD2 . LEU A 1 45  ? -10.693 -0.580  2.497   1.00 48.10 ? 43  LEU A CD2 1 
ATOM 278  N N   . ARG A 1 46  ? -7.215  3.596   2.338   1.00 53.60 ? 44  ARG A N   1 
ATOM 279  C CA  . ARG A 1 46  ? -6.170  4.300   1.636   1.00 54.22 ? 44  ARG A CA  1 
ATOM 280  C C   . ARG A 1 46  ? -4.770  3.681   1.834   1.00 54.45 ? 44  ARG A C   1 
ATOM 281  O O   . ARG A 1 46  ? -3.968  3.596   0.903   1.00 54.61 ? 44  ARG A O   1 
ATOM 282  C CB  . ARG A 1 46  ? -6.198  5.792   2.008   1.00 54.55 ? 44  ARG A CB  1 
ATOM 283  C CG  . ARG A 1 46  ? -7.296  6.572   1.267   1.00 53.21 ? 44  ARG A CG  1 
ATOM 284  C CD  . ARG A 1 46  ? -7.351  8.022   1.666   1.00 54.60 ? 44  ARG A CD  1 
ATOM 285  N NE  . ARG A 1 46  ? -6.401  8.937   1.003   1.00 55.57 ? 44  ARG A NE  1 
ATOM 286  C CZ  . ARG A 1 46  ? -6.435  9.243   -0.294  1.00 53.93 ? 44  ARG A CZ  1 
ATOM 287  N NH1 . ARG A 1 46  ? -7.321  8.653   -1.105  1.00 49.37 ? 44  ARG A NH1 1 
ATOM 288  N NH2 . ARG A 1 46  ? -5.569  10.131  -0.779  1.00 52.80 ? 44  ARG A NH2 1 
ATOM 289  N N   . LEU A 1 47  ? -4.475  3.220   3.037   1.00 54.61 ? 45  LEU A N   1 
ATOM 290  C CA  . LEU A 1 47  ? -3.198  2.565   3.261   1.00 54.44 ? 45  LEU A CA  1 
ATOM 291  C C   . LEU A 1 47  ? -3.220  1.263   2.461   1.00 54.33 ? 45  LEU A C   1 
ATOM 292  O O   . LEU A 1 47  ? -2.217  0.922   1.823   1.00 54.59 ? 45  LEU A O   1 
ATOM 293  C CB  . LEU A 1 47  ? -3.023  2.260   4.729   1.00 54.72 ? 45  LEU A CB  1 
ATOM 294  C CG  . LEU A 1 47  ? -1.848  2.702   5.609   1.00 56.96 ? 45  LEU A CG  1 
ATOM 295  C CD1 . LEU A 1 47  ? -0.930  3.733   4.961   1.00 56.97 ? 45  LEU A CD1 1 
ATOM 296  C CD2 . LEU A 1 47  ? -2.437  3.222   6.949   1.00 54.27 ? 45  LEU A CD2 1 
ATOM 297  N N   . ASP A 1 48  ? -4.363  0.565   2.448   1.00 53.72 ? 46  ASP A N   1 
ATOM 298  C CA  . ASP A 1 48  ? -4.444  -0.730  1.772   1.00 53.69 ? 46  ASP A CA  1 
ATOM 299  C C   . ASP A 1 48  ? -4.209  -0.511  0.263   1.00 53.81 ? 46  ASP A C   1 
ATOM 300  O O   . ASP A 1 48  ? -3.523  -1.300  -0.399  1.00 53.44 ? 46  ASP A O   1 
ATOM 301  C CB  . ASP A 1 48  ? -5.812  -1.374  1.964   1.00 53.99 ? 46  ASP A CB  1 
ATOM 302  C CG  . ASP A 1 48  ? -6.097  -1.817  3.418   1.00 56.55 ? 46  ASP A CG  1 
ATOM 303  O OD1 . ASP A 1 48  ? -7.315  -1.910  3.770   1.00 54.27 ? 46  ASP A OD1 1 
ATOM 304  O OD2 . ASP A 1 48  ? -5.131  -2.106  4.188   1.00 58.58 ? 46  ASP A OD2 1 
ATOM 305  N N   . ILE A 1 49  ? -4.769  0.577   -0.277  1.00 53.42 ? 47  ILE A N   1 
ATOM 306  C CA  . ILE A 1 49  ? -4.669  0.840   -1.714  1.00 52.53 ? 47  ILE A CA  1 
ATOM 307  C C   . ILE A 1 49  ? -3.225  1.192   -2.075  1.00 53.20 ? 47  ILE A C   1 
ATOM 308  O O   . ILE A 1 49  ? -2.682  0.638   -3.036  1.00 53.20 ? 47  ILE A O   1 
ATOM 309  C CB  . ILE A 1 49  ? -5.651  1.926   -2.166  1.00 51.82 ? 47  ILE A CB  1 
ATOM 310  C CG1 . ILE A 1 49  ? -7.067  1.377   -2.105  1.00 50.02 ? 47  ILE A CG1 1 
ATOM 311  C CG2 . ILE A 1 49  ? -5.328  2.387   -3.555  1.00 49.32 ? 47  ILE A CG2 1 
ATOM 312  C CD1 . ILE A 1 49  ? -8.144  2.423   -2.074  1.00 49.93 ? 47  ILE A CD1 1 
ATOM 313  N N   . ALA A 1 50  ? -2.606  2.082   -1.296  1.00 52.81 ? 48  ALA A N   1 
ATOM 314  C CA  . ALA A 1 50  ? -1.211  2.378   -1.503  1.00 53.32 ? 48  ALA A CA  1 
ATOM 315  C C   . ALA A 1 50  ? -0.407  1.079   -1.406  1.00 54.01 ? 48  ALA A C   1 
ATOM 316  O O   . ALA A 1 50  ? 0.416   0.814   -2.246  1.00 55.17 ? 48  ALA A O   1 
ATOM 317  C CB  . ALA A 1 50  ? -0.723  3.407   -0.499  1.00 52.65 ? 48  ALA A CB  1 
ATOM 318  N N   . LYS A 1 51  ? -0.654  0.247   -0.399  1.00 54.87 ? 49  LYS A N   1 
ATOM 319  C CA  . LYS A 1 51  ? -0.004  -1.077  -0.317  1.00 54.49 ? 49  LYS A CA  1 
ATOM 320  C C   . LYS A 1 51  ? -0.204  -1.882  -1.585  1.00 53.91 ? 49  LYS A C   1 
ATOM 321  O O   . LYS A 1 51  ? 0.745   -2.481  -2.081  1.00 54.89 ? 49  LYS A O   1 
ATOM 322  C CB  . LYS A 1 51  ? -0.565  -1.865  0.855   1.00 54.19 ? 49  LYS A CB  1 
ATOM 323  C CG  . LYS A 1 51  ? 0.126   -3.179  1.133   1.00 55.86 ? 49  LYS A CG  1 
ATOM 324  C CD  . LYS A 1 51  ? -0.738  -3.968  2.083   1.00 60.28 ? 49  LYS A CD  1 
ATOM 325  C CE  . LYS A 1 51  ? 0.060   -5.026  2.803   1.00 65.08 ? 49  LYS A CE  1 
ATOM 326  N NZ  . LYS A 1 51  ? -0.954  -5.896  3.522   1.00 68.10 ? 49  LYS A NZ  1 
ATOM 327  N N   . ALA A 1 52  ? -1.435  -1.889  -2.099  1.00 52.86 ? 50  ALA A N   1 
ATOM 328  C CA  . ALA A 1 52  ? -1.804  -2.649  -3.311  1.00 52.76 ? 50  ALA A CA  1 
ATOM 329  C C   . ALA A 1 52  ? -1.058  -2.175  -4.557  1.00 53.29 ? 50  ALA A C   1 
ATOM 330  O O   . ALA A 1 52  ? -0.646  -3.001  -5.414  1.00 54.39 ? 50  ALA A O   1 
ATOM 331  C CB  . ALA A 1 52  ? -3.306  -2.584  -3.569  1.00 51.32 ? 50  ALA A CB  1 
ATOM 332  N N   . ARG A 1 53  ? -0.890  -0.860  -4.647  1.00 52.19 ? 51  ARG A N   1 
ATOM 333  C CA  . ARG A 1 53  ? -0.297  -0.244  -5.779  1.00 52.82 ? 51  ARG A CA  1 
ATOM 334  C C   . ARG A 1 53  ? 1.197   -0.575  -5.828  1.00 52.80 ? 51  ARG A C   1 
ATOM 335  O O   . ARG A 1 53  ? 1.761   -0.810  -6.898  1.00 52.27 ? 51  ARG A O   1 
ATOM 336  C CB  . ARG A 1 53  ? -0.554  1.255   -5.667  1.00 54.33 ? 51  ARG A CB  1 
ATOM 337  C CG  . ARG A 1 53  ? 0.238   2.134   -6.614  1.00 55.26 ? 51  ARG A CG  1 
ATOM 338  C CD  . ARG A 1 53  ? -0.612  2.769   -7.637  1.00 55.17 ? 51  ARG A CD  1 
ATOM 339  N NE  . ARG A 1 53  ? 0.232   3.363   -8.662  1.00 56.56 ? 51  ARG A NE  1 
ATOM 340  C CZ  . ARG A 1 53  ? 0.732   4.589   -8.608  1.00 58.63 ? 51  ARG A CZ  1 
ATOM 341  N NH1 . ARG A 1 53  ? 0.479   5.378   -7.571  1.00 60.28 ? 51  ARG A NH1 1 
ATOM 342  N NH2 . ARG A 1 53  ? 1.496   5.028   -9.595  1.00 61.06 ? 51  ARG A NH2 1 
ATOM 343  N N   . LEU A 1 54  ? 1.831   -0.616  -4.661  1.00 52.79 ? 52  LEU A N   1 
ATOM 344  C CA  . LEU A 1 54  ? 3.235   -0.970  -4.575  1.00 52.72 ? 52  LEU A CA  1 
ATOM 345  C C   . LEU A 1 54  ? 3.419   -2.433  -4.976  1.00 53.08 ? 52  LEU A C   1 
ATOM 346  O O   . LEU A 1 54  ? 4.215   -2.748  -5.880  1.00 52.88 ? 52  LEU A O   1 
ATOM 347  C CB  . LEU A 1 54  ? 3.775   -0.661  -3.188  1.00 52.28 ? 52  LEU A CB  1 
ATOM 348  C CG  . LEU A 1 54  ? 5.227   -0.976  -2.827  1.00 52.97 ? 52  LEU A CG  1 
ATOM 349  C CD1 . LEU A 1 54  ? 6.214   -0.231  -3.693  1.00 52.46 ? 52  LEU A CD1 1 
ATOM 350  C CD2 . LEU A 1 54  ? 5.452   -0.620  -1.357  1.00 53.04 ? 52  LEU A CD2 1 
ATOM 351  N N   . SER A 1 55  ? 2.623   -3.337  -4.393  1.00 53.58 ? 53  SER A N   1 
ATOM 352  C CA  . SER A 1 55  ? 2.806   -4.758  -4.761  1.00 52.82 ? 53  SER A CA  1 
ATOM 353  C C   . SER A 1 55  ? 2.468   -5.055  -6.205  1.00 52.42 ? 53  SER A C   1 
ATOM 354  O O   . SER A 1 55  ? 3.068   -5.949  -6.805  1.00 52.66 ? 53  SER A O   1 
ATOM 355  C CB  . SER A 1 55  ? 2.054   -5.698  -3.838  1.00 52.00 ? 53  SER A CB  1 
ATOM 356  O OG  . SER A 1 55  ? 0.780   -5.930  -4.343  1.00 54.44 ? 53  SER A OG  1 
ATOM 357  N N   . ARG A 1 56  ? 1.486   -4.328  -6.752  1.00 52.86 ? 54  ARG A N   1 
ATOM 358  C CA  . ARG A 1 56  ? 1.149   -4.426  -8.173  1.00 52.58 ? 54  ARG A CA  1 
ATOM 359  C C   . ARG A 1 56  ? 2.410   -4.176  -8.984  1.00 51.99 ? 54  ARG A C   1 
ATOM 360  O O   . ARG A 1 56  ? 2.681   -4.917  -9.926  1.00 52.36 ? 54  ARG A O   1 
ATOM 361  C CB  . ARG A 1 56  ? 0.103   -3.400  -8.578  1.00 52.88 ? 54  ARG A CB  1 
ATOM 362  C CG  . ARG A 1 56  ? -0.257  -3.480  -10.061 1.00 53.80 ? 54  ARG A CG  1 
ATOM 363  C CD  . ARG A 1 56  ? -1.294  -2.452  -10.510 1.00 53.64 ? 54  ARG A CD  1 
ATOM 364  N NE  . ARG A 1 56  ? -2.425  -2.447  -9.588  1.00 54.61 ? 54  ARG A NE  1 
ATOM 365  C CZ  . ARG A 1 56  ? -2.913  -1.362  -9.000  1.00 53.72 ? 54  ARG A CZ  1 
ATOM 366  N NH1 . ARG A 1 56  ? -2.408  -0.147  -9.259  1.00 52.46 ? 54  ARG A NH1 1 
ATOM 367  N NH2 . ARG A 1 56  ? -3.911  -1.500  -8.146  1.00 50.26 ? 54  ARG A NH2 1 
ATOM 368  N N   . TRP A 1 57  ? 3.197   -3.168  -8.597  1.00 50.68 ? 55  TRP A N   1 
ATOM 369  C CA  . TRP A 1 57  ? 4.339   -2.776  -9.386  1.00 49.59 ? 55  TRP A CA  1 
ATOM 370  C C   . TRP A 1 57  ? 5.269   -3.953  -9.430  1.00 50.73 ? 55  TRP A C   1 
ATOM 371  O O   . TRP A 1 57  ? 5.804   -4.303  -10.514 1.00 51.79 ? 55  TRP A O   1 
ATOM 372  C CB  . TRP A 1 57  ? 5.074   -1.567  -8.800  1.00 48.15 ? 55  TRP A CB  1 
ATOM 373  C CG  . TRP A 1 57  ? 6.420   -1.306  -9.510  1.00 48.40 ? 55  TRP A CG  1 
ATOM 374  C CD1 . TRP A 1 57  ? 6.621   -0.632  -10.709 1.00 48.32 ? 55  TRP A CD1 1 
ATOM 375  C CD2 . TRP A 1 57  ? 7.733   -1.736  -9.083  1.00 46.20 ? 55  TRP A CD2 1 
ATOM 376  N NE1 . TRP A 1 57  ? 7.974   -0.638  -11.039 1.00 48.49 ? 55  TRP A NE1 1 
ATOM 377  C CE2 . TRP A 1 57  ? 8.667   -1.283  -10.046 1.00 46.75 ? 55  TRP A CE2 1 
ATOM 378  C CE3 . TRP A 1 57  ? 8.206   -2.446  -7.972  1.00 47.21 ? 55  TRP A CE3 1 
ATOM 379  C CZ2 . TRP A 1 57  ? 10.020  -1.548  -9.942  1.00 47.35 ? 55  TRP A CZ2 1 
ATOM 380  C CZ3 . TRP A 1 57  ? 9.573   -2.690  -7.861  1.00 46.58 ? 55  TRP A CZ3 1 
ATOM 381  C CH2 . TRP A 1 57  ? 10.455  -2.249  -8.844  1.00 46.78 ? 55  TRP A CH2 1 
ATOM 382  N N   . GLY A 1 58  ? 5.487   -4.556  -8.257  1.00 49.76 ? 56  GLY A N   1 
ATOM 383  C CA  . GLY A 1 58  ? 6.448   -5.602  -8.128  1.00 49.17 ? 56  GLY A CA  1 
ATOM 384  C C   . GLY A 1 58  ? 6.043   -6.782  -8.960  1.00 49.85 ? 56  GLY A C   1 
ATOM 385  O O   . GLY A 1 58  ? 6.866   -7.573  -9.343  1.00 50.25 ? 56  GLY A O   1 
ATOM 386  N N   . GLU A 1 59  ? 4.764   -6.927  -9.228  1.00 50.75 ? 57  GLU A N   1 
ATOM 387  C CA  . GLU A 1 59  ? 4.305   -8.054  -9.979  1.00 52.10 ? 57  GLU A CA  1 
ATOM 388  C C   . GLU A 1 59  ? 4.509   -7.733  -11.436 1.00 52.84 ? 57  GLU A C   1 
ATOM 389  O O   . GLU A 1 59  ? 5.045   -8.533  -12.211 1.00 53.47 ? 57  GLU A O   1 
ATOM 390  C CB  . GLU A 1 59  ? 2.842   -8.186  -9.779  1.00 52.96 ? 57  GLU A CB  1 
ATOM 391  C CG  . GLU A 1 59  ? 2.274   -9.181  -10.710 1.00 56.93 ? 57  GLU A CG  1 
ATOM 392  C CD  . GLU A 1 59  ? 1.801   -10.398 -9.985  1.00 61.44 ? 57  GLU A CD  1 
ATOM 393  O OE1 . GLU A 1 59  ? 2.536   -10.905 -9.121  1.00 63.74 ? 57  GLU A OE1 1 
ATOM 394  O OE2 . GLU A 1 59  ? 0.668   -10.829 -10.262 1.00 66.33 ? 57  GLU A OE2 1 
ATOM 395  N N   . ALA A 1 60  ? 4.091   -6.534  -11.817 1.00 52.99 ? 58  ALA A N   1 
ATOM 396  C CA  . ALA A 1 60  ? 4.240   -6.114  -13.187 1.00 52.84 ? 58  ALA A CA  1 
ATOM 397  C C   . ALA A 1 60  ? 5.704   -6.304  -13.606 1.00 53.17 ? 58  ALA A C   1 
ATOM 398  O O   . ALA A 1 60  ? 5.966   -6.748  -14.710 1.00 54.15 ? 58  ALA A O   1 
ATOM 399  C CB  . ALA A 1 60  ? 3.770   -4.686  -13.363 1.00 52.17 ? 58  ALA A CB  1 
ATOM 400  N N   . VAL A 1 61  ? 6.649   -6.022  -12.706 1.00 52.87 ? 59  VAL A N   1 
ATOM 401  C CA  . VAL A 1 61  ? 8.069   -6.046  -13.027 1.00 51.51 ? 59  VAL A CA  1 
ATOM 402  C C   . VAL A 1 61  ? 8.711   -7.441  -12.726 1.00 52.31 ? 59  VAL A C   1 
ATOM 403  O O   . VAL A 1 61  ? 9.918   -7.663  -12.911 1.00 51.88 ? 59  VAL A O   1 
ATOM 404  C CB  . VAL A 1 61  ? 8.733   -4.886  -12.288 1.00 51.28 ? 59  VAL A CB  1 
ATOM 405  C CG1 . VAL A 1 61  ? 9.571   -5.335  -11.092 1.00 49.55 ? 59  VAL A CG1 1 
ATOM 406  C CG2 . VAL A 1 61  ? 9.532   -4.136  -13.213 1.00 49.47 ? 59  VAL A CG2 1 
ATOM 407  N N   . LYS A 1 62  ? 7.882   -8.381  -12.269 1.00 52.46 ? 60  LYS A N   1 
ATOM 408  C CA  . LYS A 1 62  ? 8.337   -9.726  -11.954 1.00 53.04 ? 60  LYS A CA  1 
ATOM 409  C C   . LYS A 1 62  ? 9.544   -9.639  -11.001 1.00 52.06 ? 60  LYS A C   1 
ATOM 410  O O   . LYS A 1 62  ? 10.606  -10.209 -11.239 1.00 51.75 ? 60  LYS A O   1 
ATOM 411  C CB  . LYS A 1 62  ? 8.637   -10.522 -13.258 1.00 53.17 ? 60  LYS A CB  1 
ATOM 412  C CG  . LYS A 1 62  ? 7.400   -10.775 -14.147 1.00 54.55 ? 60  LYS A CG  1 
ATOM 413  C CD  . LYS A 1 62  ? 7.723   -10.858 -15.681 1.00 54.98 ? 60  LYS A CD  1 
ATOM 414  C CE  . LYS A 1 62  ? 6.412   -10.828 -16.557 1.00 56.09 ? 60  LYS A CE  1 
ATOM 415  N NZ  . LYS A 1 62  ? 6.479   -11.653 -17.842 1.00 54.77 ? 60  LYS A NZ  1 
ATOM 416  N N   . ILE A 1 63  ? 9.359   -8.925  -9.902  1.00 51.68 ? 61  ILE A N   1 
ATOM 417  C CA  . ILE A 1 63  ? 10.441  -8.696  -8.937  1.00 51.69 ? 61  ILE A CA  1 
ATOM 418  C C   . ILE A 1 63  ? 11.119  -9.964  -8.397  1.00 51.91 ? 61  ILE A C   1 
ATOM 419  O O   . ILE A 1 63  ? 12.281  -9.962  -8.141  1.00 51.68 ? 61  ILE A O   1 
ATOM 420  C CB  . ILE A 1 63  ? 10.005  -7.747  -7.772  1.00 51.33 ? 61  ILE A CB  1 
ATOM 421  C CG1 . ILE A 1 63  ? 11.187  -7.431  -6.848  1.00 49.76 ? 61  ILE A CG1 1 
ATOM 422  C CG2 . ILE A 1 63  ? 8.850   -8.346  -6.938  1.00 50.46 ? 61  ILE A CG2 1 
ATOM 423  C CD1 . ILE A 1 63  ? 11.837  -6.146  -7.118  1.00 44.97 ? 61  ILE A CD1 1 
ATOM 424  N N   . ASN A 1 64  ? 10.386  -11.041 -8.241  1.00 53.96 ? 62  ASN A N   1 
ATOM 425  C CA  . ASN A 1 64  ? 10.949  -12.260 -7.686  1.00 55.75 ? 62  ASN A CA  1 
ATOM 426  C C   . ASN A 1 64  ? 11.544  -13.223 -8.706  1.00 57.40 ? 62  ASN A C   1 
ATOM 427  O O   . ASN A 1 64  ? 12.154  -14.220 -8.320  1.00 57.65 ? 62  ASN A O   1 
ATOM 428  C CB  . ASN A 1 64  ? 9.880   -12.979 -6.884  1.00 55.77 ? 62  ASN A CB  1 
ATOM 429  C CG  . ASN A 1 64  ? 9.342   -12.133 -5.776  1.00 56.15 ? 62  ASN A CG  1 
ATOM 430  O OD1 . ASN A 1 64  ? 8.140   -11.986 -5.629  1.00 58.41 ? 62  ASN A OD1 1 
ATOM 431  N ND2 . ASN A 1 64  ? 10.236  -11.537 -4.994  1.00 56.95 ? 62  ASN A ND2 1 
ATOM 432  N N   . ASP A 1 65  ? 11.389  -12.930 -10.000 1.00 59.13 ? 63  ASP A N   1 
ATOM 433  C CA  . ASP A 1 65  ? 11.928  -13.812 -11.051 1.00 60.54 ? 63  ASP A CA  1 
ATOM 434  C C   . ASP A 1 65  ? 12.989  -13.179 -11.928 1.00 60.90 ? 63  ASP A C   1 
ATOM 435  O O   . ASP A 1 65  ? 13.873  -13.889 -12.391 1.00 61.25 ? 63  ASP A O   1 
ATOM 436  C CB  . ASP A 1 65  ? 10.809  -14.400 -11.919 1.00 60.96 ? 63  ASP A CB  1 
ATOM 437  C CG  . ASP A 1 65  ? 9.696   -15.003 -11.084 1.00 63.12 ? 63  ASP A CG  1 
ATOM 438  O OD1 . ASP A 1 65  ? 9.967   -15.943 -10.291 1.00 64.00 ? 63  ASP A OD1 1 
ATOM 439  O OD2 . ASP A 1 65  ? 8.547   -14.517 -11.203 1.00 66.72 ? 63  ASP A OD2 1 
ATOM 440  N N   . ASP A 1 66  ? 12.905  -11.866 -12.164 1.00 61.27 ? 64  ASP A N   1 
ATOM 441  C CA  . ASP A 1 66  ? 13.912  -11.165 -12.972 1.00 61.73 ? 64  ASP A CA  1 
ATOM 442  C C   . ASP A 1 66  ? 15.197  -11.040 -12.165 1.00 61.78 ? 64  ASP A C   1 
ATOM 443  O O   . ASP A 1 66  ? 15.197  -10.336 -11.164 1.00 61.71 ? 64  ASP A O   1 
ATOM 444  C CB  . ASP A 1 66  ? 13.402  -9.785  -13.386 1.00 61.85 ? 64  ASP A CB  1 
ATOM 445  C CG  . ASP A 1 66  ? 14.402  -9.005  -14.240 1.00 63.13 ? 64  ASP A CG  1 
ATOM 446  O OD1 . ASP A 1 66  ? 15.610  -9.329  -14.256 1.00 64.54 ? 64  ASP A OD1 1 
ATOM 447  O OD2 . ASP A 1 66  ? 13.966  -8.032  -14.893 1.00 64.45 ? 64  ASP A OD2 1 
ATOM 448  N N   . PRO A 1 67  ? 16.299  -11.703 -12.609 1.00 61.89 ? 65  PRO A N   1 
ATOM 449  C CA  . PRO A 1 67  ? 17.540  -11.806 -11.815 1.00 61.66 ? 65  PRO A CA  1 
ATOM 450  C C   . PRO A 1 67  ? 18.209  -10.480 -11.551 1.00 61.28 ? 65  PRO A C   1 
ATOM 451  O O   . PRO A 1 67  ? 19.022  -10.405 -10.640 1.00 60.57 ? 65  PRO A O   1 
ATOM 452  C CB  . PRO A 1 67  ? 18.484  -12.668 -12.685 1.00 61.15 ? 65  PRO A CB  1 
ATOM 453  C CG  . PRO A 1 67  ? 17.627  -13.314 -13.707 1.00 61.29 ? 65  PRO A CG  1 
ATOM 454  C CD  . PRO A 1 67  ? 16.436  -12.388 -13.913 1.00 62.53 ? 65  PRO A CD  1 
ATOM 455  N N   . ARG A 1 68  ? 17.882  -9.470  -12.357 1.00 61.53 ? 66  ARG A N   1 
ATOM 456  C CA  . ARG A 1 68  ? 18.410  -8.110  -12.199 1.00 62.13 ? 66  ARG A CA  1 
ATOM 457  C C   . ARG A 1 68  ? 18.181  -7.511  -10.811 1.00 61.97 ? 66  ARG A C   1 
ATOM 458  O O   . ARG A 1 68  ? 19.007  -6.726  -10.317 1.00 62.52 ? 66  ARG A O   1 
ATOM 459  C CB  . ARG A 1 68  ? 17.788  -7.188  -13.238 1.00 62.96 ? 66  ARG A CB  1 
ATOM 460  C CG  . ARG A 1 68  ? 18.577  -7.083  -14.521 1.00 64.24 ? 66  ARG A CG  1 
ATOM 461  C CD  . ARG A 1 68  ? 17.602  -6.976  -15.693 1.00 67.54 ? 66  ARG A CD  1 
ATOM 462  N NE  . ARG A 1 68  ? 17.314  -5.591  -16.087 1.00 67.01 ? 66  ARG A NE  1 
ATOM 463  C CZ  . ARG A 1 68  ? 16.118  -5.008  -16.028 1.00 64.58 ? 66  ARG A CZ  1 
ATOM 464  N NH1 . ARG A 1 68  ? 15.060  -5.660  -15.567 1.00 61.46 ? 66  ARG A NH1 1 
ATOM 465  N NH2 . ARG A 1 68  ? 15.998  -3.752  -16.434 1.00 64.94 ? 66  ARG A NH2 1 
ATOM 466  N N   . PHE A 1 69  ? 17.054  -7.875  -10.199 1.00 61.58 ? 67  PHE A N   1 
ATOM 467  C CA  . PHE A 1 69  ? 16.721  -7.471  -8.840  1.00 61.21 ? 67  PHE A CA  1 
ATOM 468  C C   . PHE A 1 69  ? 17.314  -8.397  -7.777  1.00 62.01 ? 67  PHE A C   1 
ATOM 469  O O   . PHE A 1 69  ? 16.936  -8.321  -6.606  1.00 62.48 ? 67  PHE A O   1 
ATOM 470  C CB  . PHE A 1 69  ? 15.207  -7.468  -8.656  1.00 60.26 ? 67  PHE A CB  1 
ATOM 471  C CG  . PHE A 1 69  ? 14.474  -6.594  -9.610  1.00 58.54 ? 67  PHE A CG  1 
ATOM 472  C CD1 . PHE A 1 69  ? 13.682  -7.148  -10.588 1.00 57.42 ? 67  PHE A CD1 1 
ATOM 473  C CD2 . PHE A 1 69  ? 14.534  -5.209  -9.498  1.00 58.49 ? 67  PHE A CD2 1 
ATOM 474  C CE1 . PHE A 1 69  ? 12.981  -6.347  -11.474 1.00 57.71 ? 67  PHE A CE1 1 
ATOM 475  C CE2 . PHE A 1 69  ? 13.837  -4.386  -10.388 1.00 57.84 ? 67  PHE A CE2 1 
ATOM 476  C CZ  . PHE A 1 69  ? 13.067  -4.955  -11.383 1.00 57.11 ? 67  PHE A CZ  1 
ATOM 477  N N   . HIS A 1 70  ? 18.213  -9.288  -8.166  1.00 63.01 ? 68  HIS A N   1 
ATOM 478  C CA  . HIS A 1 70  ? 18.708  -10.291 -7.223  1.00 64.20 ? 68  HIS A CA  1 
ATOM 479  C C   . HIS A 1 70  ? 20.182  -10.150 -6.884  1.00 64.91 ? 68  HIS A C   1 
ATOM 480  O O   . HIS A 1 70  ? 20.790  -11.085 -6.384  1.00 65.22 ? 68  HIS A O   1 
ATOM 481  C CB  . HIS A 1 70  ? 18.361  -11.708 -7.696  1.00 64.09 ? 68  HIS A CB  1 
ATOM 482  C CG  . HIS A 1 70  ? 16.931  -12.064 -7.467  1.00 65.24 ? 68  HIS A CG  1 
ATOM 483  N ND1 . HIS A 1 70  ? 15.895  -11.469 -8.159  1.00 65.32 ? 68  HIS A ND1 1 
ATOM 484  C CD2 . HIS A 1 70  ? 16.355  -12.910 -6.580  1.00 67.17 ? 68  HIS A CD2 1 
ATOM 485  C CE1 . HIS A 1 70  ? 14.744  -11.956 -7.734  1.00 64.59 ? 68  HIS A CE1 1 
ATOM 486  N NE2 . HIS A 1 70  ? 14.994  -12.825 -6.767  1.00 67.02 ? 68  HIS A NE2 1 
ATOM 487  N N   . SER A 1 71  ? 20.740  -8.974  -7.145  1.00 66.09 ? 69  SER A N   1 
ATOM 488  C CA  . SER A 1 71  ? 22.082  -8.645  -6.703  1.00 67.51 ? 69  SER A CA  1 
ATOM 489  C C   . SER A 1 71  ? 22.089  -7.420  -5.767  1.00 68.02 ? 69  SER A C   1 
ATOM 490  O O   . SER A 1 71  ? 21.094  -6.674  -5.670  1.00 67.43 ? 69  SER A O   1 
ATOM 491  C CB  . SER A 1 71  ? 23.012  -8.462  -7.902  1.00 68.12 ? 69  SER A CB  1 
ATOM 492  O OG  . SER A 1 71  ? 22.402  -7.632  -8.876  1.00 70.06 ? 69  SER A OG  1 
ATOM 493  N N   . ASP A 1 72  ? 23.216  -7.244  -5.070  1.00 69.08 ? 70  ASP A N   1 
ATOM 494  C CA  . ASP A 1 72  ? 23.341  -6.257  -3.988  1.00 69.99 ? 70  ASP A CA  1 
ATOM 495  C C   . ASP A 1 72  ? 23.701  -4.876  -4.556  1.00 70.15 ? 70  ASP A C   1 
ATOM 496  O O   . ASP A 1 72  ? 23.086  -3.874  -4.194  1.00 70.07 ? 70  ASP A O   1 
ATOM 497  C CB  . ASP A 1 72  ? 24.369  -6.727  -2.944  1.00 70.02 ? 70  ASP A CB  1 
ATOM 498  N N   . ALA A 1 73  ? 24.690  -4.838  -5.448  1.00 70.11 ? 71  ALA A N   1 
ATOM 499  C CA  . ALA A 1 73  ? 24.906  -3.674  -6.310  1.00 70.39 ? 71  ALA A CA  1 
ATOM 500  C C   . ALA A 1 73  ? 24.583  -4.050  -7.764  1.00 70.17 ? 71  ALA A C   1 
ATOM 501  O O   . ALA A 1 73  ? 25.365  -4.736  -8.431  1.00 70.08 ? 71  ALA A O   1 
ATOM 502  C CB  . ALA A 1 73  ? 26.362  -3.113  -6.176  1.00 70.53 ? 71  ALA A CB  1 
ATOM 503  N N   . PRO A 1 74  ? 23.399  -3.640  -8.244  1.00 70.04 ? 72  PRO A N   1 
ATOM 504  C CA  . PRO A 1 74  ? 23.083  -3.842  -9.673  1.00 69.66 ? 72  PRO A CA  1 
ATOM 505  C C   . PRO A 1 74  ? 23.735  -2.761  -10.537 1.00 69.31 ? 72  PRO A C   1 
ATOM 506  O O   . PRO A 1 74  ? 23.949  -1.634  -10.058 1.00 68.95 ? 72  PRO A O   1 
ATOM 507  C CB  . PRO A 1 74  ? 21.559  -3.737  -9.720  1.00 69.28 ? 72  PRO A CB  1 
ATOM 508  C CG  . PRO A 1 74  ? 21.208  -2.893  -8.510  1.00 69.33 ? 72  PRO A CG  1 
ATOM 509  C CD  . PRO A 1 74  ? 22.298  -2.997  -7.497  1.00 69.58 ? 72  PRO A CD  1 
ATOM 510  N N   . THR A 1 75  ? 24.043  -3.114  -11.788 1.00 69.28 ? 73  THR A N   1 
ATOM 511  C CA  . THR A 1 75  ? 24.713  -2.209  -12.747 1.00 69.01 ? 73  THR A CA  1 
ATOM 512  C C   . THR A 1 75  ? 23.669  -1.322  -13.390 1.00 68.77 ? 73  THR A C   1 
ATOM 513  O O   . THR A 1 75  ? 23.873  -0.123  -13.545 1.00 68.43 ? 73  THR A O   1 
ATOM 514  C CB  . THR A 1 75  ? 25.377  -2.971  -13.915 1.00 68.88 ? 73  THR A CB  1 
ATOM 515  O OG1 . THR A 1 75  ? 25.178  -4.382  -13.754 1.00 68.64 ? 73  THR A OG1 1 
ATOM 516  C CG2 . THR A 1 75  ? 26.880  -2.615  -14.053 1.00 69.09 ? 73  THR A CG2 1 
ATOM 517  N N   . ASP A 1 76  ? 22.549  -1.950  -13.751 1.00 68.81 ? 74  ASP A N   1 
ATOM 518  C CA  . ASP A 1 76  ? 21.492  -1.342  -14.540 1.00 68.39 ? 74  ASP A CA  1 
ATOM 519  C C   . ASP A 1 76  ? 20.982  -0.070  -13.879 1.00 67.24 ? 74  ASP A C   1 
ATOM 520  O O   . ASP A 1 76  ? 20.846  -0.038  -12.661 1.00 67.47 ? 74  ASP A O   1 
ATOM 521  C CB  . ASP A 1 76  ? 20.361  -2.350  -14.691 1.00 68.94 ? 74  ASP A CB  1 
ATOM 522  C CG  . ASP A 1 76  ? 19.315  -1.888  -15.685 1.00 71.70 ? 74  ASP A CG  1 
ATOM 523  O OD1 . ASP A 1 76  ? 19.510  -2.122  -16.904 1.00 74.19 ? 74  ASP A OD1 1 
ATOM 524  O OD2 . ASP A 1 76  ? 18.301  -1.283  -15.245 1.00 74.13 ? 74  ASP A OD2 1 
ATOM 525  N N   . LYS A 1 77  ? 20.712  0.970   -14.666 1.00 65.95 ? 75  LYS A N   1 
ATOM 526  C CA  . LYS A 1 77  ? 20.256  2.250   -14.108 1.00 65.03 ? 75  LYS A CA  1 
ATOM 527  C C   . LYS A 1 77  ? 18.909  2.122   -13.432 1.00 63.84 ? 75  LYS A C   1 
ATOM 528  O O   . LYS A 1 77  ? 18.746  2.512   -12.268 1.00 64.02 ? 75  LYS A O   1 
ATOM 529  C CB  . LYS A 1 77  ? 20.201  3.356   -15.164 1.00 65.37 ? 75  LYS A CB  1 
ATOM 530  C CG  . LYS A 1 77  ? 21.271  4.439   -14.944 1.00 66.44 ? 75  LYS A CG  1 
ATOM 531  C CD  . LYS A 1 77  ? 21.452  5.408   -16.131 1.00 66.31 ? 75  LYS A CD  1 
ATOM 532  C CE  . LYS A 1 77  ? 22.955  5.795   -16.354 1.00 68.82 ? 75  LYS A CE  1 
ATOM 533  N NZ  . LYS A 1 77  ? 23.610  6.491   -15.180 1.00 69.14 ? 75  LYS A NZ  1 
ATOM 534  N N   . SER A 1 78  ? 17.955  1.554   -14.160 1.00 62.13 ? 76  SER A N   1 
ATOM 535  C CA  . SER A 1 78  ? 16.606  1.369   -13.668 1.00 60.56 ? 76  SER A CA  1 
ATOM 536  C C   . SER A 1 78  ? 16.533  0.602   -12.368 1.00 59.62 ? 76  SER A C   1 
ATOM 537  O O   . SER A 1 78  ? 15.803  1.006   -11.442 1.00 59.19 ? 76  SER A O   1 
ATOM 538  C CB  . SER A 1 78  ? 15.747  0.712   -14.720 1.00 60.36 ? 76  SER A CB  1 
ATOM 539  O OG  . SER A 1 78  ? 15.319  1.719   -15.608 1.00 62.05 ? 76  SER A OG  1 
ATOM 540  N N   . VAL A 1 79  ? 17.301  -0.479  -12.272 1.00 58.50 ? 77  VAL A N   1 
ATOM 541  C CA  . VAL A 1 79  ? 17.279  -1.246  -11.036 1.00 57.69 ? 77  VAL A CA  1 
ATOM 542  C C   . VAL A 1 79  ? 17.870  -0.436  -9.878  1.00 57.33 ? 77  VAL A C   1 
ATOM 543  O O   . VAL A 1 79  ? 17.428  -0.589  -8.736  1.00 57.32 ? 77  VAL A O   1 
ATOM 544  C CB  . VAL A 1 79  ? 17.924  -2.631  -11.165 1.00 57.63 ? 77  VAL A CB  1 
ATOM 545  C CG1 . VAL A 1 79  ? 17.923  -3.342  -9.811  1.00 56.45 ? 77  VAL A CG1 1 
ATOM 546  C CG2 . VAL A 1 79  ? 17.162  -3.476  -12.203 1.00 57.44 ? 77  VAL A CG2 1 
ATOM 547  N N   . GLN A 1 80  ? 18.821  0.443   -10.182 1.00 56.62 ? 78  GLN A N   1 
ATOM 548  C CA  . GLN A 1 80  ? 19.399  1.312   -9.173  1.00 57.10 ? 78  GLN A CA  1 
ATOM 549  C C   . GLN A 1 80  ? 18.405  2.343   -8.650  1.00 57.15 ? 78  GLN A C   1 
ATOM 550  O O   . GLN A 1 80  ? 18.408  2.612   -7.474  1.00 56.83 ? 78  GLN A O   1 
ATOM 551  C CB  . GLN A 1 80  ? 20.639  2.033   -9.707  1.00 57.76 ? 78  GLN A CB  1 
ATOM 552  C CG  . GLN A 1 80  ? 21.970  1.372   -9.380  1.00 57.00 ? 78  GLN A CG  1 
ATOM 553  C CD  . GLN A 1 80  ? 23.086  1.991   -10.177 1.00 56.16 ? 78  GLN A CD  1 
ATOM 554  O OE1 . GLN A 1 80  ? 23.482  1.456   -11.199 1.00 55.99 ? 78  GLN A OE1 1 
ATOM 555  N NE2 . GLN A 1 80  ? 23.578  3.136   -9.729  1.00 53.60 ? 78  GLN A NE2 1 
ATOM 556  N N   . LEU A 1 81  ? 17.582  2.929   -9.525  1.00 57.47 ? 79  LEU A N   1 
ATOM 557  C CA  . LEU A 1 81  ? 16.543  3.863   -9.097  1.00 58.11 ? 79  LEU A CA  1 
ATOM 558  C C   . LEU A 1 81  ? 15.625  3.158   -8.126  1.00 57.60 ? 79  LEU A C   1 
ATOM 559  O O   . LEU A 1 81  ? 15.329  3.685   -7.028  1.00 56.98 ? 79  LEU A O   1 
ATOM 560  C CB  . LEU A 1 81  ? 15.675  4.314   -10.266 1.00 58.20 ? 79  LEU A CB  1 
ATOM 561  C CG  . LEU A 1 81  ? 15.994  5.504   -11.182 1.00 61.57 ? 79  LEU A CG  1 
ATOM 562  C CD1 . LEU A 1 81  ? 16.807  5.072   -12.391 1.00 62.91 ? 79  LEU A CD1 1 
ATOM 563  C CD2 . LEU A 1 81  ? 14.665  6.161   -11.677 1.00 60.93 ? 79  LEU A CD2 1 
ATOM 564  N N   . ALA A 1 82  ? 15.163  1.965   -8.539  1.00 56.83 ? 80  ALA A N   1 
ATOM 565  C CA  . ALA A 1 82  ? 14.155  1.243   -7.786  1.00 56.07 ? 80  ALA A CA  1 
ATOM 566  C C   . ALA A 1 82  ? 14.738  0.830   -6.472  1.00 55.63 ? 80  ALA A C   1 
ATOM 567  O O   . ALA A 1 82  ? 14.057  0.809   -5.499  1.00 54.71 ? 80  ALA A O   1 
ATOM 568  C CB  . ALA A 1 82  ? 13.655  0.013   -8.558  1.00 57.02 ? 80  ALA A CB  1 
ATOM 569  N N   . LYS A 1 83  ? 16.018  0.503   -6.455  1.00 56.04 ? 81  LYS A N   1 
ATOM 570  C CA  . LYS A 1 83  ? 16.724  0.255   -5.212  1.00 56.57 ? 81  LYS A CA  1 
ATOM 571  C C   . LYS A 1 83  ? 16.738  1.532   -4.327  1.00 56.22 ? 81  LYS A C   1 
ATOM 572  O O   . LYS A 1 83  ? 16.324  1.489   -3.149  1.00 56.37 ? 81  LYS A O   1 
ATOM 573  C CB  . LYS A 1 83  ? 18.104  -0.351  -5.546  1.00 56.63 ? 81  LYS A CB  1 
ATOM 574  C CG  . LYS A 1 83  ? 19.296  0.084   -4.749  1.00 59.34 ? 81  LYS A CG  1 
ATOM 575  C CD  . LYS A 1 83  ? 19.799  -0.968  -3.782  1.00 61.15 ? 81  LYS A CD  1 
ATOM 576  C CE  . LYS A 1 83  ? 21.195  -0.549  -3.325  1.00 61.84 ? 81  LYS A CE  1 
ATOM 577  N NZ  . LYS A 1 83  ? 21.852  -1.586  -2.502  1.00 61.79 ? 81  LYS A NZ  1 
ATOM 578  N N   . SER A 1 84  ? 17.150  2.661   -4.900  1.00 55.67 ? 82  SER A N   1 
ATOM 579  C CA  . SER A 1 84  ? 17.037  3.952   -4.221  1.00 56.03 ? 82  SER A CA  1 
ATOM 580  C C   . SER A 1 84  ? 15.602  4.198   -3.697  1.00 56.19 ? 82  SER A C   1 
ATOM 581  O O   . SER A 1 84  ? 15.422  4.318   -2.498  1.00 57.23 ? 82  SER A O   1 
ATOM 582  C CB  . SER A 1 84  ? 17.456  5.082   -5.148  1.00 55.71 ? 82  SER A CB  1 
ATOM 583  O OG  . SER A 1 84  ? 17.649  6.283   -4.442  1.00 56.72 ? 82  SER A OG  1 
ATOM 584  N N   . ILE A 1 85  ? 14.593  4.240   -4.570  1.00 55.13 ? 83  ILE A N   1 
ATOM 585  C CA  . ILE A 1 85  ? 13.191  4.486   -4.167  1.00 54.62 ? 83  ILE A CA  1 
ATOM 586  C C   . ILE A 1 85  ? 12.664  3.596   -3.007  1.00 54.77 ? 83  ILE A C   1 
ATOM 587  O O   . ILE A 1 85  ? 11.952  4.050   -2.089  1.00 54.01 ? 83  ILE A O   1 
ATOM 588  C CB  . ILE A 1 85  ? 12.265  4.304   -5.384  1.00 54.54 ? 83  ILE A CB  1 
ATOM 589  C CG1 . ILE A 1 85  ? 12.549  5.379   -6.410  1.00 53.26 ? 83  ILE A CG1 1 
ATOM 590  C CG2 . ILE A 1 85  ? 10.774  4.268   -4.971  1.00 55.01 ? 83  ILE A CG2 1 
ATOM 591  C CD1 . ILE A 1 85  ? 12.129  4.997   -7.762  1.00 52.70 ? 83  ILE A CD1 1 
ATOM 592  N N   . VAL A 1 86  ? 13.004  2.321   -3.080  1.00 54.55 ? 84  VAL A N   1 
ATOM 593  C CA  . VAL A 1 86  ? 12.597  1.363   -2.102  1.00 55.34 ? 84  VAL A CA  1 
ATOM 594  C C   . VAL A 1 86  ? 13.285  1.687   -0.781  1.00 56.22 ? 84  VAL A C   1 
ATOM 595  O O   . VAL A 1 86  ? 12.645  1.634   0.266   1.00 57.20 ? 84  VAL A O   1 
ATOM 596  C CB  . VAL A 1 86  ? 12.847  -0.090  -2.615  1.00 55.27 ? 84  VAL A CB  1 
ATOM 597  C CG1 . VAL A 1 86  ? 12.900  -1.066  -1.494  1.00 57.84 ? 84  VAL A CG1 1 
ATOM 598  C CG2 . VAL A 1 86  ? 11.730  -0.522  -3.569  1.00 54.88 ? 84  VAL A CG2 1 
ATOM 599  N N   . GLU A 1 87  ? 14.572  2.039   -0.805  1.00 56.98 ? 85  GLU A N   1 
ATOM 600  C CA  . GLU A 1 87  ? 15.250  2.414   0.437   1.00 57.54 ? 85  GLU A CA  1 
ATOM 601  C C   . GLU A 1 87  ? 14.522  3.610   1.029   1.00 57.98 ? 85  GLU A C   1 
ATOM 602  O O   . GLU A 1 87  ? 14.382  3.730   2.246   1.00 57.93 ? 85  GLU A O   1 
ATOM 603  C CB  . GLU A 1 87  ? 16.734  2.724   0.204   1.00 57.21 ? 85  GLU A CB  1 
ATOM 604  C CG  . GLU A 1 87  ? 17.637  1.483   0.138   1.00 56.93 ? 85  GLU A CG  1 
ATOM 605  C CD  . GLU A 1 87  ? 19.021  1.718   -0.492  1.00 58.90 ? 85  GLU A CD  1 
ATOM 606  O OE1 . GLU A 1 87  ? 19.805  0.718   -0.563  1.00 61.17 ? 85  GLU A OE1 1 
ATOM 607  O OE2 . GLU A 1 87  ? 19.336  2.867   -0.930  1.00 58.51 ? 85  GLU A OE2 1 
ATOM 608  N N   . GLU A 1 88  ? 14.011  4.476   0.160   1.00 58.60 ? 86  GLU A N   1 
ATOM 609  C CA  . GLU A 1 88  ? 13.356  5.692   0.633   1.00 59.73 ? 86  GLU A CA  1 
ATOM 610  C C   . GLU A 1 88  ? 11.939  5.492   1.222   1.00 59.52 ? 86  GLU A C   1 
ATOM 611  O O   . GLU A 1 88  ? 11.539  6.196   2.147   1.00 59.28 ? 86  GLU A O   1 
ATOM 612  C CB  . GLU A 1 88  ? 13.373  6.777   -0.435  1.00 59.77 ? 86  GLU A CB  1 
ATOM 613  C CG  . GLU A 1 88  ? 13.605  8.145   0.202   1.00 62.94 ? 86  GLU A CG  1 
ATOM 614  C CD  . GLU A 1 88  ? 13.923  9.225   -0.818  1.00 64.96 ? 86  GLU A CD  1 
ATOM 615  O OE1 . GLU A 1 88  ? 13.244  10.270  -0.777  1.00 64.66 ? 86  GLU A OE1 1 
ATOM 616  O OE2 . GLU A 1 88  ? 14.850  9.021   -1.647  1.00 66.09 ? 86  GLU A OE2 1 
ATOM 617  N N   . ILE A 1 89  ? 11.171  4.558   0.667   1.00 59.49 ? 87  ILE A N   1 
ATOM 618  C CA  . ILE A 1 89  ? 9.931   4.139   1.330   1.00 59.80 ? 87  ILE A CA  1 
ATOM 619  C C   . ILE A 1 89  ? 10.223  3.637   2.772   1.00 59.81 ? 87  ILE A C   1 
ATOM 620  O O   . ILE A 1 89  ? 9.553   4.031   3.708   1.00 60.33 ? 87  ILE A O   1 
ATOM 621  C CB  . ILE A 1 89  ? 9.159   3.076   0.503   1.00 59.59 ? 87  ILE A CB  1 
ATOM 622  C CG1 . ILE A 1 89  ? 8.748   3.644   -0.868  1.00 58.51 ? 87  ILE A CG1 1 
ATOM 623  C CG2 . ILE A 1 89  ? 7.931   2.630   1.230   1.00 59.96 ? 87  ILE A CG2 1 
ATOM 624  C CD1 . ILE A 1 89  ? 8.572   2.573   -1.865  1.00 50.68 ? 87  ILE A CD1 1 
ATOM 625  N N   . LEU A 1 90  ? 11.224  2.779   2.940   1.00 58.89 ? 88  LEU A N   1 
ATOM 626  C CA  . LEU A 1 90  ? 11.611  2.291   4.254   1.00 58.53 ? 88  LEU A CA  1 
ATOM 627  C C   . LEU A 1 90  ? 11.895  3.413   5.263   1.00 59.25 ? 88  LEU A C   1 
ATOM 628  O O   . LEU A 1 90  ? 11.540  3.306   6.444   1.00 60.00 ? 88  LEU A O   1 
ATOM 629  C CB  . LEU A 1 90  ? 12.880  1.451   4.112   1.00 58.15 ? 88  LEU A CB  1 
ATOM 630  C CG  . LEU A 1 90  ? 12.884  -0.070  3.977   1.00 57.18 ? 88  LEU A CG  1 
ATOM 631  C CD1 . LEU A 1 90  ? 11.487  -0.719  4.059   1.00 53.75 ? 88  LEU A CD1 1 
ATOM 632  C CD2 . LEU A 1 90  ? 13.665  -0.448  2.714   1.00 55.08 ? 88  LEU A CD2 1 
ATOM 633  N N   . LEU A 1 91  ? 12.582  4.462   4.795   1.00 59.42 ? 89  LEU A N   1 
ATOM 634  C CA  . LEU A 1 91  ? 12.911  5.632   5.588   1.00 58.51 ? 89  LEU A CA  1 
ATOM 635  C C   . LEU A 1 91  ? 11.637  6.347   5.982   1.00 58.08 ? 89  LEU A C   1 
ATOM 636  O O   . LEU A 1 91  ? 11.533  6.811   7.089   1.00 58.62 ? 89  LEU A O   1 
ATOM 637  C CB  . LEU A 1 91  ? 13.829  6.549   4.792   1.00 58.29 ? 89  LEU A CB  1 
ATOM 638  C CG  . LEU A 1 91  ? 15.322  6.564   5.151   1.00 58.82 ? 89  LEU A CG  1 
ATOM 639  C CD1 . LEU A 1 91  ? 15.773  5.413   6.056   1.00 59.38 ? 89  LEU A CD1 1 
ATOM 640  C CD2 . LEU A 1 91  ? 16.175  6.625   3.906   1.00 58.92 ? 89  LEU A CD2 1 
ATOM 641  N N   . LEU A 1 92  ? 10.654  6.385   5.097   1.00 57.65 ? 90  LEU A N   1 
ATOM 642  C CA  . LEU A 1 92  ? 9.336   6.937   5.421   1.00 58.01 ? 90  LEU A CA  1 
ATOM 643  C C   . LEU A 1 92  ? 8.745   6.222   6.634   1.00 58.52 ? 90  LEU A C   1 
ATOM 644  O O   . LEU A 1 92  ? 8.327   6.871   7.606   1.00 59.41 ? 90  LEU A O   1 
ATOM 645  C CB  . LEU A 1 92  ? 8.395   6.716   4.242   1.00 58.41 ? 90  LEU A CB  1 
ATOM 646  C CG  . LEU A 1 92  ? 7.354   7.733   3.821   1.00 59.29 ? 90  LEU A CG  1 
ATOM 647  C CD1 . LEU A 1 92  ? 8.043   9.071   3.389   1.00 59.84 ? 90  LEU A CD1 1 
ATOM 648  C CD2 . LEU A 1 92  ? 6.557   7.142   2.666   1.00 57.73 ? 90  LEU A CD2 1 
ATOM 649  N N   . PHE A 1 93  ? 8.719   4.889   6.588   1.00 57.41 ? 91  PHE A N   1 
ATOM 650  C CA  . PHE A 1 93  ? 8.262   4.134   7.713   1.00 57.88 ? 91  PHE A CA  1 
ATOM 651  C C   . PHE A 1 93  ? 9.070   4.420   8.922   1.00 58.96 ? 91  PHE A C   1 
ATOM 652  O O   . PHE A 1 93  ? 8.516   4.656   9.990   1.00 59.40 ? 91  PHE A O   1 
ATOM 653  C CB  . PHE A 1 93  ? 8.200   2.660   7.400   1.00 57.05 ? 91  PHE A CB  1 
ATOM 654  C CG  . PHE A 1 93  ? 7.075   2.342   6.481   1.00 57.62 ? 91  PHE A CG  1 
ATOM 655  C CD1 . PHE A 1 93  ? 7.301   2.013   5.150   1.00 56.96 ? 91  PHE A CD1 1 
ATOM 656  C CD2 . PHE A 1 93  ? 5.766   2.491   6.908   1.00 56.22 ? 91  PHE A CD2 1 
ATOM 657  C CE1 . PHE A 1 93  ? 6.239   1.754   4.305   1.00 55.79 ? 91  PHE A CE1 1 
ATOM 658  C CE2 . PHE A 1 93  ? 4.718   2.240   6.039   1.00 56.90 ? 91  PHE A CE2 1 
ATOM 659  C CZ  . PHE A 1 93  ? 4.959   1.881   4.748   1.00 54.93 ? 91  PHE A CZ  1 
ATOM 660  N N   . GLU A 1 94  ? 10.383  4.480   8.757   1.00 60.14 ? 92  GLU A N   1 
ATOM 661  C CA  . GLU A 1 94  ? 11.237  4.777   9.885   1.00 60.84 ? 92  GLU A CA  1 
ATOM 662  C C   . GLU A 1 94  ? 10.971  6.133   10.522  1.00 60.56 ? 92  GLU A C   1 
ATOM 663  O O   . GLU A 1 94  ? 11.028  6.236   11.739  1.00 61.00 ? 92  GLU A O   1 
ATOM 664  C CB  . GLU A 1 94  ? 12.687  4.646   9.503   1.00 61.27 ? 92  GLU A CB  1 
ATOM 665  C CG  . GLU A 1 94  ? 13.420  3.497   10.146  1.00 65.09 ? 92  GLU A CG  1 
ATOM 666  C CD  . GLU A 1 94  ? 14.936  3.773   10.135  1.00 72.40 ? 92  GLU A CD  1 
ATOM 667  O OE1 . GLU A 1 94  ? 15.491  4.108   11.235  1.00 73.46 ? 92  GLU A OE1 1 
ATOM 668  O OE2 . GLU A 1 94  ? 15.551  3.704   9.017   1.00 72.98 ? 92  GLU A OE2 1 
ATOM 669  N N   . SER A 1 95  ? 10.687  7.163   9.727   1.00 60.43 ? 93  SER A N   1 
ATOM 670  C CA  . SER A 1 95  ? 10.412  8.488   10.287  1.00 60.90 ? 93  SER A CA  1 
ATOM 671  C C   . SER A 1 95  ? 9.091   8.466   11.016  1.00 61.41 ? 93  SER A C   1 
ATOM 672  O O   . SER A 1 95  ? 8.966   8.977   12.139  1.00 61.52 ? 93  SER A O   1 
ATOM 673  C CB  . SER A 1 95  ? 10.249  9.526   9.189   1.00 60.84 ? 93  SER A CB  1 
ATOM 674  O OG  . SER A 1 95  ? 11.442  9.717   8.502   1.00 61.92 ? 93  SER A OG  1 
ATOM 675  N N   . ALA A 1 96  ? 8.091   7.902   10.341  1.00 61.29 ? 94  ALA A N   1 
ATOM 676  C CA  . ALA A 1 96  ? 6.771   7.867   10.867  1.00 61.67 ? 94  ALA A CA  1 
ATOM 677  C C   . ALA A 1 96  ? 6.802   7.184   12.244  1.00 62.51 ? 94  ALA A C   1 
ATOM 678  O O   . ALA A 1 96  ? 6.295   7.757   13.223  1.00 62.51 ? 94  ALA A O   1 
ATOM 679  C CB  . ALA A 1 96  ? 5.829   7.160   9.887   1.00 61.61 ? 94  ALA A CB  1 
ATOM 680  N N   . GLN A 1 97  ? 7.406   5.986   12.303  1.00 62.90 ? 95  GLN A N   1 
ATOM 681  C CA  . GLN A 1 97  ? 7.577   5.218   13.531  1.00 63.10 ? 95  GLN A CA  1 
ATOM 682  C C   . GLN A 1 97  ? 8.017   6.118   14.678  1.00 63.22 ? 95  GLN A C   1 
ATOM 683  O O   . GLN A 1 97  ? 7.391   6.118   15.761  1.00 64.00 ? 95  GLN A O   1 
ATOM 684  C CB  . GLN A 1 97  ? 8.622   4.137   13.329  1.00 63.28 ? 95  GLN A CB  1 
ATOM 685  C CG  . GLN A 1 97  ? 8.121   2.731   13.538  1.00 66.47 ? 95  GLN A CG  1 
ATOM 686  C CD  . GLN A 1 97  ? 8.697   1.726   12.519  1.00 70.51 ? 95  GLN A CD  1 
ATOM 687  O OE1 . GLN A 1 97  ? 9.406   2.107   11.588  1.00 72.79 ? 95  GLN A OE1 1 
ATOM 688  N NE2 . GLN A 1 97  ? 8.375   0.433   12.695  1.00 72.55 ? 95  GLN A NE2 1 
ATOM 689  N N   . LYS A 1 98  ? 9.080   6.885   14.425  1.00 62.39 ? 96  LYS A N   1 
ATOM 690  C CA  . LYS A 1 98  ? 9.693   7.776   15.401  1.00 61.72 ? 96  LYS A CA  1 
ATOM 691  C C   . LYS A 1 98  ? 8.809   8.926   15.801  1.00 61.75 ? 96  LYS A C   1 
ATOM 692  O O   . LYS A 1 98  ? 8.844   9.332   16.953  1.00 62.65 ? 96  LYS A O   1 
ATOM 693  C CB  . LYS A 1 98  ? 11.025  8.348   14.882  1.00 61.75 ? 96  LYS A CB  1 
ATOM 694  C CG  . LYS A 1 98  ? 12.238  7.582   15.341  1.00 60.97 ? 96  LYS A CG  1 
ATOM 695  C CD  . LYS A 1 98  ? 13.460  8.086   14.678  1.00 61.00 ? 96  LYS A CD  1 
ATOM 696  C CE  . LYS A 1 98  ? 14.377  6.926   14.330  1.00 61.62 ? 96  LYS A CE  1 
ATOM 697  N NZ  . LYS A 1 98  ? 15.066  6.430   15.525  1.00 62.04 ? 96  LYS A NZ  1 
ATOM 698  N N   . THR A 1 99  ? 8.059   9.491   14.854  1.00 61.39 ? 97  THR A N   1 
ATOM 699  C CA  . THR A 1 99  ? 7.100   10.531  15.195  1.00 60.66 ? 97  THR A CA  1 
ATOM 700  C C   . THR A 1 99  ? 6.023   9.987   16.113  1.00 60.81 ? 97  THR A C   1 
ATOM 701  O O   . THR A 1 99  ? 5.569   10.678  17.020  1.00 61.34 ? 97  THR A O   1 
ATOM 702  C CB  . THR A 1 99  ? 6.477   11.095  13.957  1.00 60.49 ? 97  THR A CB  1 
ATOM 703  O OG1 . THR A 1 99  ? 7.483   11.812  13.246  1.00 60.79 ? 97  THR A OG1 1 
ATOM 704  C CG2 . THR A 1 99  ? 5.329   12.048  14.283  1.00 58.67 ? 97  THR A CG2 1 
ATOM 705  N N   . SER A 1 100 ? 5.642   8.741   15.875  1.00 60.80 ? 98  SER A N   1 
ATOM 706  C CA  . SER A 1 100 ? 4.615   8.081   16.621  1.00 61.31 ? 98  SER A CA  1 
ATOM 707  C C   . SER A 1 100 ? 5.106   7.706   18.037  1.00 62.13 ? 98  SER A C   1 
ATOM 708  O O   . SER A 1 100 ? 4.402   7.945   19.025  1.00 61.41 ? 98  SER A O   1 
ATOM 709  C CB  . SER A 1 100 ? 4.124   6.895   15.802  1.00 61.34 ? 98  SER A CB  1 
ATOM 710  O OG  . SER A 1 100 ? 3.949   5.715   16.578  1.00 63.00 ? 98  SER A OG  1 
ATOM 711  N N   . LYS A 1 101 ? 6.333   7.181   18.136  1.00 63.22 ? 99  LYS A N   1 
ATOM 712  C CA  . LYS A 1 101 ? 6.893   6.763   19.424  1.00 64.80 ? 99  LYS A CA  1 
ATOM 713  C C   . LYS A 1 101 ? 7.006   7.958   20.319  1.00 64.40 ? 99  LYS A C   1 
ATOM 714  O O   . LYS A 1 101 ? 7.170   7.803   21.527  1.00 64.44 ? 99  LYS A O   1 
ATOM 715  C CB  . LYS A 1 101 ? 8.277   6.113   19.281  1.00 64.95 ? 99  LYS A CB  1 
ATOM 716  C CG  . LYS A 1 101 ? 8.287   4.610   18.770  1.00 68.19 ? 99  LYS A CG  1 
ATOM 717  C CD  . LYS A 1 101 ? 9.404   4.315   17.639  1.00 67.49 ? 99  LYS A CD  1 
ATOM 718  C CE  . LYS A 1 101 ? 10.896  4.701   18.027  1.00 69.39 ? 99  LYS A CE  1 
ATOM 719  N NZ  . LYS A 1 101 ? 12.005  4.317   17.037  1.00 68.82 ? 99  LYS A NZ  1 
ATOM 720  N N   . ARG A 1 102 ? 6.904   9.152   19.738  1.00 64.10 ? 100 ARG A N   1 
ATOM 721  C CA  . ARG A 1 102 ? 7.022   10.339  20.557  1.00 64.15 ? 100 ARG A CA  1 
ATOM 722  C C   . ARG A 1 102 ? 5.716   11.084  20.852  1.00 64.36 ? 100 ARG A C   1 
ATOM 723  O O   . ARG A 1 102 ? 5.648   11.932  21.739  1.00 63.73 ? 100 ARG A O   1 
ATOM 724  C CB  . ARG A 1 102 ? 8.207   11.211  20.117  1.00 64.52 ? 100 ARG A CB  1 
ATOM 725  C CG  . ARG A 1 102 ? 7.959   12.371  19.226  1.00 63.52 ? 100 ARG A CG  1 
ATOM 726  C CD  . ARG A 1 102 ? 9.302   12.966  18.826  1.00 61.18 ? 100 ARG A CD  1 
ATOM 727  N NE  . ARG A 1 102 ? 9.119   13.771  17.625  1.00 62.46 ? 100 ARG A NE  1 
ATOM 728  C CZ  . ARG A 1 102 ? 9.439   13.360  16.407  1.00 63.33 ? 100 ARG A CZ  1 
ATOM 729  N NH1 . ARG A 1 102 ? 10.002  12.180  16.240  1.00 65.65 ? 100 ARG A NH1 1 
ATOM 730  N NH2 . ARG A 1 102 ? 9.231   14.137  15.360  1.00 63.99 ? 100 ARG A NH2 1 
ATOM 731  N N   . TYR A 1 103 ? 4.662   10.725  20.130  1.00 64.75 ? 101 TYR A N   1 
ATOM 732  C CA  . TYR A 1 103 ? 3.331   11.164  20.495  1.00 64.92 ? 101 TYR A CA  1 
ATOM 733  C C   . TYR A 1 103 ? 2.888   10.351  21.723  1.00 65.49 ? 101 TYR A C   1 
ATOM 734  O O   . TYR A 1 103 ? 2.189   10.874  22.607  1.00 64.81 ? 101 TYR A O   1 
ATOM 735  C CB  . TYR A 1 103 ? 2.382   10.955  19.322  1.00 65.08 ? 101 TYR A CB  1 
ATOM 736  C CG  . TYR A 1 103 ? 0.916   11.170  19.636  1.00 65.02 ? 101 TYR A CG  1 
ATOM 737  C CD1 . TYR A 1 103 ? 0.300   12.386  19.356  1.00 64.74 ? 101 TYR A CD1 1 
ATOM 738  C CD2 . TYR A 1 103 ? 0.138   10.142  20.206  1.00 65.16 ? 101 TYR A CD2 1 
ATOM 739  C CE1 . TYR A 1 103 ? -1.064  12.588  19.643  1.00 65.84 ? 101 TYR A CE1 1 
ATOM 740  C CE2 . TYR A 1 103 ? -1.231  10.330  20.500  1.00 64.90 ? 101 TYR A CE2 1 
ATOM 741  C CZ  . TYR A 1 103 ? -1.821  11.553  20.217  1.00 65.41 ? 101 TYR A CZ  1 
ATOM 742  O OH  . TYR A 1 103 ? -3.156  11.754  20.495  1.00 65.62 ? 101 TYR A OH  1 
ATOM 743  N N   . GLU A 1 104 ? 3.317   9.080   21.741  1.00 66.02 ? 102 GLU A N   1 
ATOM 744  C CA  . GLU A 1 104 ? 3.079   8.131   22.831  1.00 66.67 ? 102 GLU A CA  1 
ATOM 745  C C   . GLU A 1 104 ? 3.753   8.557   24.133  1.00 66.86 ? 102 GLU A C   1 
ATOM 746  O O   . GLU A 1 104 ? 3.219   8.342   25.199  1.00 66.93 ? 102 GLU A O   1 
ATOM 747  C CB  . GLU A 1 104 ? 3.616   6.759   22.464  1.00 66.49 ? 102 GLU A CB  1 
ATOM 748  C CG  . GLU A 1 104 ? 2.964   6.103   21.285  1.00 68.36 ? 102 GLU A CG  1 
ATOM 749  C CD  . GLU A 1 104 ? 3.411   4.647   21.125  1.00 72.26 ? 102 GLU A CD  1 
ATOM 750  O OE1 . GLU A 1 104 ? 2.822   3.908   20.294  1.00 72.49 ? 102 GLU A OE1 1 
ATOM 751  O OE2 . GLU A 1 104 ? 4.359   4.235   21.845  1.00 74.31 ? 102 GLU A OE2 1 
ATOM 752  N N   . LEU A 1 105 ? 4.937   9.145   24.041  1.00 67.75 ? 103 LEU A N   1 
ATOM 753  C CA  . LEU A 1 105 ? 5.619   9.717   25.199  1.00 68.48 ? 103 LEU A CA  1 
ATOM 754  C C   . LEU A 1 105 ? 4.844   10.837  25.884  1.00 68.78 ? 103 LEU A C   1 
ATOM 755  O O   . LEU A 1 105 ? 5.131   11.157  27.037  1.00 68.82 ? 103 LEU A O   1 
ATOM 756  C CB  . LEU A 1 105 ? 6.959   10.287  24.773  1.00 68.56 ? 103 LEU A CB  1 
ATOM 757  C CG  . LEU A 1 105 ? 8.273   9.669   25.232  1.00 70.09 ? 103 LEU A CG  1 
ATOM 758  C CD1 . LEU A 1 105 ? 8.285   8.150   25.048  1.00 71.91 ? 103 LEU A CD1 1 
ATOM 759  C CD2 . LEU A 1 105 ? 9.423   10.355  24.472  1.00 68.97 ? 103 LEU A CD2 1 
ATOM 760  N N   . VAL A 1 106 ? 3.878   11.429  25.183  1.00 69.10 ? 104 VAL A N   1 
ATOM 761  C CA  . VAL A 1 106 ? 3.214   12.644  25.652  1.00 69.45 ? 104 VAL A CA  1 
ATOM 762  C C   . VAL A 1 106 ? 1.695   12.461  25.769  1.00 70.27 ? 104 VAL A C   1 
ATOM 763  O O   . VAL A 1 106 ? 0.966   13.343  26.219  1.00 70.12 ? 104 VAL A O   1 
ATOM 764  C CB  . VAL A 1 106 ? 3.623   13.844  24.732  1.00 69.17 ? 104 VAL A CB  1 
ATOM 765  C CG1 . VAL A 1 106 ? 2.537   14.916  24.620  1.00 69.02 ? 104 VAL A CG1 1 
ATOM 766  C CG2 . VAL A 1 106 ? 4.886   14.458  25.242  1.00 67.92 ? 104 VAL A CG2 1 
ATOM 767  N N   . ALA A 1 107 ? 1.221   11.294  25.372  1.00 71.52 ? 105 ALA A N   1 
ATOM 768  C CA  . ALA A 1 107 ? -0.189  11.136  25.087  1.00 72.91 ? 105 ALA A CA  1 
ATOM 769  C C   . ALA A 1 107 ? -0.976  10.801  26.317  1.00 74.00 ? 105 ALA A C   1 
ATOM 770  O O   . ALA A 1 107 ? -0.437  10.313  27.311  1.00 74.24 ? 105 ALA A O   1 
ATOM 771  C CB  . ALA A 1 107 ? -0.403  10.047  24.033  1.00 73.00 ? 105 ALA A CB  1 
ATOM 772  N N   . ASP A 1 108 ? -2.272  11.048  26.228  1.00 75.19 ? 106 ASP A N   1 
ATOM 773  C CA  . ASP A 1 108 ? -3.198  10.541  27.206  1.00 76.64 ? 106 ASP A CA  1 
ATOM 774  C C   . ASP A 1 108 ? -3.351  9.046   26.874  1.00 76.91 ? 106 ASP A C   1 
ATOM 775  O O   . ASP A 1 108 ? -3.562  8.698   25.715  1.00 77.22 ? 106 ASP A O   1 
ATOM 776  C CB  . ASP A 1 108 ? -4.511  11.327  27.086  1.00 76.89 ? 106 ASP A CB  1 
ATOM 777  C CG  . ASP A 1 108 ? -5.592  10.807  28.001  1.00 78.84 ? 106 ASP A CG  1 
ATOM 778  O OD1 . ASP A 1 108 ? -6.519  10.157  27.482  1.00 80.56 ? 106 ASP A OD1 1 
ATOM 779  O OD2 . ASP A 1 108 ? -5.528  11.042  29.233  1.00 81.12 ? 106 ASP A OD2 1 
ATOM 780  N N   . GLN A 1 109 ? -3.203  8.161   27.861  1.00 77.27 ? 107 GLN A N   1 
ATOM 781  C CA  . GLN A 1 109 ? -3.313  6.708   27.606  1.00 77.74 ? 107 GLN A CA  1 
ATOM 782  C C   . GLN A 1 109 ? -4.556  6.258   26.784  1.00 77.35 ? 107 GLN A C   1 
ATOM 783  O O   . GLN A 1 109 ? -4.528  5.214   26.121  1.00 77.30 ? 107 GLN A O   1 
ATOM 784  C CB  . GLN A 1 109 ? -3.164  5.898   28.911  1.00 77.96 ? 107 GLN A CB  1 
ATOM 785  C CG  . GLN A 1 109 ? -4.117  4.683   29.033  1.00 79.53 ? 107 GLN A CG  1 
ATOM 786  C CD  . GLN A 1 109 ? -5.533  5.069   29.537  1.00 82.81 ? 107 GLN A CD  1 
ATOM 787  O OE1 . GLN A 1 109 ? -5.678  5.762   30.557  1.00 83.10 ? 107 GLN A OE1 1 
ATOM 788  N NE2 . GLN A 1 109 ? -6.574  4.617   28.819  1.00 82.06 ? 107 GLN A NE2 1 
ATOM 789  N N   . GLN A 1 110 ? -5.628  7.053   26.823  1.00 77.04 ? 108 GLN A N   1 
ATOM 790  C CA  . GLN A 1 110 ? -6.873  6.744   26.115  1.00 76.97 ? 108 GLN A CA  1 
ATOM 791  C C   . GLN A 1 110 ? -6.658  6.679   24.632  1.00 75.88 ? 108 GLN A C   1 
ATOM 792  O O   . GLN A 1 110 ? -7.284  5.874   23.939  1.00 76.07 ? 108 GLN A O   1 
ATOM 793  C CB  . GLN A 1 110 ? -7.916  7.825   26.349  1.00 76.73 ? 108 GLN A CB  1 
ATOM 794  C CG  . GLN A 1 110 ? -8.630  7.697   27.673  1.00 79.60 ? 108 GLN A CG  1 
ATOM 795  C CD  . GLN A 1 110 ? -9.587  8.857   27.969  1.00 79.63 ? 108 GLN A CD  1 
ATOM 796  O OE1 . GLN A 1 110 ? -10.800 8.651   28.156  1.00 82.16 ? 108 GLN A OE1 1 
ATOM 797  N NE2 . GLN A 1 110 ? -9.040  10.083  28.029  1.00 82.24 ? 108 GLN A NE2 1 
ATOM 798  N N   . ASP A 1 111 ? -5.797  7.566   24.139  1.00 74.45 ? 109 ASP A N   1 
ATOM 799  C CA  . ASP A 1 111 ? -5.602  7.701   22.706  1.00 72.73 ? 109 ASP A CA  1 
ATOM 800  C C   . ASP A 1 111 ? -4.633  6.643   22.224  1.00 71.35 ? 109 ASP A C   1 
ATOM 801  O O   . ASP A 1 111 ? -4.278  6.616   21.054  1.00 71.80 ? 109 ASP A O   1 
ATOM 802  C CB  . ASP A 1 111 ? -5.116  9.110   22.336  1.00 72.94 ? 109 ASP A CB  1 
ATOM 803  C CG  . ASP A 1 111 ? -6.010  10.217  22.908  1.00 74.15 ? 109 ASP A CG  1 
ATOM 804  O OD1 . ASP A 1 111 ? -5.568  10.921  23.840  1.00 76.59 ? 109 ASP A OD1 1 
ATOM 805  O OD2 . ASP A 1 111 ? -7.162  10.377  22.447  1.00 75.41 ? 109 ASP A OD2 1 
ATOM 806  N N   . LEU A 1 112 ? -4.222  5.749   23.113  1.00 69.64 ? 110 LEU A N   1 
ATOM 807  C CA  . LEU A 1 112 ? -3.295  4.683   22.723  1.00 68.08 ? 110 LEU A CA  1 
ATOM 808  C C   . LEU A 1 112 ? -3.993  3.374   22.338  1.00 66.66 ? 110 LEU A C   1 
ATOM 809  O O   . LEU A 1 112 ? -3.339  2.378   22.053  1.00 67.01 ? 110 LEU A O   1 
ATOM 810  C CB  . LEU A 1 112 ? -2.241  4.443   23.814  1.00 68.48 ? 110 LEU A CB  1 
ATOM 811  C CG  . LEU A 1 112 ? -1.092  5.463   23.914  1.00 67.39 ? 110 LEU A CG  1 
ATOM 812  C CD1 . LEU A 1 112 ? -0.532  5.510   25.338  1.00 65.17 ? 110 LEU A CD1 1 
ATOM 813  C CD2 . LEU A 1 112 ? -0.016  5.122   22.928  1.00 65.93 ? 110 LEU A CD2 1 
ATOM 814  N N   . VAL A 1 113 ? -5.319  3.388   22.311  1.00 64.55 ? 111 VAL A N   1 
ATOM 815  C CA  . VAL A 1 113 ? -6.069  2.242   21.854  1.00 62.07 ? 111 VAL A CA  1 
ATOM 816  C C   . VAL A 1 113 ? -6.190  2.307   20.339  1.00 60.91 ? 111 VAL A C   1 
ATOM 817  O O   . VAL A 1 113 ? -6.635  3.311   19.783  1.00 61.50 ? 111 VAL A O   1 
ATOM 818  C CB  . VAL A 1 113 ? -7.408  2.171   22.582  1.00 62.41 ? 111 VAL A CB  1 
ATOM 819  C CG1 . VAL A 1 113 ? -8.368  1.179   21.888  1.00 61.01 ? 111 VAL A CG1 1 
ATOM 820  C CG2 . VAL A 1 113 ? -7.144  1.780   24.082  1.00 60.77 ? 111 VAL A CG2 1 
ATOM 821  N N   . VAL A 1 114 ? -5.750  1.256   19.662  1.00 58.79 ? 112 VAL A N   1 
ATOM 822  C CA  . VAL A 1 114 ? -5.788  1.230   18.188  1.00 57.06 ? 112 VAL A CA  1 
ATOM 823  C C   . VAL A 1 114 ? -7.073  0.616   17.647  1.00 55.65 ? 112 VAL A C   1 
ATOM 824  O O   . VAL A 1 114 ? -7.708  -0.197  18.324  1.00 55.43 ? 112 VAL A O   1 
ATOM 825  C CB  . VAL A 1 114 ? -4.527  0.522   17.597  1.00 57.06 ? 112 VAL A CB  1 
ATOM 826  C CG1 . VAL A 1 114 ? -3.278  1.078   18.262  1.00 56.57 ? 112 VAL A CG1 1 
ATOM 827  C CG2 . VAL A 1 114 ? -4.596  -0.999  17.773  1.00 56.34 ? 112 VAL A CG2 1 
ATOM 828  N N   . PHE A 1 115 ? -7.458  0.969   16.430  1.00 54.56 ? 113 PHE A N   1 
ATOM 829  C CA  . PHE A 1 115 ? -8.673  0.355   15.852  1.00 54.27 ? 113 PHE A CA  1 
ATOM 830  C C   . PHE A 1 115 ? -8.347  -1.003  15.239  1.00 54.46 ? 113 PHE A C   1 
ATOM 831  O O   . PHE A 1 115 ? -7.173  -1.287  15.008  1.00 55.53 ? 113 PHE A O   1 
ATOM 832  C CB  . PHE A 1 115 ? -9.286  1.254   14.798  1.00 53.24 ? 113 PHE A CB  1 
ATOM 833  C CG  . PHE A 1 115 ? -9.916  2.523   15.351  1.00 51.79 ? 113 PHE A CG  1 
ATOM 834  C CD1 . PHE A 1 115 ? -9.267  3.763   15.209  1.00 50.68 ? 113 PHE A CD1 1 
ATOM 835  C CD2 . PHE A 1 115 ? -11.172 2.492   15.959  1.00 50.07 ? 113 PHE A CD2 1 
ATOM 836  C CE1 . PHE A 1 115 ? -9.839  4.920   15.695  1.00 50.61 ? 113 PHE A CE1 1 
ATOM 837  C CE2 . PHE A 1 115 ? -11.760 3.647   16.445  1.00 48.00 ? 113 PHE A CE2 1 
ATOM 838  C CZ  . PHE A 1 115 ? -11.106 4.858   16.313  1.00 50.07 ? 113 PHE A CZ  1 
ATOM 839  N N   . GLU A 1 116 ? -9.355  -1.838  14.985  1.00 53.95 ? 114 GLU A N   1 
ATOM 840  C CA  . GLU A 1 116 ? -9.169  -3.070  14.181  1.00 54.37 ? 114 GLU A CA  1 
ATOM 841  C C   . GLU A 1 116 ? -10.266 -3.108  13.149  1.00 53.59 ? 114 GLU A C   1 
ATOM 842  O O   . GLU A 1 116 ? -11.174 -2.325  13.240  1.00 54.44 ? 114 GLU A O   1 
ATOM 843  C CB  . GLU A 1 116 ? -9.247  -4.341  15.013  1.00 54.31 ? 114 GLU A CB  1 
ATOM 844  C CG  . GLU A 1 116 ? -8.409  -4.327  16.255  1.00 57.46 ? 114 GLU A CG  1 
ATOM 845  C CD  . GLU A 1 116 ? -6.957  -4.506  15.936  1.00 62.33 ? 114 GLU A CD  1 
ATOM 846  O OE1 . GLU A 1 116 ? -6.689  -4.989  14.827  1.00 62.52 ? 114 GLU A OE1 1 
ATOM 847  O OE2 . GLU A 1 116 ? -6.084  -4.189  16.791  1.00 67.21 ? 114 GLU A OE2 1 
ATOM 848  N N   . ASP A 1 117 ? -10.198 -4.004  12.177  1.00 52.97 ? 115 ASP A N   1 
ATOM 849  C CA  . ASP A 1 117 ? -11.197 -4.031  11.123  1.00 53.17 ? 115 ASP A CA  1 
ATOM 850  C C   . ASP A 1 117 ? -12.582 -4.508  11.606  1.00 53.56 ? 115 ASP A C   1 
ATOM 851  O O   . ASP A 1 117 ? -13.552 -4.372  10.876  1.00 54.65 ? 115 ASP A O   1 
ATOM 852  C CB  . ASP A 1 117 ? -10.705 -4.776  9.858   1.00 53.18 ? 115 ASP A CB  1 
ATOM 853  C CG  . ASP A 1 117 ? -10.770 -6.322  9.982   1.00 54.03 ? 115 ASP A CG  1 
ATOM 854  O OD1 . ASP A 1 117 ? -10.441 -6.993  8.969   1.00 54.00 ? 115 ASP A OD1 1 
ATOM 855  O OD2 . ASP A 1 117 ? -11.107 -6.865  11.080  1.00 52.80 ? 115 ASP A OD2 1 
ATOM 856  N N   . LYS A 1 118 ? -12.687 -5.004  12.841  1.00 53.61 ? 116 LYS A N   1 
ATOM 857  C CA  . LYS A 1 118 ? -14.002 -5.180  13.483  1.00 53.60 ? 116 LYS A CA  1 
ATOM 858  C C   . LYS A 1 118 ? -14.740 -3.858  13.578  1.00 54.22 ? 116 LYS A C   1 
ATOM 859  O O   . LYS A 1 118 ? -15.982 -3.834  13.645  1.00 54.29 ? 116 LYS A O   1 
ATOM 860  C CB  . LYS A 1 118 ? -13.893 -5.772  14.896  1.00 53.50 ? 116 LYS A CB  1 
ATOM 861  C CG  . LYS A 1 118 ? -13.212 -4.880  15.910  1.00 52.52 ? 116 LYS A CG  1 
ATOM 862  C CD  . LYS A 1 118 ? -12.742 -5.676  17.132  1.00 52.47 ? 116 LYS A CD  1 
ATOM 863  C CE  . LYS A 1 118 ? -12.182 -4.748  18.240  1.00 53.93 ? 116 LYS A CE  1 
ATOM 864  N NZ  . LYS A 1 118 ? -13.122 -3.592  18.583  1.00 53.47 ? 116 LYS A NZ  1 
ATOM 865  N N   . ASP A 1 119 ? -13.979 -2.762  13.565  1.00 54.70 ? 117 ASP A N   1 
ATOM 866  C CA  . ASP A 1 119 ? -14.524 -1.436  13.830  1.00 54.87 ? 117 ASP A CA  1 
ATOM 867  C C   . ASP A 1 119 ? -14.942 -0.823  12.531  1.00 55.15 ? 117 ASP A C   1 
ATOM 868  O O   . ASP A 1 119 ? -15.392 0.300   12.519  1.00 55.74 ? 117 ASP A O   1 
ATOM 869  C CB  . ASP A 1 119 ? -13.517 -0.503  14.534  1.00 54.85 ? 117 ASP A CB  1 
ATOM 870  C CG  . ASP A 1 119 ? -13.011 -1.053  15.872  1.00 56.31 ? 117 ASP A CG  1 
ATOM 871  O OD1 . ASP A 1 119 ? -11.788 -0.955  16.111  1.00 60.18 ? 117 ASP A OD1 1 
ATOM 872  O OD2 . ASP A 1 119 ? -13.797 -1.601  16.689  1.00 58.26 ? 117 ASP A OD2 1 
ATOM 873  N N   . MET A 1 120 ? -14.817 -1.533  11.421  1.00 55.68 ? 118 MET A N   1 
ATOM 874  C CA  . MET A 1 120 ? -15.371 -0.986  10.163  1.00 55.54 ? 118 MET A CA  1 
ATOM 875  C C   . MET A 1 120 ? -16.785 -1.454  10.024  1.00 55.81 ? 118 MET A C   1 
ATOM 876  O O   . MET A 1 120 ? -17.230 -2.323  10.771  1.00 55.92 ? 118 MET A O   1 
ATOM 877  C CB  . MET A 1 120 ? -14.593 -1.501  8.942   1.00 55.16 ? 118 MET A CB  1 
ATOM 878  C CG  . MET A 1 120 ? -13.117 -1.279  9.007   1.00 54.85 ? 118 MET A CG  1 
ATOM 879  S SD  . MET A 1 120 ? -12.347 -1.765  7.451   1.00 54.73 ? 118 MET A SD  1 
ATOM 880  C CE  . MET A 1 120 ? -10.623 -1.237  7.649   1.00 50.71 ? 118 MET A CE  1 
ATOM 881  N N   . LYS A 1 121 ? -17.480 -0.906  9.037   1.00 56.91 ? 119 LYS A N   1 
ATOM 882  C CA  . LYS A 1 121 ? -18.762 -1.444  8.595   1.00 58.05 ? 119 LYS A CA  1 
ATOM 883  C C   . LYS A 1 121 ? -18.450 -2.702  7.802   1.00 57.88 ? 119 LYS A C   1 
ATOM 884  O O   . LYS A 1 121 ? -17.369 -2.794  7.220   1.00 58.85 ? 119 LYS A O   1 
ATOM 885  C CB  . LYS A 1 121 ? -19.458 -0.430  7.691   1.00 58.39 ? 119 LYS A CB  1 
ATOM 886  C CG  . LYS A 1 121 ? -20.263 0.629   8.431   1.00 62.06 ? 119 LYS A CG  1 
ATOM 887  C CD  . LYS A 1 121 ? -20.068 2.068   7.858   1.00 65.70 ? 119 LYS A CD  1 
ATOM 888  C CE  . LYS A 1 121 ? -19.690 2.079   6.364   1.00 67.84 ? 119 LYS A CE  1 
ATOM 889  N NZ  . LYS A 1 121 ? -19.105 3.384   5.944   1.00 66.66 ? 119 LYS A NZ  1 
ATOM 890  N N   . PRO A 1 122 ? -19.386 -3.679  7.745   1.00 58.02 ? 120 PRO A N   1 
ATOM 891  C CA  . PRO A 1 122 ? -19.176 -4.895  6.898   1.00 57.39 ? 120 PRO A CA  1 
ATOM 892  C C   . PRO A 1 122 ? -18.549 -4.689  5.512   1.00 57.51 ? 120 PRO A C   1 
ATOM 893  O O   . PRO A 1 122 ? -17.679 -5.463  5.100   1.00 58.07 ? 120 PRO A O   1 
ATOM 894  C CB  . PRO A 1 122 ? -20.587 -5.444  6.742   1.00 56.48 ? 120 PRO A CB  1 
ATOM 895  C CG  . PRO A 1 122 ? -21.253 -5.035  8.007   1.00 56.24 ? 120 PRO A CG  1 
ATOM 896  C CD  . PRO A 1 122 ? -20.676 -3.742  8.466   1.00 56.83 ? 120 PRO A CD  1 
ATOM 897  N N   . ILE A 1 123 ? -18.990 -3.664  4.795   1.00 57.77 ? 121 ILE A N   1 
ATOM 898  C CA  . ILE A 1 123 ? -18.588 -3.487  3.397   1.00 57.46 ? 121 ILE A CA  1 
ATOM 899  C C   . ILE A 1 123 ? -17.114 -3.090  3.288   1.00 57.52 ? 121 ILE A C   1 
ATOM 900  O O   . ILE A 1 123 ? -16.411 -3.538  2.356   1.00 58.23 ? 121 ILE A O   1 
ATOM 901  C CB  . ILE A 1 123 ? -19.504 -2.459  2.657   1.00 57.38 ? 121 ILE A CB  1 
ATOM 902  C CG1 . ILE A 1 123 ? -19.480 -2.726  1.150   1.00 56.97 ? 121 ILE A CG1 1 
ATOM 903  C CG2 . ILE A 1 123 ? -19.171 -0.969  3.067   1.00 57.39 ? 121 ILE A CG2 1 
ATOM 904  C CD1 . ILE A 1 123 ? -20.136 -1.647  0.281   1.00 57.59 ? 121 ILE A CD1 1 
ATOM 905  N N   . GLY A 1 124 ? -16.667 -2.263  4.243   1.00 56.26 ? 122 GLY A N   1 
ATOM 906  C CA  . GLY A 1 124 ? -15.296 -1.806  4.319   1.00 54.82 ? 122 GLY A CA  1 
ATOM 907  C C   . GLY A 1 124 ? -14.358 -2.881  4.804   1.00 54.26 ? 122 GLY A C   1 
ATOM 908  O O   . GLY A 1 124 ? -13.226 -2.998  4.306   1.00 54.27 ? 122 GLY A O   1 
ATOM 909  N N   . ARG A 1 125 ? -14.806 -3.688  5.755   1.00 53.57 ? 123 ARG A N   1 
ATOM 910  C CA  . ARG A 1 125 ? -13.988 -4.825  6.187   1.00 53.63 ? 123 ARG A CA  1 
ATOM 911  C C   . ARG A 1 125 ? -13.757 -5.894  5.111   1.00 54.75 ? 123 ARG A C   1 
ATOM 912  O O   . ARG A 1 125 ? -12.598 -6.397  4.961   1.00 57.07 ? 123 ARG A O   1 
ATOM 913  C CB  . ARG A 1 125 ? -14.543 -5.441  7.430   1.00 52.52 ? 123 ARG A CB  1 
ATOM 914  C CG  . ARG A 1 125 ? -14.151 -6.833  7.647   1.00 52.90 ? 123 ARG A CG  1 
ATOM 915  C CD  . ARG A 1 125 ? -15.166 -7.498  8.590   1.00 52.03 ? 123 ARG A CD  1 
ATOM 916  N NE  . ARG A 1 125 ? -15.324 -6.567  9.651   1.00 52.06 ? 123 ARG A NE  1 
ATOM 917  C CZ  . ARG A 1 125 ? -16.444 -5.979  10.006  1.00 51.49 ? 123 ARG A CZ  1 
ATOM 918  N NH1 . ARG A 1 125 ? -17.620 -6.312  9.473   1.00 51.73 ? 123 ARG A NH1 1 
ATOM 919  N NH2 . ARG A 1 125 ? -16.349 -5.069  10.957  1.00 53.76 ? 123 ARG A NH2 1 
ATOM 920  N N   . ALA A 1 126 ? -14.801 -6.234  4.344   1.00 53.74 ? 124 ALA A N   1 
ATOM 921  C CA  . ALA A 1 126 ? -14.644 -7.135  3.183   1.00 52.41 ? 124 ALA A CA  1 
ATOM 922  C C   . ALA A 1 126 ? -13.607 -6.612  2.176   1.00 51.75 ? 124 ALA A C   1 
ATOM 923  O O   . ALA A 1 126 ? -12.807 -7.384  1.619   1.00 52.21 ? 124 ALA A O   1 
ATOM 924  C CB  . ALA A 1 126 ? -15.977 -7.402  2.509   1.00 50.79 ? 124 ALA A CB  1 
ATOM 925  N N   . LEU A 1 127 ? -13.600 -5.304  1.973   1.00 51.06 ? 125 LEU A N   1 
ATOM 926  C CA  . LEU A 1 127 ? -12.667 -4.661  1.042   1.00 50.90 ? 125 LEU A CA  1 
ATOM 927  C C   . LEU A 1 127 ? -11.223 -4.613  1.603   1.00 50.84 ? 125 LEU A C   1 
ATOM 928  O O   . LEU A 1 127 ? -10.248 -4.836  0.871   1.00 51.78 ? 125 LEU A O   1 
ATOM 929  C CB  . LEU A 1 127 ? -13.178 -3.261  0.740   1.00 50.13 ? 125 LEU A CB  1 
ATOM 930  C CG  . LEU A 1 127 ? -13.451 -2.764  -0.661  1.00 50.97 ? 125 LEU A CG  1 
ATOM 931  C CD1 . LEU A 1 127 ? -13.618 -3.879  -1.757  1.00 50.04 ? 125 LEU A CD1 1 
ATOM 932  C CD2 . LEU A 1 127 ? -14.641 -1.808  -0.642  1.00 49.19 ? 125 LEU A CD2 1 
ATOM 933  N N   . HIS A 1 128 ? -11.080 -4.367  2.898   1.00 49.64 ? 126 HIS A N   1 
ATOM 934  C CA  . HIS A 1 128 ? -9.765  -4.404  3.532   1.00 49.47 ? 126 HIS A CA  1 
ATOM 935  C C   . HIS A 1 128 ? -9.151  -5.817  3.387   1.00 50.73 ? 126 HIS A C   1 
ATOM 936  O O   . HIS A 1 128 ? -8.003  -6.010  2.900   1.00 51.21 ? 126 HIS A O   1 
ATOM 937  C CB  . HIS A 1 128 ? -9.974  -4.025  4.984   1.00 48.83 ? 126 HIS A CB  1 
ATOM 938  C CG  . HIS A 1 128 ? -8.799  -4.238  5.872   1.00 47.29 ? 126 HIS A CG  1 
ATOM 939  N ND1 . HIS A 1 128 ? -7.628  -3.509  5.757   1.00 46.85 ? 126 HIS A ND1 1 
ATOM 940  C CD2 . HIS A 1 128 ? -8.647  -5.037  6.956   1.00 45.40 ? 126 HIS A CD2 1 
ATOM 941  C CE1 . HIS A 1 128 ? -6.786  -3.888  6.704   1.00 46.38 ? 126 HIS A CE1 1 
ATOM 942  N NE2 . HIS A 1 128 ? -7.376  -4.825  7.438   1.00 47.51 ? 126 HIS A NE2 1 
ATOM 943  N N   . ARG A 1 129 ? -9.925  -6.817  3.795   1.00 50.36 ? 127 ARG A N   1 
ATOM 944  C CA  . ARG A 1 129 ? -9.498  -8.184  3.671   1.00 49.19 ? 127 ARG A CA  1 
ATOM 945  C C   . ARG A 1 129 ? -9.251  -8.597  2.252   1.00 49.08 ? 127 ARG A C   1 
ATOM 946  O O   . ARG A 1 129 ? -8.285  -9.311  1.979   1.00 50.19 ? 127 ARG A O   1 
ATOM 947  C CB  . ARG A 1 129 ? -10.495 -9.101  4.366   1.00 49.74 ? 127 ARG A CB  1 
ATOM 948  C CG  . ARG A 1 129 ? -10.356 -8.973  5.880   1.00 48.49 ? 127 ARG A CG  1 
ATOM 949  C CD  . ARG A 1 129 ? -11.474 -9.660  6.563   1.00 49.73 ? 127 ARG A CD  1 
ATOM 950  N NE  . ARG A 1 129 ? -11.384 -9.324  7.967   1.00 51.37 ? 127 ARG A NE  1 
ATOM 951  C CZ  . ARG A 1 129 ? -11.742 -10.130 8.970   1.00 49.03 ? 127 ARG A CZ  1 
ATOM 952  N NH1 . ARG A 1 129 ? -12.259 -11.338 8.744   1.00 44.58 ? 127 ARG A NH1 1 
ATOM 953  N NH2 . ARG A 1 129 ? -11.597 -9.700  10.207  1.00 44.86 ? 127 ARG A NH2 1 
ATOM 954  N N   . ARG A 1 130 ? -10.075 -8.143  1.326   1.00 48.60 ? 128 ARG A N   1 
ATOM 955  C CA  . ARG A 1 130 ? -9.879  -8.523  -0.070  1.00 48.97 ? 128 ARG A CA  1 
ATOM 956  C C   . ARG A 1 130 ? -8.631  -7.856  -0.666  1.00 48.45 ? 128 ARG A C   1 
ATOM 957  O O   . ARG A 1 130 ? -7.917  -8.443  -1.463  1.00 48.85 ? 128 ARG A O   1 
ATOM 958  C CB  . ARG A 1 130 ? -11.139 -8.192  -0.837  1.00 48.63 ? 128 ARG A CB  1 
ATOM 959  C CG  . ARG A 1 130 ? -11.099 -8.191  -2.345  1.00 49.37 ? 128 ARG A CG  1 
ATOM 960  C CD  . ARG A 1 130 ? -12.575 -7.984  -2.854  1.00 51.15 ? 128 ARG A CD  1 
ATOM 961  N NE  . ARG A 1 130 ? -13.050 -9.171  -3.578  1.00 56.46 ? 128 ARG A NE  1 
ATOM 962  C CZ  . ARG A 1 130 ? -14.072 -9.951  -3.248  1.00 58.27 ? 128 ARG A CZ  1 
ATOM 963  N NH1 . ARG A 1 130 ? -14.831 -9.693  -2.185  1.00 61.12 ? 128 ARG A NH1 1 
ATOM 964  N NH2 . ARG A 1 130 ? -14.344 -11.008 -4.018  1.00 63.38 ? 128 ARG A NH2 1 
ATOM 965  N N   . LEU A 1 131 ? -8.351  -6.638  -0.247  1.00 48.66 ? 129 LEU A N   1 
ATOM 966  C CA  . LEU A 1 131 ? -7.179  -5.949  -0.736  1.00 48.76 ? 129 LEU A CA  1 
ATOM 967  C C   . LEU A 1 131 ? -5.920  -6.551  -0.133  1.00 49.77 ? 129 LEU A C   1 
ATOM 968  O O   . LEU A 1 131 ? -4.926  -6.700  -0.848  1.00 49.90 ? 129 LEU A O   1 
ATOM 969  C CB  . LEU A 1 131 ? -7.278  -4.473  -0.418  1.00 47.88 ? 129 LEU A CB  1 
ATOM 970  C CG  . LEU A 1 131 ? -7.597  -3.400  -1.467  1.00 47.81 ? 129 LEU A CG  1 
ATOM 971  C CD1 . LEU A 1 131 ? -8.032  -3.896  -2.833  1.00 44.44 ? 129 LEU A CD1 1 
ATOM 972  C CD2 . LEU A 1 131 ? -8.577  -2.366  -0.891  1.00 45.10 ? 129 LEU A CD2 1 
ATOM 973  N N   . ASN A 1 132 ? -5.963  -6.899  1.158   1.00 50.21 ? 130 ASN A N   1 
ATOM 974  C CA  . ASN A 1 132 ? -4.894  -7.661  1.779   1.00 52.09 ? 130 ASN A CA  1 
ATOM 975  C C   . ASN A 1 132 ? -4.609  -9.025  1.107   1.00 53.20 ? 130 ASN A C   1 
ATOM 976  O O   . ASN A 1 132 ? -3.456  -9.409  1.018   1.00 54.34 ? 130 ASN A O   1 
ATOM 977  C CB  . ASN A 1 132 ? -5.173  -7.904  3.268   1.00 52.48 ? 130 ASN A CB  1 
ATOM 978  C CG  . ASN A 1 132 ? -5.100  -6.609  4.148   1.00 55.45 ? 130 ASN A CG  1 
ATOM 979  O OD1 . ASN A 1 132 ? -5.669  -6.585  5.262   1.00 61.89 ? 130 ASN A OD1 1 
ATOM 980  N ND2 . ASN A 1 132 ? -4.410  -5.579  3.684   1.00 49.94 ? 130 ASN A ND2 1 
ATOM 981  N N   . ASP A 1 133 ? -5.633  -9.760  0.666   1.00 53.98 ? 131 ASP A N   1 
ATOM 982  C CA  . ASP A 1 133 ? -5.442  -11.108 0.124   1.00 55.31 ? 131 ASP A CA  1 
ATOM 983  C C   . ASP A 1 133 ? -4.750  -11.053 -1.204  1.00 55.66 ? 131 ASP A C   1 
ATOM 984  O O   . ASP A 1 133 ? -3.872  -11.875 -1.502  1.00 56.17 ? 131 ASP A O   1 
ATOM 985  C CB  . ASP A 1 133 ? -6.773  -11.852 -0.088  1.00 55.55 ? 131 ASP A CB  1 
ATOM 986  C CG  . ASP A 1 133 ? -7.433  -12.258 1.215   1.00 60.27 ? 131 ASP A CG  1 
ATOM 987  O OD1 . ASP A 1 133 ? -8.640  -12.652 1.188   1.00 67.17 ? 131 ASP A OD1 1 
ATOM 988  O OD2 . ASP A 1 133 ? -6.771  -12.178 2.280   1.00 60.03 ? 131 ASP A OD2 1 
ATOM 989  N N   . LEU A 1 134 ? -5.199  -10.130 -2.041  1.00 55.59 ? 132 LEU A N   1 
ATOM 990  C CA  . LEU A 1 134 ? -4.541  -9.846  -3.281  1.00 55.60 ? 132 LEU A CA  1 
ATOM 991  C C   . LEU A 1 134 ? -3.057  -9.681  -3.025  1.00 55.34 ? 132 LEU A C   1 
ATOM 992  O O   . LEU A 1 134 ? -2.269  -10.309 -3.697  1.00 55.37 ? 132 LEU A O   1 
ATOM 993  C CB  . LEU A 1 134 ? -5.025  -8.519  -3.711  1.00 56.87 ? 132 LEU A CB  1 
ATOM 994  C CG  . LEU A 1 134 ? -5.424  -8.268  -5.107  1.00 59.09 ? 132 LEU A CG  1 
ATOM 995  C CD1 . LEU A 1 134 ? -6.976  -8.388  -5.110  1.00 60.39 ? 132 LEU A CD1 1 
ATOM 996  C CD2 . LEU A 1 134 ? -4.917  -6.828  -5.230  1.00 61.43 ? 132 LEU A CD2 1 
ATOM 997  N N   . VAL A 1 135 ? -2.666  -8.855  -2.044  1.00 54.73 ? 133 VAL A N   1 
ATOM 998  C CA  . VAL A 1 135 ? -1.249  -8.647  -1.831  1.00 54.62 ? 133 VAL A CA  1 
ATOM 999  C C   . VAL A 1 135 ? -0.539  -9.848  -1.219  1.00 56.17 ? 133 VAL A C   1 
ATOM 1000 O O   . VAL A 1 135 ? 0.521   -10.227 -1.759  1.00 57.19 ? 133 VAL A O   1 
ATOM 1001 C CB  . VAL A 1 135 ? -0.776  -7.227  -1.288  1.00 53.84 ? 133 VAL A CB  1 
ATOM 1002 C CG1 . VAL A 1 135 ? -1.887  -6.245  -1.145  1.00 51.67 ? 133 VAL A CG1 1 
ATOM 1003 C CG2 . VAL A 1 135 ? 0.017   -7.368  -0.018  1.00 52.03 ? 133 VAL A CG2 1 
ATOM 1004 N N   . SER A 1 136 ? -1.098  -10.474 -0.175  1.00 56.46 ? 134 SER A N   1 
ATOM 1005 C CA  . SER A 1 136 ? -0.602  -11.799 0.311   1.00 57.97 ? 134 SER A CA  1 
ATOM 1006 C C   . SER A 1 136 ? -0.307  -12.798 -0.794  1.00 59.02 ? 134 SER A C   1 
ATOM 1007 O O   . SER A 1 136 ? 0.716   -13.450 -0.765  1.00 59.39 ? 134 SER A O   1 
ATOM 1008 C CB  . SER A 1 136 ? -1.576  -12.472 1.264   1.00 56.64 ? 134 SER A CB  1 
ATOM 1009 O OG  . SER A 1 136 ? -1.785  -11.606 2.340   1.00 57.88 ? 134 SER A OG  1 
ATOM 1010 N N   . ARG A 1 137 ? -1.203  -12.911 -1.761  1.00 60.22 ? 135 ARG A N   1 
ATOM 1011 C CA  . ARG A 1 137 ? -1.040  -13.863 -2.827  1.00 62.60 ? 135 ARG A CA  1 
ATOM 1012 C C   . ARG A 1 137 ? 0.200   -13.501 -3.702  1.00 63.69 ? 135 ARG A C   1 
ATOM 1013 O O   . ARG A 1 137 ? 0.783   -14.347 -4.333  1.00 63.73 ? 135 ARG A O   1 
ATOM 1014 C CB  . ARG A 1 137 ? -2.377  -13.975 -3.603  1.00 62.57 ? 135 ARG A CB  1 
ATOM 1015 C CG  . ARG A 1 137 ? -2.310  -14.485 -5.041  1.00 63.44 ? 135 ARG A CG  1 
ATOM 1016 C CD  . ARG A 1 137 ? -3.677  -14.492 -5.754  1.00 63.80 ? 135 ARG A CD  1 
ATOM 1017 N NE  . ARG A 1 137 ? -4.443  -15.729 -5.533  1.00 64.09 ? 135 ARG A NE  1 
ATOM 1018 C CZ  . ARG A 1 137 ? -4.212  -16.890 -6.151  1.00 65.88 ? 135 ARG A CZ  1 
ATOM 1019 N NH1 . ARG A 1 137 ? -3.234  -17.012 -7.040  1.00 64.97 ? 135 ARG A NH1 1 
ATOM 1020 N NH2 . ARG A 1 137 ? -4.967  -17.948 -5.885  1.00 67.01 ? 135 ARG A NH2 1 
ATOM 1021 N N   . ARG A 1 138 ? 0.622   -12.246 -3.706  1.00 65.50 ? 136 ARG A N   1 
ATOM 1022 C CA  . ARG A 1 138 ? 1.844   -11.864 -4.399  1.00 66.82 ? 136 ARG A CA  1 
ATOM 1023 C C   . ARG A 1 138 ? 3.097   -11.913 -3.530  1.00 69.62 ? 136 ARG A C   1 
ATOM 1024 O O   . ARG A 1 138 ? 4.186   -11.864 -4.058  1.00 69.89 ? 136 ARG A O   1 
ATOM 1025 C CB  . ARG A 1 138 ? 1.722   -10.443 -4.878  1.00 65.64 ? 136 ARG A CB  1 
ATOM 1026 C CG  . ARG A 1 138 ? 0.894   -10.250 -6.050  1.00 62.17 ? 136 ARG A CG  1 
ATOM 1027 C CD  . ARG A 1 138 ? 0.583   -8.802  -6.112  1.00 59.80 ? 136 ARG A CD  1 
ATOM 1028 N NE  . ARG A 1 138 ? -0.305  -8.516  -7.219  1.00 60.08 ? 136 ARG A NE  1 
ATOM 1029 C CZ  . ARG A 1 138 ? -1.109  -7.462  -7.260  1.00 60.73 ? 136 ARG A CZ  1 
ATOM 1030 N NH1 . ARG A 1 138 ? -1.113  -6.597  -6.245  1.00 60.58 ? 136 ARG A NH1 1 
ATOM 1031 N NH2 . ARG A 1 138 ? -1.893  -7.265  -8.330  1.00 59.77 ? 136 ARG A NH2 1 
ATOM 1032 N N   . GLN A 1 139 ? 2.959   -11.931 -2.208  1.00 73.24 ? 137 GLN A N   1 
ATOM 1033 C CA  . GLN A 1 139 ? 4.116   -11.977 -1.328  1.00 76.89 ? 137 GLN A CA  1 
ATOM 1034 C C   . GLN A 1 139 ? 4.706   -13.391 -1.305  1.00 79.65 ? 137 GLN A C   1 
ATOM 1035 O O   . GLN A 1 139 ? 4.079   -14.357 -0.836  1.00 79.84 ? 137 GLN A O   1 
ATOM 1036 C CB  . GLN A 1 139 ? 3.788   -11.477 0.097   1.00 77.04 ? 137 GLN A CB  1 
ATOM 1037 C CG  . GLN A 1 139 ? 3.746   -9.935  0.303   1.00 79.01 ? 137 GLN A CG  1 
ATOM 1038 C CD  . GLN A 1 139 ? 4.949   -9.149  -0.326  1.00 83.76 ? 137 GLN A CD  1 
ATOM 1039 O OE1 . GLN A 1 139 ? 5.961   -8.847  0.372   1.00 82.59 ? 137 GLN A OE1 1 
ATOM 1040 N NE2 . GLN A 1 139 ? 4.829   -8.803  -1.641  1.00 81.94 ? 137 GLN A NE2 1 
ATOM 1041 N N   . LYS A 1 140 ? 5.918   -13.511 -1.843  1.00 83.29 ? 138 LYS A N   1 
ATOM 1042 C CA  . LYS A 1 140 ? 6.614   -14.802 -1.862  1.00 86.56 ? 138 LYS A CA  1 
ATOM 1043 C C   . LYS A 1 140 ? 7.214   -15.112 -0.494  1.00 88.67 ? 138 LYS A C   1 
ATOM 1044 O O   . LYS A 1 140 ? 6.808   -16.075 0.199   1.00 88.59 ? 138 LYS A O   1 
ATOM 1045 C CB  . LYS A 1 140 ? 7.722   -14.819 -2.918  1.00 86.18 ? 138 LYS A CB  1 
ATOM 1046 C CG  . LYS A 1 140 ? 7.884   -16.175 -3.565  1.00 86.33 ? 138 LYS A CG  1 
ATOM 1047 C CD  . LYS A 1 140 ? 8.964   -16.163 -4.628  1.00 86.48 ? 138 LYS A CD  1 
ATOM 1048 C CE  . LYS A 1 140 ? 9.035   -17.512 -5.335  1.00 86.07 ? 138 LYS A CE  1 
ATOM 1049 N NZ  . LYS A 1 140 ? 10.384  -17.693 -5.924  1.00 86.13 ? 138 LYS A NZ  1 
ATOM 1050 N N   . GLN A 1 141 ? 8.155   -14.247 -0.112  1.00 91.10 ? 139 GLN A N   1 
ATOM 1051 C CA  . GLN A 1 141 ? 9.064   -14.511 0.988   1.00 93.23 ? 139 GLN A CA  1 
ATOM 1052 C C   . GLN A 1 141 ? 8.461   -14.912 2.322   1.00 94.14 ? 139 GLN A C   1 
ATOM 1053 O O   . GLN A 1 141 ? 7.473   -14.325 2.814   1.00 94.40 ? 139 GLN A O   1 
ATOM 1054 C CB  . GLN A 1 141 ? 9.948   -13.312 1.210   1.00 93.66 ? 139 GLN A CB  1 
ATOM 1055 C CG  . GLN A 1 141 ? 11.257  -13.431 0.520   1.00 95.30 ? 139 GLN A CG  1 
ATOM 1056 C CD  . GLN A 1 141 ? 12.185  -12.335 0.957   1.00 97.82 ? 139 GLN A CD  1 
ATOM 1057 O OE1 . GLN A 1 141 ? 12.553  -12.247 2.133   1.00 98.72 ? 139 GLN A OE1 1 
ATOM 1058 N NE2 . GLN A 1 141 ? 12.558  -11.472 0.021   1.00 98.28 ? 139 GLN A NE2 1 
ATOM 1059 N N   . THR A 1 142 ? 9.081   -15.938 2.891   1.00 95.03 ? 140 THR A N   1 
ATOM 1060 C CA  . THR A 1 142 ? 8.978   -16.181 4.324   1.00 95.56 ? 140 THR A CA  1 
ATOM 1061 C C   . THR A 1 142 ? 10.024  -15.234 4.949   1.00 94.99 ? 140 THR A C   1 
ATOM 1062 O O   . THR A 1 142 ? 9.708   -14.444 5.857   1.00 95.17 ? 140 THR A O   1 
ATOM 1063 C CB  . THR A 1 142 ? 9.223   -17.701 4.711   1.00 95.97 ? 140 THR A CB  1 
ATOM 1064 O OG1 . THR A 1 142 ? 10.605  -18.047 4.517   1.00 97.31 ? 140 THR A OG1 1 
ATOM 1065 C CG2 . THR A 1 142 ? 8.325   -18.659 3.877   1.00 95.97 ? 140 THR A CG2 1 
ATOM 1066 N N   . SER A 1 143 ? 11.235  -15.271 4.374   1.00 93.83 ? 141 SER A N   1 
ATOM 1067 C CA  . SER A 1 143 ? 12.445  -14.573 4.863   1.00 92.48 ? 141 SER A CA  1 
ATOM 1068 C C   . SER A 1 143 ? 12.391  -13.014 4.937   1.00 90.91 ? 141 SER A C   1 
ATOM 1069 O O   . SER A 1 143 ? 13.317  -12.301 4.505   1.00 90.47 ? 141 SER A O   1 
ATOM 1070 C CB  . SER A 1 143 ? 13.632  -15.026 4.008   1.00 92.77 ? 141 SER A CB  1 
ATOM 1071 O OG  . SER A 1 143 ? 13.267  -14.930 2.639   1.00 93.40 ? 141 SER A OG  1 
ATOM 1072 N N   . LEU A 1 144 ? 11.315  -12.495 5.512   1.00 88.60 ? 142 LEU A N   1 
ATOM 1073 C CA  . LEU A 1 144 ? 11.179  -11.071 5.733   1.00 86.11 ? 142 LEU A CA  1 
ATOM 1074 C C   . LEU A 1 144 ? 11.839  -10.757 7.065   1.00 84.91 ? 142 LEU A C   1 
ATOM 1075 O O   . LEU A 1 144 ? 11.792  -11.586 7.973   1.00 85.11 ? 142 LEU A O   1 
ATOM 1076 C CB  . LEU A 1 144 ? 9.694   -10.734 5.744   1.00 85.66 ? 142 LEU A CB  1 
ATOM 1077 C CG  . LEU A 1 144 ? 9.039   -11.177 4.439   1.00 83.86 ? 142 LEU A CG  1 
ATOM 1078 C CD1 . LEU A 1 144 ? 7.560   -11.515 4.581   1.00 82.37 ? 142 LEU A CD1 1 
ATOM 1079 C CD2 . LEU A 1 144 ? 9.257   -10.100 3.439   1.00 83.02 ? 142 LEU A CD2 1 
ATOM 1080 N N   . ALA A 1 145 ? 12.467  -9.584  7.188   1.00 83.07 ? 143 ALA A N   1 
ATOM 1081 C CA  . ALA A 1 145 ? 13.017  -9.119  8.481   1.00 81.51 ? 143 ALA A CA  1 
ATOM 1082 C C   . ALA A 1 145 ? 11.972  -9.145  9.603   1.00 80.46 ? 143 ALA A C   1 
ATOM 1083 O O   . ALA A 1 145 ? 10.763  -9.268  9.350   1.00 80.70 ? 143 ALA A O   1 
ATOM 1084 C CB  . ALA A 1 145 ? 13.608  -7.697  8.347   1.00 81.41 ? 143 ALA A CB  1 
ATOM 1085 N N   . LYS A 1 146 ? 12.412  -9.026  10.848  1.00 78.77 ? 144 LYS A N   1 
ATOM 1086 C CA  . LYS A 1 146 ? 11.425  -8.887  11.913  1.00 76.84 ? 144 LYS A CA  1 
ATOM 1087 C C   . LYS A 1 146 ? 11.022  -7.403  12.091  1.00 74.25 ? 144 LYS A C   1 
ATOM 1088 O O   . LYS A 1 146 ? 11.824  -6.499  11.855  1.00 73.26 ? 144 LYS A O   1 
ATOM 1089 C CB  . LYS A 1 146 ? 11.883  -9.557  13.207  1.00 77.16 ? 144 LYS A CB  1 
ATOM 1090 C CG  . LYS A 1 146 ? 10.727  -10.271 13.916  1.00 79.93 ? 144 LYS A CG  1 
ATOM 1091 C CD  . LYS A 1 146 ? 10.624  -9.826  15.388  1.00 83.85 ? 144 LYS A CD  1 
ATOM 1092 C CE  . LYS A 1 146 ? 9.776   -10.786 16.220  1.00 85.76 ? 144 LYS A CE  1 
ATOM 1093 N NZ  . LYS A 1 146 ? 10.289  -10.784 17.628  1.00 86.87 ? 144 LYS A NZ  1 
ATOM 1094 N N   . LYS A 1 147 ? 9.756   -7.165  12.433  1.00 71.67 ? 145 LYS A N   1 
ATOM 1095 C CA  . LYS A 1 147 ? 9.249   -5.801  12.672  1.00 69.00 ? 145 LYS A CA  1 
ATOM 1096 C C   . LYS A 1 147 ? 8.288   -5.839  13.846  1.00 68.16 ? 145 LYS A C   1 
ATOM 1097 O O   . LYS A 1 147 ? 7.748   -6.904  14.177  1.00 67.47 ? 145 LYS A O   1 
ATOM 1098 C CB  . LYS A 1 147 ? 8.531   -5.227  11.439  1.00 68.40 ? 145 LYS A CB  1 
ATOM 1099 C CG  . LYS A 1 147 ? 9.405   -5.066  10.209  1.00 65.59 ? 145 LYS A CG  1 
ATOM 1100 C CD  . LYS A 1 147 ? 8.602   -5.036  8.958   1.00 61.03 ? 145 LYS A CD  1 
ATOM 1101 C CE  . LYS A 1 147 ? 9.485   -5.310  7.774   1.00 59.08 ? 145 LYS A CE  1 
ATOM 1102 N NZ  . LYS A 1 147 ? 9.616   -6.749  7.431   1.00 56.06 ? 145 LYS A NZ  1 
ATOM 1103 N N   . THR A 1 148 ? 8.085   -4.689  14.494  1.00 66.77 ? 146 THR A N   1 
ATOM 1104 C CA  . THR A 1 148 ? 7.050   -4.613  15.517  1.00 65.54 ? 146 THR A CA  1 
ATOM 1105 C C   . THR A 1 148 ? 5.953   -3.601  15.140  1.00 64.03 ? 146 THR A C   1 
ATOM 1106 O O   . THR A 1 148 ? 6.214   -2.610  14.465  1.00 64.24 ? 146 THR A O   1 
ATOM 1107 C CB  . THR A 1 148 ? 7.603   -4.385  16.960  1.00 65.46 ? 146 THR A CB  1 
ATOM 1108 O OG1 . THR A 1 148 ? 7.878   -2.996  17.154  1.00 67.48 ? 146 THR A OG1 1 
ATOM 1109 C CG2 . THR A 1 148 ? 8.872   -5.238  17.250  1.00 65.94 ? 146 THR A CG2 1 
ATOM 1110 N N   . ALA A 1 149 ? 4.724   -3.887  15.570  1.00 62.01 ? 147 ALA A N   1 
ATOM 1111 C CA  . ALA A 1 149 ? 3.594   -2.994  15.376  1.00 59.61 ? 147 ALA A CA  1 
ATOM 1112 C C   . ALA A 1 149 ? 3.814   -1.606  15.984  1.00 57.91 ? 147 ALA A C   1 
ATOM 1113 O O   . ALA A 1 149 ? 4.335   -1.487  17.087  1.00 57.73 ? 147 ALA A O   1 
ATOM 1114 C CB  . ALA A 1 149 ? 2.328   -3.628  15.951  1.00 59.55 ? 147 ALA A CB  1 
ATOM 1115 N N   . TRP A 1 150 ? 3.395   -0.569  15.256  1.00 55.80 ? 148 TRP A N   1 
ATOM 1116 C CA  . TRP A 1 150 ? 3.320   0.778   15.789  1.00 53.84 ? 148 TRP A CA  1 
ATOM 1117 C C   . TRP A 1 150 ? 2.107   1.501   15.196  1.00 53.35 ? 148 TRP A C   1 
ATOM 1118 O O   . TRP A 1 150 ? 1.568   1.088   14.163  1.00 53.13 ? 148 TRP A O   1 
ATOM 1119 C CB  . TRP A 1 150 ? 4.596   1.519   15.458  1.00 53.04 ? 148 TRP A CB  1 
ATOM 1120 C CG  . TRP A 1 150 ? 4.804   1.583   14.002  1.00 53.64 ? 148 TRP A CG  1 
ATOM 1121 C CD1 . TRP A 1 150 ? 5.308   0.593   13.192  1.00 52.94 ? 148 TRP A CD1 1 
ATOM 1122 C CD2 . TRP A 1 150 ? 4.450   2.668   13.133  1.00 53.12 ? 148 TRP A CD2 1 
ATOM 1123 N NE1 . TRP A 1 150 ? 5.330   1.024   11.882  1.00 51.40 ? 148 TRP A NE1 1 
ATOM 1124 C CE2 . TRP A 1 150 ? 4.797   2.287   11.820  1.00 52.81 ? 148 TRP A CE2 1 
ATOM 1125 C CE3 . TRP A 1 150 ? 3.886   3.922   13.339  1.00 53.97 ? 148 TRP A CE3 1 
ATOM 1126 C CZ2 . TRP A 1 150 ? 4.597   3.121   10.724  1.00 52.80 ? 148 TRP A CZ2 1 
ATOM 1127 C CZ3 . TRP A 1 150 ? 3.685   4.747   12.241  1.00 54.13 ? 148 TRP A CZ3 1 
ATOM 1128 C CH2 . TRP A 1 150 ? 4.038   4.338   10.956  1.00 53.41 ? 148 TRP A CH2 1 
ATOM 1129 N N   . ALA A 1 151 ? 1.729   2.610   15.822  1.00 52.64 ? 149 ALA A N   1 
ATOM 1130 C CA  . ALA A 1 151 ? 0.499   3.313   15.514  1.00 52.95 ? 149 ALA A CA  1 
ATOM 1131 C C   . ALA A 1 151 ? 0.709   4.707   14.900  1.00 53.51 ? 149 ALA A C   1 
ATOM 1132 O O   . ALA A 1 151 ? 1.620   5.432   15.298  1.00 53.71 ? 149 ALA A O   1 
ATOM 1133 C CB  . ALA A 1 151 ? -0.320  3.433   16.775  1.00 52.30 ? 149 ALA A CB  1 
ATOM 1134 N N   . LEU A 1 152 ? -0.130  5.075   13.931  1.00 53.46 ? 150 LEU A N   1 
ATOM 1135 C CA  . LEU A 1 152 ? -0.267  6.468   13.505  1.00 53.73 ? 150 LEU A CA  1 
ATOM 1136 C C   . LEU A 1 152 ? -1.364  7.143   14.332  1.00 54.33 ? 150 LEU A C   1 
ATOM 1137 O O   . LEU A 1 152 ? -2.409  6.538   14.628  1.00 54.56 ? 150 LEU A O   1 
ATOM 1138 C CB  . LEU A 1 152 ? -0.658  6.554   12.031  1.00 53.53 ? 150 LEU A CB  1 
ATOM 1139 C CG  . LEU A 1 152 ? 0.362   6.150   10.948  1.00 54.82 ? 150 LEU A CG  1 
ATOM 1140 C CD1 . LEU A 1 152 ? -0.296  5.754   9.622   1.00 48.49 ? 150 LEU A CD1 1 
ATOM 1141 C CD2 . LEU A 1 152 ? 1.418   7.233   10.735  1.00 53.56 ? 150 LEU A CD2 1 
ATOM 1142 N N   . TYR A 1 153 ? -1.150  8.412   14.672  1.00 54.79 ? 151 TYR A N   1 
ATOM 1143 C CA  . TYR A 1 153 ? -2.080  9.115   15.527  1.00 53.92 ? 151 TYR A CA  1 
ATOM 1144 C C   . TYR A 1 153 ? -2.695  10.355  14.934  1.00 53.96 ? 151 TYR A C   1 
ATOM 1145 O O   . TYR A 1 153 ? -3.496  10.981  15.597  1.00 55.40 ? 151 TYR A O   1 
ATOM 1146 C CB  . TYR A 1 153 ? -1.424  9.467   16.842  1.00 53.45 ? 151 TYR A CB  1 
ATOM 1147 C CG  . TYR A 1 153 ? -0.968  8.293   17.636  1.00 53.32 ? 151 TYR A CG  1 
ATOM 1148 C CD1 . TYR A 1 153 ? 0.392   7.957   17.690  1.00 54.79 ? 151 TYR A CD1 1 
ATOM 1149 C CD2 . TYR A 1 153 ? -1.881  7.525   18.391  1.00 53.75 ? 151 TYR A CD2 1 
ATOM 1150 C CE1 . TYR A 1 153 ? 0.853   6.833   18.479  1.00 54.64 ? 151 TYR A CE1 1 
ATOM 1151 C CE2 . TYR A 1 153 ? -1.458  6.411   19.156  1.00 51.45 ? 151 TYR A CE2 1 
ATOM 1152 C CZ  . TYR A 1 153 ? -0.091  6.069   19.197  1.00 54.08 ? 151 TYR A CZ  1 
ATOM 1153 O OH  . TYR A 1 153 ? 0.338   4.967   19.931  1.00 54.77 ? 151 TYR A OH  1 
ATOM 1154 N N   . ASP A 1 154 ? -2.388  10.723  13.698  1.00 54.28 ? 152 ASP A N   1 
ATOM 1155 C CA  . ASP A 1 154 ? -3.112  11.849  13.074  1.00 53.82 ? 152 ASP A CA  1 
ATOM 1156 C C   . ASP A 1 154 ? -3.203  11.721  11.548  1.00 53.48 ? 152 ASP A C   1 
ATOM 1157 O O   . ASP A 1 154 ? -2.377  11.058  10.929  1.00 52.57 ? 152 ASP A O   1 
ATOM 1158 C CB  . ASP A 1 154 ? -2.483  13.188  13.467  1.00 53.73 ? 152 ASP A CB  1 
ATOM 1159 C CG  . ASP A 1 154 ? -1.270  13.519  12.625  1.00 55.57 ? 152 ASP A CG  1 
ATOM 1160 O OD1 . ASP A 1 154 ? -0.347  12.681  12.501  1.00 55.66 ? 152 ASP A OD1 1 
ATOM 1161 O OD2 . ASP A 1 154 ? -1.255  14.624  12.049  1.00 59.41 ? 152 ASP A OD2 1 
ATOM 1162 N N   . GLY A 1 155 ? -4.217  12.385  10.985  1.00 53.81 ? 153 GLY A N   1 
ATOM 1163 C CA  . GLY A 1 155 ? -4.541  12.382  9.574   1.00 53.81 ? 153 GLY A CA  1 
ATOM 1164 C C   . GLY A 1 155 ? -3.390  12.836  8.712   1.00 54.73 ? 153 GLY A C   1 
ATOM 1165 O O   . GLY A 1 155 ? -3.261  12.421  7.536   1.00 55.10 ? 153 GLY A O   1 
ATOM 1166 N N   . LYS A 1 156 ? -2.529  13.678  9.278   1.00 54.55 ? 154 LYS A N   1 
ATOM 1167 C CA  . LYS A 1 156 ? -1.467  14.262  8.463   1.00 54.21 ? 154 LYS A CA  1 
ATOM 1168 C C   . LYS A 1 156 ? -0.377  13.250  8.221   1.00 53.48 ? 154 LYS A C   1 
ATOM 1169 O O   . LYS A 1 156 ? 0.095   13.116  7.097   1.00 53.66 ? 154 LYS A O   1 
ATOM 1170 C CB  . LYS A 1 156 ? -0.926  15.576  9.042   1.00 54.53 ? 154 LYS A CB  1 
ATOM 1171 C CG  . LYS A 1 156 ? -1.920  16.765  8.964   1.00 55.27 ? 154 LYS A CG  1 
ATOM 1172 C CD  . LYS A 1 156 ? -2.324  17.052  7.491   1.00 56.88 ? 154 LYS A CD  1 
ATOM 1173 C CE  . LYS A 1 156 ? -3.012  18.403  7.340   1.00 55.55 ? 154 LYS A CE  1 
ATOM 1174 N NZ  . LYS A 1 156 ? -4.412  18.357  7.822   1.00 54.58 ? 154 LYS A NZ  1 
ATOM 1175 N N   . SER A 1 157 ? -0.011  12.499  9.247   1.00 52.85 ? 155 SER A N   1 
ATOM 1176 C CA  . SER A 1 157 ? 1.079   11.543  9.099   1.00 52.87 ? 155 SER A CA  1 
ATOM 1177 C C   . SER A 1 157 ? 0.721   10.414  8.131   1.00 53.31 ? 155 SER A C   1 
ATOM 1178 O O   . SER A 1 157 ? 1.593   9.838   7.475   1.00 52.94 ? 155 SER A O   1 
ATOM 1179 C CB  . SER A 1 157 ? 1.514   10.971  10.446  1.00 52.81 ? 155 SER A CB  1 
ATOM 1180 O OG  . SER A 1 157 ? 2.153   11.965  11.226  1.00 52.30 ? 155 SER A OG  1 
ATOM 1181 N N   . LEU A 1 158 ? -0.568  10.119  8.032   1.00 53.50 ? 156 LEU A N   1 
ATOM 1182 C CA  . LEU A 1 158 ? -1.036  9.039   7.191   1.00 53.79 ? 156 LEU A CA  1 
ATOM 1183 C C   . LEU A 1 158 ? -1.041  9.567   5.780   1.00 54.63 ? 156 LEU A C   1 
ATOM 1184 O O   . LEU A 1 158 ? -0.546  8.892   4.890   1.00 54.56 ? 156 LEU A O   1 
ATOM 1185 C CB  . LEU A 1 158 ? -2.411  8.575   7.684   1.00 54.22 ? 156 LEU A CB  1 
ATOM 1186 C CG  . LEU A 1 158 ? -3.440  7.576   7.159   1.00 53.05 ? 156 LEU A CG  1 
ATOM 1187 C CD1 . LEU A 1 158 ? -3.970  7.944   5.800   1.00 51.88 ? 156 LEU A CD1 1 
ATOM 1188 C CD2 . LEU A 1 158 ? -2.901  6.227   7.163   1.00 53.31 ? 156 LEU A CD2 1 
ATOM 1189 N N   . GLU A 1 159 ? -1.550  10.786  5.582   1.00 55.95 ? 157 GLU A N   1 
ATOM 1190 C CA  . GLU A 1 159 ? -1.498  11.428  4.277   1.00 57.53 ? 157 GLU A CA  1 
ATOM 1191 C C   . GLU A 1 159 ? -0.072  11.496  3.704   1.00 57.31 ? 157 GLU A C   1 
ATOM 1192 O O   . GLU A 1 159 ? 0.141   11.238  2.535   1.00 57.70 ? 157 GLU A O   1 
ATOM 1193 C CB  . GLU A 1 159 ? -2.151  12.819  4.305   1.00 58.43 ? 157 GLU A CB  1 
ATOM 1194 C CG  . GLU A 1 159 ? -3.710  12.854  4.211   1.00 63.93 ? 157 GLU A CG  1 
ATOM 1195 C CD  . GLU A 1 159 ? -4.305  11.767  3.273   1.00 70.68 ? 157 GLU A CD  1 
ATOM 1196 O OE1 . GLU A 1 159 ? -5.013  10.851  3.816   1.00 72.95 ? 157 GLU A OE1 1 
ATOM 1197 O OE2 . GLU A 1 159 ? -4.039  11.816  2.024   1.00 69.76 ? 157 GLU A OE2 1 
ATOM 1198 N N   . LYS A 1 160 ? 0.910   11.820  4.530   1.00 57.43 ? 158 LYS A N   1 
ATOM 1199 C CA  . LYS A 1 160 ? 2.301   11.845  4.079   1.00 57.29 ? 158 LYS A CA  1 
ATOM 1200 C C   . LYS A 1 160 ? 2.693   10.465  3.558   1.00 57.50 ? 158 LYS A C   1 
ATOM 1201 O O   . LYS A 1 160 ? 3.107   10.332  2.423   1.00 58.17 ? 158 LYS A O   1 
ATOM 1202 C CB  . LYS A 1 160 ? 3.222   12.293  5.222   1.00 57.15 ? 158 LYS A CB  1 
ATOM 1203 C CG  . LYS A 1 160 ? 4.605   12.760  4.823   1.00 56.37 ? 158 LYS A CG  1 
ATOM 1204 C CD  . LYS A 1 160 ? 4.920   14.072  5.560   1.00 55.28 ? 158 LYS A CD  1 
ATOM 1205 C CE  . LYS A 1 160 ? 6.270   14.051  6.247   1.00 52.98 ? 158 LYS A CE  1 
ATOM 1206 N NZ  . LYS A 1 160 ? 6.236   15.092  7.310   1.00 51.68 ? 158 LYS A NZ  1 
ATOM 1207 N N   . ILE A 1 161 ? 2.545   9.429   4.366   1.00 57.61 ? 159 ILE A N   1 
ATOM 1208 C CA  . ILE A 1 161 ? 2.804   8.091   3.864   1.00 57.86 ? 159 ILE A CA  1 
ATOM 1209 C C   . ILE A 1 161 ? 2.036   7.747   2.582   1.00 58.85 ? 159 ILE A C   1 
ATOM 1210 O O   . ILE A 1 161 ? 2.631   7.460   1.563   1.00 60.12 ? 159 ILE A O   1 
ATOM 1211 C CB  . ILE A 1 161 ? 2.525   7.027   4.888   1.00 57.25 ? 159 ILE A CB  1 
ATOM 1212 C CG1 . ILE A 1 161 ? 3.378   7.265   6.125   1.00 55.79 ? 159 ILE A CG1 1 
ATOM 1213 C CG2 . ILE A 1 161 ? 2.826   5.659   4.270   1.00 56.04 ? 159 ILE A CG2 1 
ATOM 1214 C CD1 . ILE A 1 161 ? 3.016   6.378   7.294   1.00 56.60 ? 159 ILE A CD1 1 
ATOM 1215 N N   . VAL A 1 162 ? 0.719   7.782   2.628   1.00 59.25 ? 160 VAL A N   1 
ATOM 1216 C CA  . VAL A 1 162 ? -0.094  7.535   1.448   1.00 58.62 ? 160 VAL A CA  1 
ATOM 1217 C C   . VAL A 1 162 ? 0.365   8.367   0.254   1.00 58.97 ? 160 VAL A C   1 
ATOM 1218 O O   . VAL A 1 162 ? 0.702   7.786   -0.800  1.00 59.86 ? 160 VAL A O   1 
ATOM 1219 C CB  . VAL A 1 162 ? -1.599  7.745   1.777   1.00 58.82 ? 160 VAL A CB  1 
ATOM 1220 C CG1 . VAL A 1 162 ? -2.395  7.923   0.535   1.00 57.90 ? 160 VAL A CG1 1 
ATOM 1221 C CG2 . VAL A 1 162 ? -2.123  6.568   2.621   1.00 56.20 ? 160 VAL A CG2 1 
ATOM 1222 N N   . ASP A 1 163 ? 0.431   9.695   0.378   1.00 58.59 ? 161 ASP A N   1 
ATOM 1223 C CA  . ASP A 1 163 ? 0.798   10.483  -0.809  1.00 59.19 ? 161 ASP A CA  1 
ATOM 1224 C C   . ASP A 1 163 ? 2.201   10.194  -1.299  1.00 58.65 ? 161 ASP A C   1 
ATOM 1225 O O   . ASP A 1 163 ? 2.423   10.136  -2.501  1.00 58.77 ? 161 ASP A O   1 
ATOM 1226 C CB  . ASP A 1 163 ? 0.603   11.995  -0.645  1.00 60.05 ? 161 ASP A CB  1 
ATOM 1227 C CG  . ASP A 1 163 ? -0.832  12.374  -0.199  1.00 65.17 ? 161 ASP A CG  1 
ATOM 1228 O OD1 . ASP A 1 163 ? -1.634  11.466  0.155   1.00 69.35 ? 161 ASP A OD1 1 
ATOM 1229 O OD2 . ASP A 1 163 ? -1.161  13.599  -0.152  1.00 69.61 ? 161 ASP A OD2 1 
ATOM 1230 N N   . GLN A 1 164 ? 3.156   10.022  -0.392  1.00 58.23 ? 162 GLN A N   1 
ATOM 1231 C CA  . GLN A 1 164 ? 4.525   9.799   -0.820  1.00 58.15 ? 162 GLN A CA  1 
ATOM 1232 C C   . GLN A 1 164 ? 4.763   8.412   -1.347  1.00 58.06 ? 162 GLN A C   1 
ATOM 1233 O O   . GLN A 1 164 ? 5.572   8.238   -2.279  1.00 57.81 ? 162 GLN A O   1 
ATOM 1234 C CB  . GLN A 1 164 ? 5.529   10.131  0.251   1.00 58.63 ? 162 GLN A CB  1 
ATOM 1235 C CG  . GLN A 1 164 ? 5.628   11.625  0.490   1.00 62.48 ? 162 GLN A CG  1 
ATOM 1236 C CD  . GLN A 1 164 ? 6.977   12.044  0.998   1.00 66.11 ? 162 GLN A CD  1 
ATOM 1237 O OE1 . GLN A 1 164 ? 7.070   12.872  1.913   1.00 68.36 ? 162 GLN A OE1 1 
ATOM 1238 N NE2 . GLN A 1 164 ? 8.043   11.483  0.411   1.00 66.65 ? 162 GLN A NE2 1 
ATOM 1239 N N   . VAL A 1 165 ? 4.050   7.417   -0.824  1.00 57.35 ? 163 VAL A N   1 
ATOM 1240 C CA  . VAL A 1 165 ? 4.141   6.115   -1.467  1.00 56.98 ? 163 VAL A CA  1 
ATOM 1241 C C   . VAL A 1 165 ? 3.599   6.209   -2.895  1.00 57.84 ? 163 VAL A C   1 
ATOM 1242 O O   . VAL A 1 165 ? 4.189   5.636   -3.820  1.00 58.52 ? 163 VAL A O   1 
ATOM 1243 C CB  . VAL A 1 165 ? 3.456   5.010   -0.709  1.00 56.23 ? 163 VAL A CB  1 
ATOM 1244 C CG1 . VAL A 1 165 ? 3.382   3.755   -1.573  1.00 56.05 ? 163 VAL A CG1 1 
ATOM 1245 C CG2 . VAL A 1 165 ? 4.209   4.718   0.553   1.00 57.28 ? 163 VAL A CG2 1 
ATOM 1246 N N   . ALA A 1 166 ? 2.487   6.919   -3.086  1.00 57.83 ? 164 ALA A N   1 
ATOM 1247 C CA  . ALA A 1 166 ? 1.936   7.058   -4.434  1.00 58.03 ? 164 ALA A CA  1 
ATOM 1248 C C   . ALA A 1 166 ? 2.892   7.743   -5.412  1.00 58.26 ? 164 ALA A C   1 
ATOM 1249 O O   . ALA A 1 166 ? 2.998   7.269   -6.554  1.00 59.61 ? 164 ALA A O   1 
ATOM 1250 C CB  . ALA A 1 166 ? 0.586   7.727   -4.427  1.00 57.24 ? 164 ALA A CB  1 
ATOM 1251 N N   . ARG A 1 167 ? 3.597   8.805   -4.992  1.00 57.71 ? 165 ARG A N   1 
ATOM 1252 C CA  . ARG A 1 167 ? 4.580   9.493   -5.874  1.00 57.55 ? 165 ARG A CA  1 
ATOM 1253 C C   . ARG A 1 167 ? 5.769   8.573   -6.175  1.00 56.59 ? 165 ARG A C   1 
ATOM 1254 O O   . ARG A 1 167 ? 6.263   8.526   -7.292  1.00 56.54 ? 165 ARG A O   1 
ATOM 1255 C CB  . ARG A 1 167 ? 5.112   10.823  -5.275  1.00 57.65 ? 165 ARG A CB  1 
ATOM 1256 C CG  . ARG A 1 167 ? 4.210   12.084  -5.395  1.00 62.12 ? 165 ARG A CG  1 
ATOM 1257 C CD  . ARG A 1 167 ? 2.976   11.916  -6.341  1.00 70.68 ? 165 ARG A CD  1 
ATOM 1258 N NE  . ARG A 1 167 ? 1.719   11.502  -5.658  1.00 76.03 ? 165 ARG A NE  1 
ATOM 1259 C CZ  . ARG A 1 167 ? 0.630   10.963  -6.245  1.00 77.78 ? 165 ARG A CZ  1 
ATOM 1260 N NH1 . ARG A 1 167 ? 0.589   10.694  -7.556  1.00 78.00 ? 165 ARG A NH1 1 
ATOM 1261 N NH2 . ARG A 1 167 ? -0.432  10.657  -5.506  1.00 77.64 ? 165 ARG A NH2 1 
ATOM 1262 N N   . PHE A 1 168 ? 6.234   7.865   -5.156  1.00 56.09 ? 166 PHE A N   1 
ATOM 1263 C CA  . PHE A 1 168 ? 7.297   6.892   -5.313  1.00 55.72 ? 166 PHE A CA  1 
ATOM 1264 C C   . PHE A 1 168 ? 6.979   5.814   -6.313  1.00 56.03 ? 166 PHE A C   1 
ATOM 1265 O O   . PHE A 1 168 ? 7.816   5.526   -7.205  1.00 56.86 ? 166 PHE A O   1 
ATOM 1266 C CB  . PHE A 1 168 ? 7.695   6.265   -3.984  1.00 55.47 ? 166 PHE A CB  1 
ATOM 1267 C CG  . PHE A 1 168 ? 8.559   7.176   -3.139  1.00 54.72 ? 166 PHE A CG  1 
ATOM 1268 C CD1 . PHE A 1 168 ? 8.409   7.226   -1.765  1.00 52.86 ? 166 PHE A CD1 1 
ATOM 1269 C CD2 . PHE A 1 168 ? 9.503   8.018   -3.752  1.00 54.87 ? 166 PHE A CD2 1 
ATOM 1270 C CE1 . PHE A 1 168 ? 9.202   8.099   -0.998  1.00 54.99 ? 166 PHE A CE1 1 
ATOM 1271 C CE2 . PHE A 1 168 ? 10.308  8.872   -3.013  1.00 55.63 ? 166 PHE A CE2 1 
ATOM 1272 C CZ  . PHE A 1 168 ? 10.156  8.910   -1.615  1.00 55.85 ? 166 PHE A CZ  1 
ATOM 1273 N N   . VAL A 1 169 ? 5.781   5.242   -6.216  1.00 54.72 ? 167 VAL A N   1 
ATOM 1274 C CA  . VAL A 1 169 ? 5.368   4.238   -7.184  1.00 53.54 ? 167 VAL A CA  1 
ATOM 1275 C C   . VAL A 1 169 ? 5.176   4.886   -8.540  1.00 53.58 ? 167 VAL A C   1 
ATOM 1276 O O   . VAL A 1 169 ? 5.434   4.244   -9.562  1.00 53.78 ? 167 VAL A O   1 
ATOM 1277 C CB  . VAL A 1 169 ? 4.109   3.476   -6.704  1.00 54.01 ? 167 VAL A CB  1 
ATOM 1278 C CG1 . VAL A 1 169 ? 3.703   2.433   -7.672  1.00 49.56 ? 167 VAL A CG1 1 
ATOM 1279 C CG2 . VAL A 1 169 ? 4.395   2.841   -5.338  1.00 54.31 ? 167 VAL A CG2 1 
ATOM 1280 N N   . ASP A 1 170 ? 4.762   6.148   -8.586  1.00 53.26 ? 168 ASP A N   1 
ATOM 1281 C CA  . ASP A 1 170 ? 4.704   6.825   -9.905  1.00 54.46 ? 168 ASP A CA  1 
ATOM 1282 C C   . ASP A 1 170 ? 6.083   6.719   -10.570 1.00 54.79 ? 168 ASP A C   1 
ATOM 1283 O O   . ASP A 1 170 ? 6.212   6.488   -11.799 1.00 54.54 ? 168 ASP A O   1 
ATOM 1284 C CB  . ASP A 1 170 ? 4.330   8.310   -9.812  1.00 54.25 ? 168 ASP A CB  1 
ATOM 1285 C CG  . ASP A 1 170 ? 2.846   8.545   -9.565  1.00 56.62 ? 168 ASP A CG  1 
ATOM 1286 O OD1 . ASP A 1 170 ? 2.459   9.735   -9.544  1.00 58.71 ? 168 ASP A OD1 1 
ATOM 1287 O OD2 . ASP A 1 170 ? 2.061   7.576   -9.393  1.00 57.19 ? 168 ASP A OD2 1 
ATOM 1288 N N   . GLU A 1 171 ? 7.126   6.875   -9.753  1.00 54.63 ? 169 GLU A N   1 
ATOM 1289 C CA  . GLU A 1 171 ? 8.420   6.991   -10.358 1.00 54.58 ? 169 GLU A CA  1 
ATOM 1290 C C   . GLU A 1 171 ? 9.079   5.646   -10.638 1.00 53.65 ? 169 GLU A C   1 
ATOM 1291 O O   . GLU A 1 171 ? 9.847   5.531   -11.591 1.00 54.33 ? 169 GLU A O   1 
ATOM 1292 C CB  . GLU A 1 171 ? 9.279   8.106   -9.721  1.00 55.12 ? 169 GLU A CB  1 
ATOM 1293 C CG  . GLU A 1 171 ? 10.059  7.800   -8.431  1.00 55.79 ? 169 GLU A CG  1 
ATOM 1294 C CD  . GLU A 1 171 ? 10.867  9.039   -7.929  1.00 55.33 ? 169 GLU A CD  1 
ATOM 1295 O OE1 . GLU A 1 171 ? 11.951  9.387   -8.511  1.00 53.71 ? 169 GLU A OE1 1 
ATOM 1296 O OE2 . GLU A 1 171 ? 10.403  9.647   -6.944  1.00 55.10 ? 169 GLU A OE2 1 
ATOM 1297 N N   . LEU A 1 172 ? 8.704   4.629   -9.858  1.00 52.82 ? 170 LEU A N   1 
ATOM 1298 C CA  . LEU A 1 172 ? 8.967   3.212   -10.160 1.00 51.95 ? 170 LEU A CA  1 
ATOM 1299 C C   . LEU A 1 172 ? 8.398   2.757   -11.496 1.00 52.60 ? 170 LEU A C   1 
ATOM 1300 O O   . LEU A 1 172 ? 9.064   2.059   -12.260 1.00 52.54 ? 170 LEU A O   1 
ATOM 1301 C CB  . LEU A 1 172 ? 8.348   2.352   -9.101  1.00 51.37 ? 170 LEU A CB  1 
ATOM 1302 C CG  . LEU A 1 172 ? 9.231   1.624   -8.098  1.00 51.23 ? 170 LEU A CG  1 
ATOM 1303 C CD1 . LEU A 1 172 ? 10.663  2.112   -8.058  1.00 49.72 ? 170 LEU A CD1 1 
ATOM 1304 C CD2 . LEU A 1 172 ? 8.573   1.673   -6.737  1.00 47.27 ? 170 LEU A CD2 1 
ATOM 1305 N N   . GLU A 1 173 ? 7.155   3.150   -11.767 1.00 53.10 ? 171 GLU A N   1 
ATOM 1306 C CA  . GLU A 1 173 ? 6.531   2.923   -13.047 1.00 53.22 ? 171 GLU A CA  1 
ATOM 1307 C C   . GLU A 1 173 ? 7.278   3.644   -14.163 1.00 53.33 ? 171 GLU A C   1 
ATOM 1308 O O   . GLU A 1 173 ? 7.623   3.008   -15.156 1.00 54.08 ? 171 GLU A O   1 
ATOM 1309 C CB  . GLU A 1 173 ? 5.065   3.343   -13.002 1.00 53.10 ? 171 GLU A CB  1 
ATOM 1310 C CG  . GLU A 1 173 ? 4.205   2.418   -12.165 1.00 53.29 ? 171 GLU A CG  1 
ATOM 1311 C CD  . GLU A 1 173 ? 2.726   2.804   -12.153 1.00 54.84 ? 171 GLU A CD  1 
ATOM 1312 O OE1 . GLU A 1 173 ? 2.081   2.539   -11.112 1.00 57.32 ? 171 GLU A OE1 1 
ATOM 1313 O OE2 . GLU A 1 173 ? 2.200   3.376   -13.155 1.00 56.05 ? 171 GLU A OE2 1 
ATOM 1314 N N   . LYS A 1 174 ? 7.540   4.949   -14.011 1.00 53.32 ? 172 LYS A N   1 
ATOM 1315 C CA  . LYS A 1 174 ? 8.330   5.723   -14.999 1.00 53.39 ? 172 LYS A CA  1 
ATOM 1316 C C   . LYS A 1 174 ? 9.590   4.978   -15.419 1.00 52.49 ? 172 LYS A C   1 
ATOM 1317 O O   . LYS A 1 174 ? 9.917   4.913   -16.580 1.00 52.34 ? 172 LYS A O   1 
ATOM 1318 C CB  . LYS A 1 174 ? 8.778   7.060   -14.407 1.00 53.54 ? 172 LYS A CB  1 
ATOM 1319 C CG  . LYS A 1 174 ? 8.108   8.294   -14.983 1.00 54.36 ? 172 LYS A CG  1 
ATOM 1320 C CD  . LYS A 1 174 ? 8.095   9.502   -13.953 1.00 54.78 ? 172 LYS A CD  1 
ATOM 1321 C CE  . LYS A 1 174 ? 9.493   10.164  -13.764 1.00 55.49 ? 172 LYS A CE  1 
ATOM 1322 N NZ  . LYS A 1 174 ? 10.334  10.156  -15.126 1.00 55.86 ? 172 LYS A NZ  1 
ATOM 1323 N N   . ALA A 1 175 ? 10.300  4.434   -14.442 1.00 51.98 ? 173 ALA A N   1 
ATOM 1324 C CA  . ALA A 1 175 ? 11.555  3.744   -14.672 1.00 51.79 ? 173 ALA A CA  1 
ATOM 1325 C C   . ALA A 1 175 ? 11.426  2.487   -15.516 1.00 51.86 ? 173 ALA A C   1 
ATOM 1326 O O   . ALA A 1 175 ? 12.430  1.980   -16.015 1.00 51.25 ? 173 ALA A O   1 
ATOM 1327 C CB  . ALA A 1 175 ? 12.219  3.421   -13.346 1.00 51.43 ? 173 ALA A CB  1 
ATOM 1328 N N   . PHE A 1 176 ? 10.207  1.978   -15.668 1.00 52.56 ? 174 PHE A N   1 
ATOM 1329 C CA  . PHE A 1 176 ? 9.988   0.776   -16.481 1.00 53.98 ? 174 PHE A CA  1 
ATOM 1330 C C   . PHE A 1 176 ? 8.801   0.920   -17.467 1.00 56.20 ? 174 PHE A C   1 
ATOM 1331 O O   . PHE A 1 176 ? 7.917   1.767   -17.286 1.00 55.87 ? 174 PHE A O   1 
ATOM 1332 C CB  . PHE A 1 176 ? 9.822   -0.479  -15.606 1.00 52.24 ? 174 PHE A CB  1 
ATOM 1333 C CG  . PHE A 1 176 ? 10.956  -0.728  -14.644 1.00 49.78 ? 174 PHE A CG  1 
ATOM 1334 C CD1 . PHE A 1 176 ? 11.114  0.041   -13.493 1.00 48.39 ? 174 PHE A CD1 1 
ATOM 1335 C CD2 . PHE A 1 176 ? 11.833  -1.777  -14.847 1.00 47.35 ? 174 PHE A CD2 1 
ATOM 1336 C CE1 . PHE A 1 176 ? 12.169  -0.221  -12.588 1.00 46.19 ? 174 PHE A CE1 1 
ATOM 1337 C CE2 . PHE A 1 176 ? 12.881  -2.056  -13.941 1.00 44.69 ? 174 PHE A CE2 1 
ATOM 1338 C CZ  . PHE A 1 176 ? 13.054  -1.276  -12.828 1.00 45.67 ? 174 PHE A CZ  1 
ATOM 1339 N N   . PRO A 1 177 ? 8.773   0.081   -18.520 1.00 58.55 ? 175 PRO A N   1 
ATOM 1340 C CA  . PRO A 1 177 ? 7.685   0.218   -19.501 1.00 59.90 ? 175 PRO A CA  1 
ATOM 1341 C C   . PRO A 1 177 ? 6.579   -0.828  -19.177 1.00 60.53 ? 175 PRO A C   1 
ATOM 1342 O O   . PRO A 1 177 ? 6.641   -1.993  -19.630 1.00 60.84 ? 175 PRO A O   1 
ATOM 1343 C CB  . PRO A 1 177 ? 8.399   -0.104  -20.836 1.00 60.12 ? 175 PRO A CB  1 
ATOM 1344 C CG  . PRO A 1 177 ? 9.463   -1.208  -20.446 1.00 59.32 ? 175 PRO A CG  1 
ATOM 1345 C CD  . PRO A 1 177 ? 9.693   -1.038  -18.884 1.00 59.71 ? 175 PRO A CD  1 
ATOM 1346 N N   . ILE A 1 178 ? 5.600   -0.422  -18.374 1.00 60.28 ? 176 ILE A N   1 
ATOM 1347 C CA  . ILE A 1 178 ? 4.705   -1.368  -17.739 1.00 59.85 ? 176 ILE A CA  1 
ATOM 1348 C C   . ILE A 1 178 ? 3.404   -0.678  -17.391 1.00 60.65 ? 176 ILE A C   1 
ATOM 1349 O O   . ILE A 1 178 ? 2.541   -1.244  -16.704 1.00 60.83 ? 176 ILE A O   1 
ATOM 1350 C CB  . ILE A 1 178 ? 5.315   -1.917  -16.425 1.00 59.90 ? 176 ILE A CB  1 
ATOM 1351 C CG1 . ILE A 1 178 ? 5.833   -0.743  -15.575 1.00 59.70 ? 176 ILE A CG1 1 
ATOM 1352 C CG2 . ILE A 1 178 ? 6.369   -3.035  -16.693 1.00 57.74 ? 176 ILE A CG2 1 
ATOM 1353 C CD1 . ILE A 1 178 ? 6.308   -1.094  -14.181 1.00 59.52 ? 176 ILE A CD1 1 
ATOM 1354 N N   . GLU A 1 179 ? 3.231   0.549   -17.848 1.00 60.93 ? 177 GLU A N   1 
ATOM 1355 C CA  . GLU A 1 179 ? 1.988   1.224   -17.502 1.00 61.55 ? 177 GLU A CA  1 
ATOM 1356 C C   . GLU A 1 179 ? 0.747   0.516   -18.125 1.00 60.82 ? 177 GLU A C   1 
ATOM 1357 O O   . GLU A 1 179 ? -0.340  0.528   -17.536 1.00 60.73 ? 177 GLU A O   1 
ATOM 1358 C CB  . GLU A 1 179 ? 2.083   2.750   -17.717 1.00 62.05 ? 177 GLU A CB  1 
ATOM 1359 C CG  . GLU A 1 179 ? 2.864   3.503   -16.562 1.00 64.52 ? 177 GLU A CG  1 
ATOM 1360 C CD  . GLU A 1 179 ? 4.291   4.064   -16.944 1.00 67.51 ? 177 GLU A CD  1 
ATOM 1361 O OE1 . GLU A 1 179 ? 5.170   3.312   -17.450 1.00 68.90 ? 177 GLU A OE1 1 
ATOM 1362 O OE2 . GLU A 1 179 ? 4.545   5.273   -16.702 1.00 67.64 ? 177 GLU A OE2 1 
ATOM 1363 N N   . ALA A 1 180 ? 0.940   -0.118  -19.289 1.00 59.94 ? 178 ALA A N   1 
ATOM 1364 C CA  . ALA A 1 180 ? -0.058  -1.015  -19.901 1.00 59.34 ? 178 ALA A CA  1 
ATOM 1365 C C   . ALA A 1 180 ? -0.358  -2.231  -19.007 1.00 58.91 ? 178 ALA A C   1 
ATOM 1366 O O   . ALA A 1 180 ? -1.516  -2.525  -18.691 1.00 59.31 ? 178 ALA A O   1 
ATOM 1367 C CB  . ALA A 1 180 ? 0.435   -1.488  -21.258 1.00 59.10 ? 178 ALA A CB  1 
ATOM 1368 N N   . VAL A 1 181 ? 0.709   -2.928  -18.615 1.00 58.13 ? 179 VAL A N   1 
ATOM 1369 C CA  . VAL A 1 181 ? 0.657   -4.070  -17.701 1.00 57.09 ? 179 VAL A CA  1 
ATOM 1370 C C   . VAL A 1 181 ? 0.012   -3.693  -16.352 1.00 57.62 ? 179 VAL A C   1 
ATOM 1371 O O   . VAL A 1 181 ? -0.846  -4.399  -15.854 1.00 57.72 ? 179 VAL A O   1 
ATOM 1372 C CB  . VAL A 1 181 ? 2.067   -4.670  -17.532 1.00 56.20 ? 179 VAL A CB  1 
ATOM 1373 C CG1 . VAL A 1 181 ? 2.054   -5.804  -16.590 1.00 55.07 ? 179 VAL A CG1 1 
ATOM 1374 C CG2 . VAL A 1 181 ? 2.585   -5.152  -18.871 1.00 55.40 ? 179 VAL A CG2 1 
ATOM 1375 N N   . CYS A 1 182 ? 0.397   -2.560  -15.784 1.00 58.24 ? 180 CYS A N   1 
ATOM 1376 C CA  . CYS A 1 182 ? -0.251  -2.070  -14.587 1.00 59.06 ? 180 CYS A CA  1 
ATOM 1377 C C   . CYS A 1 182 ? -1.724  -1.799  -14.740 1.00 59.35 ? 180 CYS A C   1 
ATOM 1378 O O   . CYS A 1 182 ? -2.485  -2.045  -13.821 1.00 59.34 ? 180 CYS A O   1 
ATOM 1379 C CB  . CYS A 1 182 ? 0.461   -0.849  -14.049 1.00 59.17 ? 180 CYS A CB  1 
ATOM 1380 S SG  . CYS A 1 182 ? 2.100   -1.321  -13.404 1.00 62.41 ? 180 CYS A SG  1 
ATOM 1381 N N   . HIS A 1 183 ? -2.154  -1.309  -15.889 1.00 60.19 ? 181 HIS A N   1 
ATOM 1382 C CA  . HIS A 1 183 ? -3.600  -1.122  -16.061 1.00 61.24 ? 181 HIS A CA  1 
ATOM 1383 C C   . HIS A 1 183 ? -4.358  -2.426  -16.020 1.00 60.14 ? 181 HIS A C   1 
ATOM 1384 O O   . HIS A 1 183 ? -5.373  -2.523  -15.305 1.00 59.77 ? 181 HIS A O   1 
ATOM 1385 C CB  . HIS A 1 183 ? -3.966  -0.308  -17.304 1.00 62.21 ? 181 HIS A CB  1 
ATOM 1386 C CG  . HIS A 1 183 ? -4.085  1.150   -17.005 1.00 67.07 ? 181 HIS A CG  1 
ATOM 1387 N ND1 . HIS A 1 183 ? -5.064  1.655   -16.170 1.00 70.84 ? 181 HIS A ND1 1 
ATOM 1388 C CD2 . HIS A 1 183 ? -3.304  2.204   -17.359 1.00 70.67 ? 181 HIS A CD2 1 
ATOM 1389 C CE1 . HIS A 1 183 ? -4.902  2.965   -16.050 1.00 72.27 ? 181 HIS A CE1 1 
ATOM 1390 N NE2 . HIS A 1 183 ? -3.841  3.322   -16.760 1.00 72.23 ? 181 HIS A NE2 1 
ATOM 1391 N N   . LYS A 1 184 ? -3.850  -3.403  -16.784 1.00 58.60 ? 182 LYS A N   1 
ATOM 1392 C CA  . LYS A 1 184 ? -4.389  -4.753  -16.816 1.00 57.06 ? 182 LYS A CA  1 
ATOM 1393 C C   . LYS A 1 184 ? -4.432  -5.350  -15.421 1.00 56.25 ? 182 LYS A C   1 
ATOM 1394 O O   . LYS A 1 184 ? -5.489  -5.810  -14.974 1.00 55.96 ? 182 LYS A O   1 
ATOM 1395 C CB  . LYS A 1 184 ? -3.555  -5.610  -17.722 1.00 56.42 ? 182 LYS A CB  1 
ATOM 1396 C CG  . LYS A 1 184 ? -4.366  -6.306  -18.759 1.00 57.36 ? 182 LYS A CG  1 
ATOM 1397 C CD  . LYS A 1 184 ? -4.993  -7.564  -18.247 1.00 60.66 ? 182 LYS A CD  1 
ATOM 1398 C CE  . LYS A 1 184 ? -5.725  -8.288  -19.364 1.00 61.00 ? 182 LYS A CE  1 
ATOM 1399 N NZ  . LYS A 1 184 ? -7.130  -8.171  -18.964 1.00 62.76 ? 182 LYS A NZ  1 
ATOM 1400 N N   . LEU A 1 185 ? -3.306  -5.288  -14.707 1.00 55.35 ? 183 LEU A N   1 
ATOM 1401 C CA  . LEU A 1 185 ? -3.236  -5.803  -13.316 1.00 54.90 ? 183 LEU A CA  1 
ATOM 1402 C C   . LEU A 1 185 ? -4.260  -5.143  -12.389 1.00 54.76 ? 183 LEU A C   1 
ATOM 1403 O O   . LEU A 1 185 ? -4.725  -5.745  -11.441 1.00 54.66 ? 183 LEU A O   1 
ATOM 1404 C CB  . LEU A 1 185 ? -1.840  -5.620  -12.748 1.00 53.83 ? 183 LEU A CB  1 
ATOM 1405 C CG  . LEU A 1 185 ? -0.839  -6.779  -12.783 1.00 53.51 ? 183 LEU A CG  1 
ATOM 1406 C CD1 . LEU A 1 185 ? -1.211  -7.995  -13.688 1.00 49.99 ? 183 LEU A CD1 1 
ATOM 1407 C CD2 . LEU A 1 185 ? 0.555   -6.245  -13.084 1.00 50.95 ? 183 LEU A CD2 1 
ATOM 1408 N N   . ALA A 1 186 ? -4.622  -3.908  -12.695 1.00 55.39 ? 184 ALA A N   1 
ATOM 1409 C CA  . ALA A 1 186 ? -5.563  -3.179  -11.874 1.00 55.90 ? 184 ALA A CA  1 
ATOM 1410 C C   . ALA A 1 186 ? -6.965  -3.664  -12.112 1.00 56.19 ? 184 ALA A C   1 
ATOM 1411 O O   . ALA A 1 186 ? -7.775  -3.646  -11.197 1.00 57.21 ? 184 ALA A O   1 
ATOM 1412 C CB  . ALA A 1 186 ? -5.474  -1.709  -12.104 1.00 55.69 ? 184 ALA A CB  1 
ATOM 1413 N N   . GLU A 1 187 ? -7.244  -4.088  -13.336 1.00 56.77 ? 185 GLU A N   1 
ATOM 1414 C CA  . GLU A 1 187 ? -8.558  -4.595  -13.715 1.00 57.52 ? 185 GLU A CA  1 
ATOM 1415 C C   . GLU A 1 187 ? -8.738  -5.968  -13.142 1.00 58.22 ? 185 GLU A C   1 
ATOM 1416 O O   . GLU A 1 187 ? -9.846  -6.342  -12.745 1.00 58.61 ? 185 GLU A O   1 
ATOM 1417 C CB  . GLU A 1 187 ? -8.683  -4.683  -15.230 1.00 56.87 ? 185 GLU A CB  1 
ATOM 1418 C CG  . GLU A 1 187 ? -8.557  -3.345  -15.877 1.00 59.79 ? 185 GLU A CG  1 
ATOM 1419 C CD  . GLU A 1 187 ? -8.630  -3.390  -17.387 1.00 65.61 ? 185 GLU A CD  1 
ATOM 1420 O OE1 . GLU A 1 187 ? -8.300  -4.439  -18.021 1.00 67.65 ? 185 GLU A OE1 1 
ATOM 1421 O OE2 . GLU A 1 187 ? -9.020  -2.338  -17.939 1.00 67.41 ? 185 GLU A OE2 1 
ATOM 1422 N N   . ILE A 1 188 ? -7.647  -6.728  -13.118 1.00 58.64 ? 186 ILE A N   1 
ATOM 1423 C CA  . ILE A 1 188 ? -7.697  -8.058  -12.575 1.00 59.33 ? 186 ILE A CA  1 
ATOM 1424 C C   . ILE A 1 188 ? -7.955  -8.000  -11.066 1.00 60.74 ? 186 ILE A C   1 
ATOM 1425 O O   . ILE A 1 188 ? -8.665  -8.845  -10.545 1.00 60.83 ? 186 ILE A O   1 
ATOM 1426 C CB  . ILE A 1 188 ? -6.434  -8.894  -12.938 1.00 58.84 ? 186 ILE A CB  1 
ATOM 1427 C CG1 . ILE A 1 188 ? -6.474  -9.234  -14.425 1.00 56.83 ? 186 ILE A CG1 1 
ATOM 1428 C CG2 . ILE A 1 188 ? -6.377  -10.191 -12.142 1.00 56.18 ? 186 ILE A CG2 1 
ATOM 1429 C CD1 . ILE A 1 188 ? -5.221  -9.858  -14.943 1.00 54.83 ? 186 ILE A CD1 1 
ATOM 1430 N N   . GLU A 1 189 ? -7.419  -6.995  -10.372 1.00 62.04 ? 187 GLU A N   1 
ATOM 1431 C CA  . GLU A 1 189 ? -7.590  -6.918  -8.900  1.00 63.29 ? 187 GLU A CA  1 
ATOM 1432 C C   . GLU A 1 189 ? -9.064  -6.747  -8.553  1.00 63.72 ? 187 GLU A C   1 
ATOM 1433 O O   . GLU A 1 189 ? -9.511  -7.022  -7.441  1.00 62.94 ? 187 GLU A O   1 
ATOM 1434 C CB  . GLU A 1 189 ? -6.768  -5.780  -8.300  1.00 62.48 ? 187 GLU A CB  1 
ATOM 1435 C CG  . GLU A 1 189 ? -5.269  -6.036  -8.327  1.00 63.52 ? 187 GLU A CG  1 
ATOM 1436 C CD  . GLU A 1 189 ? -4.437  -4.777  -8.014  1.00 64.27 ? 187 GLU A CD  1 
ATOM 1437 O OE1 . GLU A 1 189 ? -5.066  -3.724  -7.673  1.00 61.83 ? 187 GLU A OE1 1 
ATOM 1438 O OE2 . GLU A 1 189 ? -3.165  -4.854  -8.122  1.00 64.27 ? 187 GLU A OE2 1 
ATOM 1439 N N   . ILE A 1 190 ? -9.812  -6.333  -9.554  1.00 65.05 ? 188 ILE A N   1 
ATOM 1440 C CA  . ILE A 1 190 ? -11.176 -5.894  -9.366  1.00 67.49 ? 188 ILE A CA  1 
ATOM 1441 C C   . ILE A 1 190 ? -12.242 -6.783  -10.050 1.00 67.65 ? 188 ILE A C   1 
ATOM 1442 O O   . ILE A 1 190 ? -13.431 -6.629  -9.788  1.00 68.23 ? 188 ILE A O   1 
ATOM 1443 C CB  . ILE A 1 190 ? -11.249 -4.340  -9.638  1.00 68.02 ? 188 ILE A CB  1 
ATOM 1444 C CG1 . ILE A 1 190 ? -11.249 -3.641  -8.276  1.00 71.55 ? 188 ILE A CG1 1 
ATOM 1445 C CG2 . ILE A 1 190 ? -12.419 -3.880  -10.535 1.00 67.38 ? 188 ILE A CG2 1 
ATOM 1446 C CD1 . ILE A 1 190 ? -10.645 -2.237  -8.274  1.00 77.31 ? 188 ILE A CD1 1 
ATOM 1447 N N   . GLU A 1 191 ? -11.820 -7.737  -10.879 1.00 67.94 ? 189 GLU A N   1 
ATOM 1448 C CA  . GLU A 1 191 ? -12.780 -8.500  -11.677 1.00 68.28 ? 189 GLU A CA  1 
ATOM 1449 C C   . GLU A 1 191 ? -13.785 -9.297  -10.857 1.00 68.56 ? 189 GLU A C   1 
ATOM 1450 O O   . GLU A 1 191 ? -14.825 -9.647  -11.370 1.00 68.98 ? 189 GLU A O   1 
ATOM 1451 C CB  . GLU A 1 191 ? -12.096 -9.381  -12.733 1.00 68.05 ? 189 GLU A CB  1 
ATOM 1452 C CG  . GLU A 1 191 ? -11.161 -10.432 -12.193 1.00 67.27 ? 189 GLU A CG  1 
ATOM 1453 C CD  . GLU A 1 191 ? -10.318 -11.097 -13.282 1.00 68.39 ? 189 GLU A CD  1 
ATOM 1454 O OE1 . GLU A 1 191 ? -10.557 -10.863 -14.493 1.00 67.62 ? 189 GLU A OE1 1 
ATOM 1455 O OE2 . GLU A 1 191 ? -9.399  -11.872 -12.929 1.00 69.54 ? 189 GLU A OE2 1 
ATOM 1456 N N   . GLU A 1 192 ? -13.498 -9.553  -9.584  1.00 69.25 ? 190 GLU A N   1 
ATOM 1457 C CA  . GLU A 1 192 ? -14.457 -10.268 -8.736  1.00 69.82 ? 190 GLU A CA  1 
ATOM 1458 C C   . GLU A 1 192 ? -15.341 -9.420  -7.816  1.00 69.11 ? 190 GLU A C   1 
ATOM 1459 O O   . GLU A 1 192 ? -16.212 -9.965  -7.118  1.00 69.08 ? 190 GLU A O   1 
ATOM 1460 C CB  . GLU A 1 192 ? -13.727 -11.285 -7.900  1.00 70.60 ? 190 GLU A CB  1 
ATOM 1461 C CG  . GLU A 1 192 ? -12.877 -12.145 -8.761  1.00 74.77 ? 190 GLU A CG  1 
ATOM 1462 C CD  . GLU A 1 192 ? -12.783 -13.540 -8.216  1.00 80.55 ? 190 GLU A CD  1 
ATOM 1463 O OE1 . GLU A 1 192 ? -12.437 -13.663 -7.000  1.00 82.13 ? 190 GLU A OE1 1 
ATOM 1464 O OE2 . GLU A 1 192 ? -13.057 -14.492 -9.005  1.00 80.80 ? 190 GLU A OE2 1 
ATOM 1465 N N   . VAL A 1 193 ? -15.103 -8.108  -7.771  1.00 67.75 ? 191 VAL A N   1 
ATOM 1466 C CA  . VAL A 1 193 ? -15.950 -7.266  -6.952  1.00 66.12 ? 191 VAL A CA  1 
ATOM 1467 C C   . VAL A 1 193 ? -17.050 -6.750  -7.800  1.00 65.90 ? 191 VAL A C   1 
ATOM 1468 O O   . VAL A 1 193 ? -16.830 -5.992  -8.746  1.00 65.92 ? 191 VAL A O   1 
ATOM 1469 C CB  . VAL A 1 193 ? -15.186 -6.217  -6.074  1.00 66.08 ? 191 VAL A CB  1 
ATOM 1470 C CG1 . VAL A 1 193 ? -13.666 -6.338  -6.242  1.00 65.75 ? 191 VAL A CG1 1 
ATOM 1471 C CG2 . VAL A 1 193 ? -15.716 -4.815  -6.226  1.00 63.16 ? 191 VAL A CG2 1 
ATOM 1472 N N   . GLU A 1 194 ? -18.248 -7.227  -7.487  1.00 65.67 ? 192 GLU A N   1 
ATOM 1473 C CA  . GLU A 1 194 ? -19.371 -7.010  -8.362  1.00 65.27 ? 192 GLU A CA  1 
ATOM 1474 C C   . GLU A 1 194 ? -20.273 -5.842  -7.952  1.00 65.01 ? 192 GLU A C   1 
ATOM 1475 O O   . GLU A 1 194 ? -20.733 -5.091  -8.815  1.00 65.27 ? 192 GLU A O   1 
ATOM 1476 C CB  . GLU A 1 194 ? -20.157 -8.297  -8.572  1.00 65.16 ? 192 GLU A CB  1 
ATOM 1477 C CG  . GLU A 1 194 ? -19.403 -9.392  -9.370  1.00 68.22 ? 192 GLU A CG  1 
ATOM 1478 C CD  . GLU A 1 194 ? -18.879 -8.969  -10.780 1.00 72.28 ? 192 GLU A CD  1 
ATOM 1479 O OE1 . GLU A 1 194 ? -17.799 -9.469  -11.184 1.00 72.64 ? 192 GLU A OE1 1 
ATOM 1480 O OE2 . GLU A 1 194 ? -19.537 -8.169  -11.499 1.00 74.24 ? 192 GLU A OE2 1 
ATOM 1481 N N   . ASP A 1 195 ? -20.521 -5.655  -6.663  1.00 64.26 ? 193 ASP A N   1 
ATOM 1482 C CA  . ASP A 1 195 ? -21.502 -4.641  -6.261  1.00 63.91 ? 193 ASP A CA  1 
ATOM 1483 C C   . ASP A 1 195 ? -21.000 -3.202  -6.449  1.00 64.00 ? 193 ASP A C   1 
ATOM 1484 O O   . ASP A 1 195 ? -19.881 -2.877  -6.069  1.00 64.93 ? 193 ASP A O   1 
ATOM 1485 C CB  . ASP A 1 195 ? -21.923 -4.860  -4.817  1.00 63.65 ? 193 ASP A CB  1 
ATOM 1486 C CG  . ASP A 1 195 ? -20.750 -4.794  -3.848  1.00 64.44 ? 193 ASP A CG  1 
ATOM 1487 O OD1 . ASP A 1 195 ? -20.893 -4.084  -2.832  1.00 65.26 ? 193 ASP A OD1 1 
ATOM 1488 O OD2 . ASP A 1 195 ? -19.694 -5.431  -4.101  1.00 64.01 ? 193 ASP A OD2 1 
ATOM 1489 N N   . GLU A 1 196 ? -21.830 -2.347  -7.022  1.00 63.54 ? 194 GLU A N   1 
ATOM 1490 C CA  . GLU A 1 196 ? -21.524 -0.938  -7.179  1.00 63.80 ? 194 GLU A CA  1 
ATOM 1491 C C   . GLU A 1 196 ? -21.133 -0.242  -5.868  1.00 63.98 ? 194 GLU A C   1 
ATOM 1492 O O   . GLU A 1 196 ? -20.196 0.563   -5.834  1.00 64.16 ? 194 GLU A O   1 
ATOM 1493 C CB  . GLU A 1 196 ? -22.744 -0.244  -7.753  1.00 64.31 ? 194 GLU A CB  1 
ATOM 1494 C CG  . GLU A 1 196 ? -22.559 1.219   -8.024  1.00 65.85 ? 194 GLU A CG  1 
ATOM 1495 C CD  . GLU A 1 196 ? -23.845 1.870   -8.456  1.00 69.95 ? 194 GLU A CD  1 
ATOM 1496 O OE1 . GLU A 1 196 ? -24.728 1.175   -9.024  1.00 70.78 ? 194 GLU A OE1 1 
ATOM 1497 O OE2 . GLU A 1 196 ? -23.987 3.086   -8.215  1.00 72.53 ? 194 GLU A OE2 1 
ATOM 1498 N N   . ALA A 1 197 ? -21.853 -0.512  -4.784  1.00 63.61 ? 195 ALA A N   1 
ATOM 1499 C CA  . ALA A 1 197 ? -21.475 0.119   -3.530  1.00 63.23 ? 195 ALA A CA  1 
ATOM 1500 C C   . ALA A 1 197 ? -19.972 -0.072  -3.288  1.00 62.96 ? 195 ALA A C   1 
ATOM 1501 O O   . ALA A 1 197 ? -19.256 0.892   -3.037  1.00 63.99 ? 195 ALA A O   1 
ATOM 1502 C CB  . ALA A 1 197 ? -22.289 -0.425  -2.370  1.00 63.32 ? 195 ALA A CB  1 
ATOM 1503 N N   . SER A 1 198 ? -19.494 -1.306  -3.381  1.00 61.62 ? 196 SER A N   1 
ATOM 1504 C CA  . SER A 1 198 ? -18.073 -1.576  -3.191  1.00 60.47 ? 196 SER A CA  1 
ATOM 1505 C C   . SER A 1 198 ? -17.184 -0.937  -4.234  1.00 59.74 ? 196 SER A C   1 
ATOM 1506 O O   . SER A 1 198 ? -16.119 -0.442  -3.887  1.00 60.28 ? 196 SER A O   1 
ATOM 1507 C CB  . SER A 1 198 ? -17.791 -3.078  -3.128  1.00 60.35 ? 196 SER A CB  1 
ATOM 1508 O OG  . SER A 1 198 ? -17.982 -3.584  -1.809  1.00 60.37 ? 196 SER A OG  1 
ATOM 1509 N N   . LEU A 1 199 ? -17.588 -0.951  -5.503  1.00 58.88 ? 197 LEU A N   1 
ATOM 1510 C CA  . LEU A 1 199 ? -16.750 -0.360  -6.566  1.00 58.41 ? 197 LEU A CA  1 
ATOM 1511 C C   . LEU A 1 199 ? -16.625 1.157   -6.390  1.00 58.60 ? 197 LEU A C   1 
ATOM 1512 O O   . LEU A 1 199 ? -15.542 1.726   -6.653  1.00 58.68 ? 197 LEU A O   1 
ATOM 1513 C CB  . LEU A 1 199 ? -17.241 -0.716  -7.969  1.00 57.48 ? 197 LEU A CB  1 
ATOM 1514 C CG  . LEU A 1 199 ? -17.244 -2.185  -8.395  1.00 56.79 ? 197 LEU A CG  1 
ATOM 1515 C CD1 . LEU A 1 199 ? -18.173 -2.350  -9.616  1.00 55.53 ? 197 LEU A CD1 1 
ATOM 1516 C CD2 . LEU A 1 199 ? -15.862 -2.690  -8.717  1.00 54.20 ? 197 LEU A CD2 1 
ATOM 1517 N N   . THR A 1 200 ? -17.715 1.776   -5.905  1.00 58.13 ? 198 THR A N   1 
ATOM 1518 C CA  . THR A 1 200 ? -17.784 3.197   -5.559  1.00 58.65 ? 198 THR A CA  1 
ATOM 1519 C C   . THR A 1 200 ? -16.793 3.605   -4.470  1.00 58.44 ? 198 THR A C   1 
ATOM 1520 O O   . THR A 1 200 ? -16.018 4.559   -4.617  1.00 58.63 ? 198 THR A O   1 
ATOM 1521 C CB  . THR A 1 200 ? -19.225 3.555   -5.121  1.00 59.44 ? 198 THR A CB  1 
ATOM 1522 O OG1 . THR A 1 200 ? -20.107 3.258   -6.214  1.00 61.21 ? 198 THR A OG1 1 
ATOM 1523 C CG2 . THR A 1 200 ? -19.368 5.053   -4.747  1.00 57.95 ? 198 THR A CG2 1 
ATOM 1524 N N   . ILE A 1 201 ? -16.817 2.864   -3.381  1.00 58.73 ? 199 ILE A N   1 
ATOM 1525 C CA  . ILE A 1 201 ? -15.853 3.035   -2.326  1.00 59.08 ? 199 ILE A CA  1 
ATOM 1526 C C   . ILE A 1 201 ? -14.407 3.027   -2.875  1.00 60.50 ? 199 ILE A C   1 
ATOM 1527 O O   . ILE A 1 201 ? -13.624 3.921   -2.532  1.00 61.60 ? 199 ILE A O   1 
ATOM 1528 C CB  . ILE A 1 201 ? -16.018 1.949   -1.247  1.00 58.66 ? 199 ILE A CB  1 
ATOM 1529 C CG1 . ILE A 1 201 ? -17.297 2.197   -0.425  1.00 57.79 ? 199 ILE A CG1 1 
ATOM 1530 C CG2 . ILE A 1 201 ? -14.779 1.942   -0.361  1.00 57.24 ? 199 ILE A CG2 1 
ATOM 1531 C CD1 . ILE A 1 201 ? -17.532 1.171   0.710   1.00 58.10 ? 199 ILE A CD1 1 
ATOM 1532 N N   . LEU A 1 202 ? -14.063 2.032   -3.707  1.00 60.15 ? 200 LEU A N   1 
ATOM 1533 C CA  . LEU A 1 202 ? -12.709 1.917   -4.246  1.00 60.24 ? 200 LEU A CA  1 
ATOM 1534 C C   . LEU A 1 202 ? -12.416 3.021   -5.235  1.00 60.81 ? 200 LEU A C   1 
ATOM 1535 O O   . LEU A 1 202 ? -11.281 3.468   -5.318  1.00 60.43 ? 200 LEU A O   1 
ATOM 1536 C CB  . LEU A 1 202 ? -12.458 0.591   -4.972  1.00 59.56 ? 200 LEU A CB  1 
ATOM 1537 C CG  . LEU A 1 202 ? -12.434 -0.720  -4.222  1.00 58.13 ? 200 LEU A CG  1 
ATOM 1538 C CD1 . LEU A 1 202 ? -12.494 -1.828  -5.245  1.00 54.15 ? 200 LEU A CD1 1 
ATOM 1539 C CD2 . LEU A 1 202 ? -11.189 -0.783  -3.345  1.00 57.00 ? 200 LEU A CD2 1 
ATOM 1540 N N   . LYS A 1 203 ? -13.409 3.445   -6.015  1.00 60.93 ? 201 LYS A N   1 
ATOM 1541 C CA  . LYS A 1 203 ? -13.102 4.520   -6.951  1.00 61.64 ? 201 LYS A CA  1 
ATOM 1542 C C   . LYS A 1 203 ? -12.711 5.779   -6.167  1.00 61.57 ? 201 LYS A C   1 
ATOM 1543 O O   . LYS A 1 203 ? -11.753 6.485   -6.532  1.00 61.55 ? 201 LYS A O   1 
ATOM 1544 C CB  . LYS A 1 203 ? -14.248 4.801   -7.923  1.00 62.00 ? 201 LYS A CB  1 
ATOM 1545 C CG  . LYS A 1 203 ? -14.166 6.174   -8.610  1.00 62.09 ? 201 LYS A CG  1 
ATOM 1546 C CD  . LYS A 1 203 ? -15.461 6.496   -9.350  1.00 65.02 ? 201 LYS A CD  1 
ATOM 1547 C CE  . LYS A 1 203 ? -15.359 7.755   -10.214 1.00 66.76 ? 201 LYS A CE  1 
ATOM 1548 N NZ  . LYS A 1 203 ? -16.219 8.875   -9.699  1.00 68.39 ? 201 LYS A NZ  1 
ATOM 1549 N N   . ASP A 1 204 ? -13.436 6.028   -5.079  1.00 60.98 ? 202 ASP A N   1 
ATOM 1550 C CA  . ASP A 1 204 ? -13.231 7.222   -4.312  1.00 60.91 ? 202 ASP A CA  1 
ATOM 1551 C C   . ASP A 1 204 ? -11.934 7.155   -3.505  1.00 60.21 ? 202 ASP A C   1 
ATOM 1552 O O   . ASP A 1 204 ? -11.115 8.050   -3.586  1.00 59.54 ? 202 ASP A O   1 
ATOM 1553 C CB  . ASP A 1 204 ? -14.487 7.521   -3.472  1.00 62.27 ? 202 ASP A CB  1 
ATOM 1554 C CG  . ASP A 1 204 ? -15.714 7.925   -4.356  1.00 64.16 ? 202 ASP A CG  1 
ATOM 1555 O OD1 . ASP A 1 204 ? -16.759 8.386   -3.842  1.00 64.84 ? 202 ASP A OD1 1 
ATOM 1556 O OD2 . ASP A 1 204 ? -15.626 7.797   -5.591  1.00 68.28 ? 202 ASP A OD2 1 
ATOM 1557 N N   . ALA A 1 205 ? -11.713 6.061   -2.791  1.00 59.67 ? 203 ALA A N   1 
ATOM 1558 C CA  . ALA A 1 205 ? -10.510 5.907   -1.975  1.00 59.69 ? 203 ALA A CA  1 
ATOM 1559 C C   . ALA A 1 205 ? -9.193  5.791   -2.766  1.00 60.14 ? 203 ALA A C   1 
ATOM 1560 O O   . ALA A 1 205 ? -8.112  6.079   -2.216  1.00 60.66 ? 203 ALA A O   1 
ATOM 1561 C CB  . ALA A 1 205 ? -10.654 4.710   -1.031  1.00 59.76 ? 203 ALA A CB  1 
ATOM 1562 N N   . ALA A 1 206 ? -9.260  5.350   -4.027  1.00 59.70 ? 204 ALA A N   1 
ATOM 1563 C CA  . ALA A 1 206 ? -8.064  5.274   -4.874  1.00 59.08 ? 204 ALA A CA  1 
ATOM 1564 C C   . ALA A 1 206 ? -7.670  6.670   -5.322  1.00 58.76 ? 204 ALA A C   1 
ATOM 1565 O O   . ALA A 1 206 ? -6.551  6.876   -5.824  1.00 59.31 ? 204 ALA A O   1 
ATOM 1566 C CB  . ALA A 1 206 ? -8.293  4.409   -6.063  1.00 58.76 ? 204 ALA A CB  1 
ATOM 1567 N N   . GLY A 1 207 ? -8.579  7.625   -5.101  1.00 57.68 ? 205 GLY A N   1 
ATOM 1568 C CA  . GLY A 1 207 ? -8.506  8.952   -5.710  1.00 56.18 ? 205 GLY A CA  1 
ATOM 1569 C C   . GLY A 1 207 ? -7.250  9.653   -5.271  1.00 55.10 ? 205 GLY A C   1 
ATOM 1570 O O   . GLY A 1 207 ? -6.930  9.668   -4.076  1.00 54.82 ? 205 GLY A O   1 
ATOM 1571 N N   . GLY A 1 208 ? -6.532  10.201  -6.257  1.00 54.07 ? 206 GLY A N   1 
ATOM 1572 C CA  . GLY A 1 208 ? -5.248  10.842  -6.031  1.00 51.95 ? 206 GLY A CA  1 
ATOM 1573 C C   . GLY A 1 208 ? -4.156  9.910   -5.532  1.00 50.93 ? 206 GLY A C   1 
ATOM 1574 O O   . GLY A 1 208 ? -3.108  10.396  -5.112  1.00 51.66 ? 206 GLY A O   1 
ATOM 1575 N N   . ILE A 1 209 ? -4.369  8.591   -5.551  1.00 48.39 ? 207 ILE A N   1 
ATOM 1576 C CA  . ILE A 1 209 ? -3.274  7.674   -5.226  1.00 46.98 ? 207 ILE A CA  1 
ATOM 1577 C C   . ILE A 1 209 ? -3.120  6.422   -6.082  1.00 46.26 ? 207 ILE A C   1 
ATOM 1578 O O   . ILE A 1 209 ? -2.083  5.790   -6.078  1.00 44.55 ? 207 ILE A O   1 
ATOM 1579 C CB  . ILE A 1 209 ? -3.228  7.296   -3.722  1.00 47.22 ? 207 ILE A CB  1 
ATOM 1580 C CG1 . ILE A 1 209 ? -4.274  6.251   -3.341  1.00 46.08 ? 207 ILE A CG1 1 
ATOM 1581 C CG2 . ILE A 1 209 ? -3.352  8.544   -2.886  1.00 46.48 ? 207 ILE A CG2 1 
ATOM 1582 C CD1 . ILE A 1 209 ? -4.459  6.129   -1.815  1.00 45.76 ? 207 ILE A CD1 1 
ATOM 1583 N N   . ASP A 1 210 ? -4.148  6.103   -6.843  1.00 47.30 ? 208 ASP A N   1 
ATOM 1584 C CA  . ASP A 1 210 ? -4.118  4.984   -7.774  1.00 48.89 ? 208 ASP A CA  1 
ATOM 1585 C C   . ASP A 1 210 ? -5.105  5.225   -8.919  1.00 48.93 ? 208 ASP A C   1 
ATOM 1586 O O   . ASP A 1 210 ? -6.196  4.635   -8.969  1.00 48.63 ? 208 ASP A O   1 
ATOM 1587 C CB  . ASP A 1 210 ? -4.433  3.688   -7.033  1.00 49.10 ? 208 ASP A CB  1 
ATOM 1588 C CG  . ASP A 1 210 ? -4.100  2.455   -7.832  1.00 52.36 ? 208 ASP A CG  1 
ATOM 1589 O OD1 . ASP A 1 210 ? -3.690  2.574   -9.030  1.00 56.18 ? 208 ASP A OD1 1 
ATOM 1590 O OD2 . ASP A 1 210 ? -4.234  1.359   -7.237  1.00 53.90 ? 208 ASP A OD2 1 
ATOM 1591 N N   . ALA A 1 211 ? -4.696  6.107   -9.829  1.00 49.82 ? 209 ALA A N   1 
ATOM 1592 C CA  . ALA A 1 211 ? -5.444  6.379   -11.040 1.00 51.07 ? 209 ALA A CA  1 
ATOM 1593 C C   . ALA A 1 211 ? -5.859  5.059   -11.655 1.00 52.46 ? 209 ALA A C   1 
ATOM 1594 O O   . ALA A 1 211 ? -7.035  4.862   -11.873 1.00 54.02 ? 209 ALA A O   1 
ATOM 1595 C CB  . ALA A 1 211 ? -4.631  7.173   -12.003 1.00 50.72 ? 209 ALA A CB  1 
ATOM 1596 N N   . ALA A 1 212 ? -4.914  4.144   -11.880 1.00 53.02 ? 210 ALA A N   1 
ATOM 1597 C CA  . ALA A 1 212 ? -5.200  2.816   -12.442 1.00 53.77 ? 210 ALA A CA  1 
ATOM 1598 C C   . ALA A 1 212 ? -6.380  2.063   -11.777 1.00 54.71 ? 210 ALA A C   1 
ATOM 1599 O O   . ALA A 1 212 ? -7.309  1.623   -12.467 1.00 55.00 ? 210 ALA A O   1 
ATOM 1600 C CB  . ALA A 1 212 ? -3.913  1.948   -12.457 1.00 53.24 ? 210 ALA A CB  1 
ATOM 1601 N N   . MET A 1 213 ? -6.374  1.934   -10.445 1.00 55.69 ? 211 MET A N   1 
ATOM 1602 C CA  . MET A 1 213 ? -7.501  1.269   -9.750  1.00 56.21 ? 211 MET A CA  1 
ATOM 1603 C C   . MET A 1 213 ? -8.798  2.057   -9.907  1.00 55.96 ? 211 MET A C   1 
ATOM 1604 O O   . MET A 1 213 ? -9.896  1.505   -10.011 1.00 55.64 ? 211 MET A O   1 
ATOM 1605 C CB  . MET A 1 213 ? -7.211  1.026   -8.265  1.00 55.86 ? 211 MET A CB  1 
ATOM 1606 C CG  . MET A 1 213 ? -8.418  0.411   -7.485  1.00 54.79 ? 211 MET A CG  1 
ATOM 1607 S SD  . MET A 1 213 ? -8.069  0.119   -5.706  1.00 57.30 ? 211 MET A SD  1 
ATOM 1608 C CE  . MET A 1 213 ? -6.717  -1.073  -5.787  1.00 53.51 ? 211 MET A CE  1 
ATOM 1609 N N   . SER A 1 214 ? -8.659  3.360   -9.931  1.00 56.21 ? 212 SER A N   1 
ATOM 1610 C CA  . SER A 1 214 ? -9.820  4.200   -10.026 1.00 57.24 ? 212 SER A CA  1 
ATOM 1611 C C   . SER A 1 214 ? -10.544 4.107   -11.389 1.00 57.40 ? 212 SER A C   1 
ATOM 1612 O O   . SER A 1 214 ? -11.751 3.917   -11.439 1.00 56.62 ? 212 SER A O   1 
ATOM 1613 C CB  . SER A 1 214 ? -9.397  5.621   -9.683  1.00 57.29 ? 212 SER A CB  1 
ATOM 1614 O OG  . SER A 1 214 ? -10.495 6.466   -9.781  1.00 57.08 ? 212 SER A OG  1 
ATOM 1615 N N   . ASP A 1 215 ? -9.796  4.234   -12.486 1.00 59.02 ? 213 ASP A N   1 
ATOM 1616 C CA  . ASP A 1 215 ? -10.345 4.087   -13.844 1.00 60.19 ? 213 ASP A CA  1 
ATOM 1617 C C   . ASP A 1 215 ? -11.012 2.719   -13.989 1.00 60.92 ? 213 ASP A C   1 
ATOM 1618 O O   . ASP A 1 215 ? -12.056 2.611   -14.653 1.00 61.33 ? 213 ASP A O   1 
ATOM 1619 C CB  . ASP A 1 215 ? -9.265  4.154   -14.930 1.00 60.16 ? 213 ASP A CB  1 
ATOM 1620 C CG  . ASP A 1 215 ? -8.586  5.502   -15.037 1.00 62.40 ? 213 ASP A CG  1 
ATOM 1621 O OD1 . ASP A 1 215 ? -9.180  6.531   -14.632 1.00 63.96 ? 213 ASP A OD1 1 
ATOM 1622 O OD2 . ASP A 1 215 ? -7.442  5.520   -15.579 1.00 65.56 ? 213 ASP A OD2 1 
ATOM 1623 N N   . ALA A 1 216 ? -10.397 1.683   -13.404 1.00 60.55 ? 214 ALA A N   1 
ATOM 1624 C CA  . ALA A 1 216 ? -10.931 0.325   -13.498 1.00 61.08 ? 214 ALA A CA  1 
ATOM 1625 C C   . ALA A 1 216 ? -12.269 0.271   -12.798 1.00 61.71 ? 214 ALA A C   1 
ATOM 1626 O O   . ALA A 1 216 ? -13.263 -0.215  -13.373 1.00 62.57 ? 214 ALA A O   1 
ATOM 1627 C CB  . ALA A 1 216 ? -9.957  -0.723  -12.893 1.00 60.17 ? 214 ALA A CB  1 
ATOM 1628 N N   . ALA A 1 217 ? -12.300 0.796   -11.572 1.00 62.27 ? 215 ALA A N   1 
ATOM 1629 C CA  . ALA A 1 217 ? -13.533 0.843   -10.790 1.00 62.79 ? 215 ALA A CA  1 
ATOM 1630 C C   . ALA A 1 217 ? -14.544 1.688   -11.540 1.00 63.45 ? 215 ALA A C   1 
ATOM 1631 O O   . ALA A 1 217 ? -15.662 1.236   -11.724 1.00 64.11 ? 215 ALA A O   1 
ATOM 1632 C CB  . ALA A 1 217 ? -13.293 1.366   -9.391  1.00 61.92 ? 215 ALA A CB  1 
ATOM 1633 N N   . ALA A 1 218 ? -14.147 2.866   -12.034 1.00 64.41 ? 216 ALA A N   1 
ATOM 1634 C CA  . ALA A 1 218 ? -15.046 3.671   -12.874 1.00 65.51 ? 216 ALA A CA  1 
ATOM 1635 C C   . ALA A 1 218 ? -15.580 2.852   -14.070 1.00 66.49 ? 216 ALA A C   1 
ATOM 1636 O O   . ALA A 1 218 ? -16.780 2.639   -14.180 1.00 66.84 ? 216 ALA A O   1 
ATOM 1637 C CB  . ALA A 1 218 ? -14.381 4.965   -13.318 1.00 65.02 ? 216 ALA A CB  1 
ATOM 1638 N N   . GLN A 1 219 ? -14.699 2.366   -14.939 1.00 67.79 ? 217 GLN A N   1 
ATOM 1639 C CA  . GLN A 1 219 ? -15.105 1.439   -16.007 1.00 69.27 ? 217 GLN A CA  1 
ATOM 1640 C C   . GLN A 1 219 ? -16.147 0.399   -15.544 1.00 69.09 ? 217 GLN A C   1 
ATOM 1641 O O   . GLN A 1 219 ? -17.198 0.279   -16.152 1.00 68.50 ? 217 GLN A O   1 
ATOM 1642 C CB  . GLN A 1 219 ? -13.891 0.705   -16.597 1.00 69.59 ? 217 GLN A CB  1 
ATOM 1643 C CG  . GLN A 1 219 ? -13.264 1.337   -17.885 1.00 70.98 ? 217 GLN A CG  1 
ATOM 1644 C CD  . GLN A 1 219 ? -12.179 0.410   -18.575 1.00 70.85 ? 217 GLN A CD  1 
ATOM 1645 O OE1 . GLN A 1 219 ? -12.053 0.399   -19.820 1.00 69.90 ? 217 GLN A OE1 1 
ATOM 1646 N NE2 . GLN A 1 219 ? -11.412 -0.371  -17.753 1.00 70.65 ? 217 GLN A NE2 1 
ATOM 1647 N N   . LYS A 1 220 ? -15.864 -0.340  -14.469 1.00 69.49 ? 218 LYS A N   1 
ATOM 1648 C CA  . LYS A 1 220 ? -16.800 -1.384  -14.014 1.00 69.51 ? 218 LYS A CA  1 
ATOM 1649 C C   . LYS A 1 220 ? -18.211 -0.863  -13.568 1.00 70.26 ? 218 LYS A C   1 
ATOM 1650 O O   . LYS A 1 220 ? -19.219 -1.528  -13.832 1.00 68.98 ? 218 LYS A O   1 
ATOM 1651 C CB  . LYS A 1 220 ? -16.128 -2.291  -12.967 1.00 68.83 ? 218 LYS A CB  1 
ATOM 1652 C CG  . LYS A 1 220 ? -16.819 -3.647  -12.653 1.00 68.06 ? 218 LYS A CG  1 
ATOM 1653 C CD  . LYS A 1 220 ? -15.965 -4.843  -13.040 1.00 66.26 ? 218 LYS A CD  1 
ATOM 1654 C CE  . LYS A 1 220 ? -16.609 -6.179  -12.661 1.00 66.08 ? 218 LYS A CE  1 
ATOM 1655 N NZ  . LYS A 1 220 ? -16.086 -6.731  -11.382 1.00 64.97 ? 218 LYS A NZ  1 
ATOM 1656 N N   . ILE A 1 221 ? -18.281 0.313   -12.928 1.00 71.87 ? 219 ILE A N   1 
ATOM 1657 C CA  . ILE A 1 221 ? -19.570 0.855   -12.467 1.00 74.32 ? 219 ILE A CA  1 
ATOM 1658 C C   . ILE A 1 221 ? -20.487 1.196   -13.653 1.00 76.19 ? 219 ILE A C   1 
ATOM 1659 O O   . ILE A 1 221 ? -21.695 0.958   -13.591 1.00 76.69 ? 219 ILE A O   1 
ATOM 1660 C CB  . ILE A 1 221 ? -19.470 2.117   -11.506 1.00 74.46 ? 219 ILE A CB  1 
ATOM 1661 C CG1 . ILE A 1 221 ? -19.368 3.437   -12.298 1.00 75.46 ? 219 ILE A CG1 1 
ATOM 1662 C CG2 . ILE A 1 221 ? -18.378 1.998   -10.427 1.00 72.45 ? 219 ILE A CG2 1 
ATOM 1663 C CD1 . ILE A 1 221 ? -19.683 4.729   -11.486 1.00 75.30 ? 219 ILE A CD1 1 
ATOM 1664 N N   . ASP A 1 222 ? -19.901 1.752   -14.724 1.00 77.99 ? 220 ASP A N   1 
ATOM 1665 C CA  . ASP A 1 222 ? -20.620 2.123   -15.938 1.00 79.53 ? 220 ASP A CA  1 
ATOM 1666 C C   . ASP A 1 222 ? -21.085 0.902   -16.679 1.00 80.92 ? 220 ASP A C   1 
ATOM 1667 O O   . ASP A 1 222 ? -22.162 0.907   -17.248 1.00 81.24 ? 220 ASP A O   1 
ATOM 1668 C CB  . ASP A 1 222 ? -19.732 2.954   -16.862 1.00 79.45 ? 220 ASP A CB  1 
ATOM 1669 C CG  . ASP A 1 222 ? -19.399 4.317   -16.286 1.00 79.87 ? 220 ASP A CG  1 
ATOM 1670 O OD1 . ASP A 1 222 ? -19.728 4.580   -15.114 1.00 80.79 ? 220 ASP A OD1 1 
ATOM 1671 O OD2 . ASP A 1 222 ? -18.799 5.135   -17.007 1.00 79.66 ? 220 ASP A OD2 1 
ATOM 1672 N N   . ALA A 1 223 ? -20.261 -0.138  -16.682 1.00 83.04 ? 221 ALA A N   1 
ATOM 1673 C CA  . ALA A 1 223 ? -20.618 -1.409  -17.312 1.00 85.24 ? 221 ALA A CA  1 
ATOM 1674 C C   . ALA A 1 223 ? -21.882 -2.022  -16.730 1.00 87.05 ? 221 ALA A C   1 
ATOM 1675 O O   . ALA A 1 223 ? -22.678 -2.542  -17.499 1.00 87.88 ? 221 ALA A O   1 
ATOM 1676 C CB  . ALA A 1 223 ? -19.479 -2.404  -17.255 1.00 84.92 ? 221 ALA A CB  1 
ATOM 1677 N N   . ILE A 1 224 ? -22.082 -1.967  -15.408 1.00 89.17 ? 222 ILE A N   1 
ATOM 1678 C CA  . ILE A 1 224 ? -23.352 -2.479  -14.819 1.00 91.48 ? 222 ILE A CA  1 
ATOM 1679 C C   . ILE A 1 224 ? -24.544 -1.578  -15.184 1.00 92.46 ? 222 ILE A C   1 
ATOM 1680 O O   . ILE A 1 224 ? -25.643 -2.083  -15.478 1.00 93.00 ? 222 ILE A O   1 
ATOM 1681 C CB  . ILE A 1 224 ? -23.338 -2.794  -13.230 1.00 91.75 ? 222 ILE A CB  1 
ATOM 1682 C CG1 . ILE A 1 224 ? -23.503 -1.533  -12.354 1.00 91.84 ? 222 ILE A CG1 1 
ATOM 1683 C CG2 . ILE A 1 224 ? -22.115 -3.677  -12.807 1.00 92.74 ? 222 ILE A CG2 1 
ATOM 1684 C CD1 . ILE A 1 224 ? -24.435 -1.717  -11.142 1.00 91.36 ? 222 ILE A CD1 1 
ATOM 1685 N N   . VAL A 1 225 ? -24.289 -0.259  -15.200 1.00 93.33 ? 223 VAL A N   1 
ATOM 1686 C CA  . VAL A 1 225 ? -25.307 0.811   -15.376 1.00 93.81 ? 223 VAL A CA  1 
ATOM 1687 C C   . VAL A 1 225 ? -25.929 0.894   -16.828 1.00 93.93 ? 223 VAL A C   1 
ATOM 1688 O O   . VAL A 1 225 ? -26.599 1.868   -17.181 1.00 93.64 ? 223 VAL A O   1 
ATOM 1689 C CB  . VAL A 1 225 ? -24.736 2.189   -14.762 1.00 94.04 ? 223 VAL A CB  1 
ATOM 1690 C CG1 . VAL A 1 225 ? -25.490 3.462   -15.227 1.00 93.86 ? 223 VAL A CG1 1 
ATOM 1691 C CG2 . VAL A 1 225 ? -24.677 2.118   -13.217 1.00 93.72 ? 223 VAL A CG2 1 
ATOM 1692 N N   . GLY A 1 226 ? -25.720 -0.157  -17.636 1.00 94.11 ? 224 GLY A N   1 
ATOM 1693 C CA  . GLY A 1 226 ? -26.290 -0.288  -18.996 1.00 93.89 ? 224 GLY A CA  1 
ATOM 1694 C C   . GLY A 1 226 ? -26.636 -1.729  -19.368 1.00 93.62 ? 224 GLY A C   1 
# 
